data_2CU8
#
_entry.id   2CU8
#
loop_
_entity.id
_entity.type
_entity.pdbx_description
1 polymer 'Cysteine-rich protein 2'
2 non-polymer 'ZINC ION'
#
_entity_poly.entity_id   1
_entity_poly.type   'polypeptide(L)'
_entity_poly.pdbx_seq_one_letter_code
;GSSGSSGMASKCPKCDKTVYFAEKVSSLGKDWHKFCLKCERCSKTLTPGGHAEHDGKPFCHKPCYATLFGSGPSSG
;
_entity_poly.pdbx_strand_id   A
#
# COMPACT_ATOMS: atom_id res chain seq x y z
N GLY A 1 -21.70 -6.59 -21.00
CA GLY A 1 -20.81 -6.35 -19.87
C GLY A 1 -21.31 -5.25 -18.96
N SER A 2 -20.81 -5.23 -17.74
CA SER A 2 -21.21 -4.22 -16.76
C SER A 2 -21.07 -2.81 -17.35
N SER A 3 -22.06 -1.96 -17.06
CA SER A 3 -22.05 -0.59 -17.56
C SER A 3 -21.78 0.40 -16.43
N GLY A 4 -20.87 1.34 -16.68
CA GLY A 4 -20.53 2.33 -15.68
C GLY A 4 -19.59 1.79 -14.62
N SER A 5 -19.02 2.68 -13.81
CA SER A 5 -18.09 2.28 -12.77
C SER A 5 -18.56 2.79 -11.41
N SER A 6 -19.87 2.72 -11.17
CA SER A 6 -20.44 3.17 -9.91
C SER A 6 -19.71 2.56 -8.72
N GLY A 7 -18.92 3.38 -8.04
CA GLY A 7 -18.16 2.91 -6.89
C GLY A 7 -18.28 3.85 -5.70
N MET A 8 -17.93 5.11 -5.91
CA MET A 8 -17.98 6.10 -4.85
C MET A 8 -16.97 5.79 -3.75
N ALA A 9 -15.78 5.37 -4.16
CA ALA A 9 -14.72 5.04 -3.21
C ALA A 9 -13.38 5.60 -3.67
N SER A 10 -12.46 5.77 -2.72
CA SER A 10 -11.14 6.30 -3.04
C SER A 10 -10.33 5.30 -3.85
N LYS A 11 -9.33 5.81 -4.58
CA LYS A 11 -8.48 4.96 -5.40
C LYS A 11 -7.45 4.23 -4.55
N CYS A 12 -6.72 3.31 -5.17
CA CYS A 12 -5.69 2.55 -4.47
C CYS A 12 -4.30 2.99 -4.89
N PRO A 13 -3.46 3.36 -3.90
CA PRO A 13 -2.09 3.80 -4.14
C PRO A 13 -1.19 2.67 -4.62
N LYS A 14 -1.78 1.51 -4.88
CA LYS A 14 -1.03 0.36 -5.35
C LYS A 14 -1.34 0.06 -6.81
N CYS A 15 -2.62 -0.07 -7.13
CA CYS A 15 -3.05 -0.36 -8.49
C CYS A 15 -3.94 0.76 -9.02
N ASP A 16 -3.89 1.91 -8.37
CA ASP A 16 -4.70 3.06 -8.77
C ASP A 16 -6.08 2.62 -9.24
N LYS A 17 -6.75 1.83 -8.42
CA LYS A 17 -8.08 1.33 -8.73
C LYS A 17 -9.10 1.78 -7.69
N THR A 18 -10.38 1.71 -8.04
CA THR A 18 -11.45 2.12 -7.14
C THR A 18 -11.68 1.06 -6.07
N VAL A 19 -11.11 1.28 -4.89
CA VAL A 19 -11.27 0.34 -3.78
C VAL A 19 -12.74 0.18 -3.40
N TYR A 20 -13.22 -1.06 -3.44
CA TYR A 20 -14.61 -1.36 -3.09
C TYR A 20 -14.82 -1.29 -1.59
N PHE A 21 -15.97 -0.77 -1.18
CA PHE A 21 -16.29 -0.66 0.24
C PHE A 21 -16.24 -2.02 0.92
N ALA A 22 -16.51 -3.07 0.15
CA ALA A 22 -16.50 -4.43 0.68
C ALA A 22 -15.08 -4.86 1.05
N GLU A 23 -14.13 -4.58 0.15
CA GLU A 23 -12.73 -4.93 0.39
C GLU A 23 -11.91 -3.71 0.78
N LYS A 24 -12.62 -2.63 1.13
CA LYS A 24 -11.96 -1.39 1.53
C LYS A 24 -11.23 -1.56 2.86
N VAL A 25 -9.94 -1.22 2.88
CA VAL A 25 -9.14 -1.33 4.08
C VAL A 25 -8.40 -0.03 4.38
N SER A 26 -8.75 0.59 5.50
CA SER A 26 -8.13 1.85 5.90
C SER A 26 -6.75 1.61 6.50
N SER A 27 -5.74 2.27 5.94
CA SER A 27 -4.37 2.13 6.42
C SER A 27 -3.55 3.38 6.10
N LEU A 28 -2.77 3.82 7.08
CA LEU A 28 -1.93 5.01 6.90
C LEU A 28 -2.73 6.16 6.29
N GLY A 29 -4.02 6.18 6.58
CA GLY A 29 -4.88 7.24 6.06
C GLY A 29 -5.10 7.10 4.56
N LYS A 30 -5.30 5.88 4.10
CA LYS A 30 -5.51 5.63 2.68
C LYS A 30 -6.34 4.37 2.47
N ASP A 31 -6.75 4.14 1.22
CA ASP A 31 -7.56 2.96 0.89
C ASP A 31 -6.78 2.02 -0.01
N TRP A 32 -6.49 0.83 0.50
CA TRP A 32 -5.75 -0.18 -0.25
C TRP A 32 -6.60 -1.41 -0.50
N HIS A 33 -6.00 -2.42 -1.12
CA HIS A 33 -6.72 -3.66 -1.42
C HIS A 33 -6.20 -4.81 -0.55
N LYS A 34 -7.11 -5.68 -0.12
CA LYS A 34 -6.74 -6.82 0.71
C LYS A 34 -5.63 -7.64 0.06
N PHE A 35 -5.44 -7.44 -1.24
CA PHE A 35 -4.41 -8.16 -1.98
C PHE A 35 -3.18 -7.29 -2.19
N CYS A 36 -3.39 -5.97 -2.16
CA CYS A 36 -2.30 -5.02 -2.35
C CYS A 36 -1.54 -4.80 -1.05
N LEU A 37 -2.18 -5.11 0.07
CA LEU A 37 -1.56 -4.94 1.38
C LEU A 37 -0.55 -6.04 1.65
N LYS A 38 0.46 -6.13 0.79
CA LYS A 38 1.50 -7.15 0.93
C LYS A 38 2.87 -6.57 0.60
N CYS A 39 3.79 -6.66 1.57
CA CYS A 39 5.14 -6.14 1.38
C CYS A 39 5.70 -6.57 0.03
N GLU A 40 6.57 -5.74 -0.53
CA GLU A 40 7.18 -6.03 -1.83
C GLU A 40 8.59 -6.59 -1.65
N ARG A 41 9.16 -6.38 -0.46
CA ARG A 41 10.50 -6.86 -0.17
C ARG A 41 10.45 -8.24 0.47
N CYS A 42 9.75 -8.35 1.60
CA CYS A 42 9.62 -9.61 2.30
C CYS A 42 8.44 -10.43 1.79
N SER A 43 7.43 -9.72 1.27
CA SER A 43 6.23 -10.36 0.74
C SER A 43 5.54 -11.19 1.81
N LYS A 44 5.32 -10.57 2.96
CA LYS A 44 4.65 -11.24 4.08
C LYS A 44 3.39 -10.49 4.50
N THR A 45 2.34 -11.23 4.84
CA THR A 45 1.09 -10.63 5.27
C THR A 45 1.33 -9.46 6.23
N LEU A 46 0.83 -8.30 5.87
CA LEU A 46 0.99 -7.10 6.69
C LEU A 46 -0.30 -6.78 7.43
N THR A 47 -0.26 -5.74 8.26
CA THR A 47 -1.43 -5.32 9.03
C THR A 47 -1.80 -3.88 8.70
N PRO A 48 -3.08 -3.67 8.37
CA PRO A 48 -3.61 -2.34 8.04
C PRO A 48 -3.66 -1.41 9.26
N GLY A 49 -2.80 -0.40 9.27
CA GLY A 49 -2.78 0.53 10.38
C GLY A 49 -1.62 0.28 11.31
N GLY A 50 -0.47 -0.09 10.75
CA GLY A 50 0.70 -0.36 11.57
C GLY A 50 1.89 -0.80 10.75
N HIS A 51 2.20 -0.04 9.70
CA HIS A 51 3.32 -0.35 8.82
C HIS A 51 3.91 0.91 8.20
N ALA A 52 5.10 0.79 7.62
CA ALA A 52 5.76 1.93 6.99
C ALA A 52 5.44 1.99 5.50
N GLU A 53 5.71 3.13 4.89
CA GLU A 53 5.45 3.32 3.46
C GLU A 53 6.59 4.10 2.81
N HIS A 54 6.89 3.76 1.56
CA HIS A 54 7.95 4.42 0.82
C HIS A 54 7.66 4.40 -0.68
N ASP A 55 7.38 5.57 -1.25
CA ASP A 55 7.08 5.68 -2.67
C ASP A 55 5.71 5.09 -2.99
N GLY A 56 4.83 5.08 -1.98
CA GLY A 56 3.50 4.55 -2.18
C GLY A 56 3.39 3.08 -1.80
N LYS A 57 4.51 2.37 -1.87
CA LYS A 57 4.55 0.96 -1.53
C LYS A 57 4.90 0.76 -0.06
N PRO A 58 4.11 -0.09 0.63
CA PRO A 58 4.32 -0.37 2.05
C PRO A 58 5.59 -1.19 2.29
N PHE A 59 6.11 -1.12 3.52
CA PHE A 59 7.32 -1.85 3.87
C PHE A 59 7.44 -1.96 5.40
N CYS A 60 7.64 -3.19 5.87
CA CYS A 60 7.78 -3.44 7.30
C CYS A 60 8.73 -2.42 7.95
N HIS A 61 8.55 -2.18 9.23
CA HIS A 61 9.38 -1.23 9.97
C HIS A 61 10.86 -1.46 9.67
N LYS A 62 11.28 -2.73 9.75
CA LYS A 62 12.66 -3.08 9.48
C LYS A 62 12.88 -4.59 9.64
N PRO A 63 13.99 -5.09 9.08
CA PRO A 63 14.97 -4.26 8.37
C PRO A 63 14.42 -3.75 7.04
N CYS A 64 13.31 -4.32 6.60
CA CYS A 64 12.69 -3.93 5.34
C CYS A 64 12.96 -2.45 5.04
N TYR A 65 12.23 -1.58 5.73
CA TYR A 65 12.38 -0.15 5.55
C TYR A 65 13.82 0.28 5.78
N ALA A 66 14.36 -0.07 6.94
CA ALA A 66 15.73 0.27 7.29
C ALA A 66 16.64 0.19 6.07
N THR A 67 16.80 -1.02 5.53
CA THR A 67 17.64 -1.23 4.37
C THR A 67 17.41 -0.16 3.31
N LEU A 68 16.20 -0.14 2.75
CA LEU A 68 15.85 0.84 1.73
C LEU A 68 16.39 2.22 2.08
N PHE A 69 16.32 2.57 3.37
CA PHE A 69 16.81 3.87 3.83
C PHE A 69 18.13 3.71 4.58
N GLY A 70 19.22 3.62 3.83
CA GLY A 70 20.54 3.46 4.43
C GLY A 70 21.65 3.85 3.49
N SER A 71 22.84 4.07 4.04
CA SER A 71 24.00 4.45 3.25
C SER A 71 24.76 3.22 2.76
N GLY A 72 25.63 3.42 1.78
CA GLY A 72 26.40 2.32 1.23
C GLY A 72 25.54 1.09 0.97
N PRO A 73 24.70 1.16 -0.07
CA PRO A 73 23.82 0.06 -0.45
C PRO A 73 24.58 -1.12 -1.04
N SER A 74 23.92 -2.27 -1.10
CA SER A 74 24.53 -3.48 -1.64
C SER A 74 25.31 -3.17 -2.91
N SER A 75 26.57 -3.60 -2.96
CA SER A 75 27.42 -3.37 -4.11
C SER A 75 28.72 -4.15 -4.00
N GLY A 76 29.13 -4.77 -5.11
CA GLY A 76 30.36 -5.54 -5.11
C GLY A 76 30.21 -6.87 -4.40
N GLY A 1 -25.74 0.21 -24.64
CA GLY A 1 -25.17 0.60 -23.36
C GLY A 1 -24.85 2.09 -23.30
N SER A 2 -25.60 2.81 -22.48
CA SER A 2 -25.41 4.25 -22.34
C SER A 2 -24.53 4.55 -21.12
N SER A 3 -23.23 4.76 -21.38
CA SER A 3 -22.29 5.05 -20.31
C SER A 3 -22.93 5.95 -19.25
N GLY A 4 -22.40 5.88 -18.04
CA GLY A 4 -22.93 6.68 -16.95
C GLY A 4 -23.37 5.85 -15.76
N SER A 5 -22.46 5.59 -14.84
CA SER A 5 -22.77 4.79 -13.66
C SER A 5 -22.43 5.55 -12.38
N SER A 6 -23.34 5.50 -11.42
CA SER A 6 -23.14 6.19 -10.14
C SER A 6 -22.56 5.26 -9.10
N GLY A 7 -21.63 5.78 -8.29
CA GLY A 7 -21.00 4.97 -7.27
C GLY A 7 -19.49 4.87 -7.44
N MET A 8 -18.81 5.99 -7.19
CA MET A 8 -17.35 6.02 -7.32
C MET A 8 -16.68 5.93 -5.95
N ALA A 9 -15.35 5.83 -5.96
CA ALA A 9 -14.60 5.74 -4.71
C ALA A 9 -13.11 5.98 -4.96
N SER A 10 -12.34 6.11 -3.88
CA SER A 10 -10.91 6.35 -3.98
C SER A 10 -10.21 5.20 -4.70
N LYS A 11 -9.08 5.50 -5.32
CA LYS A 11 -8.31 4.48 -6.03
C LYS A 11 -7.35 3.75 -5.10
N CYS A 12 -6.69 2.72 -5.61
CA CYS A 12 -5.75 1.94 -4.82
C CYS A 12 -4.32 2.22 -5.26
N PRO A 13 -3.47 2.61 -4.30
CA PRO A 13 -2.05 2.91 -4.56
C PRO A 13 -1.25 1.66 -4.90
N LYS A 14 -1.95 0.53 -5.03
CA LYS A 14 -1.29 -0.73 -5.35
C LYS A 14 -1.59 -1.15 -6.79
N CYS A 15 -2.87 -1.22 -7.11
CA CYS A 15 -3.30 -1.61 -8.45
C CYS A 15 -4.09 -0.49 -9.12
N ASP A 16 -3.92 0.72 -8.62
CA ASP A 16 -4.60 1.89 -9.16
C ASP A 16 -6.01 1.52 -9.62
N LYS A 17 -6.78 0.93 -8.72
CA LYS A 17 -8.15 0.54 -9.03
C LYS A 17 -9.14 1.20 -8.08
N THR A 18 -10.41 1.23 -8.48
CA THR A 18 -11.45 1.85 -7.66
C THR A 18 -11.82 0.95 -6.49
N VAL A 19 -11.20 1.21 -5.34
CA VAL A 19 -11.46 0.43 -4.13
C VAL A 19 -12.94 0.48 -3.76
N TYR A 20 -13.50 -0.67 -3.41
CA TYR A 20 -14.90 -0.75 -3.03
C TYR A 20 -15.07 -0.71 -1.51
N PHE A 21 -15.78 0.31 -1.04
CA PHE A 21 -16.01 0.49 0.39
C PHE A 21 -16.33 -0.85 1.06
N ALA A 22 -16.92 -1.76 0.28
CA ALA A 22 -17.29 -3.07 0.79
C ALA A 22 -16.07 -3.80 1.34
N GLU A 23 -15.01 -3.87 0.54
CA GLU A 23 -13.78 -4.54 0.96
C GLU A 23 -12.66 -3.53 1.19
N LYS A 24 -13.03 -2.26 1.33
CA LYS A 24 -12.06 -1.20 1.56
C LYS A 24 -11.39 -1.37 2.92
N VAL A 25 -10.10 -1.04 2.97
CA VAL A 25 -9.33 -1.14 4.22
C VAL A 25 -8.45 0.08 4.42
N SER A 26 -8.63 0.74 5.56
CA SER A 26 -7.85 1.93 5.88
C SER A 26 -6.46 1.55 6.36
N SER A 27 -5.48 2.40 6.05
CA SER A 27 -4.10 2.15 6.45
C SER A 27 -3.21 3.36 6.13
N LEU A 28 -2.70 4.00 7.17
CA LEU A 28 -1.84 5.16 7.01
C LEU A 28 -2.58 6.29 6.29
N GLY A 29 -3.88 6.37 6.54
CA GLY A 29 -4.68 7.41 5.92
C GLY A 29 -4.82 7.22 4.42
N LYS A 30 -5.03 5.97 4.00
CA LYS A 30 -5.17 5.65 2.58
C LYS A 30 -6.22 4.56 2.38
N ASP A 31 -6.48 4.24 1.12
CA ASP A 31 -7.46 3.20 0.78
C ASP A 31 -6.84 2.11 -0.08
N TRP A 32 -6.67 0.93 0.50
CA TRP A 32 -6.08 -0.19 -0.21
C TRP A 32 -7.08 -1.34 -0.35
N HIS A 33 -6.64 -2.43 -0.96
CA HIS A 33 -7.50 -3.59 -1.17
C HIS A 33 -7.24 -4.65 -0.10
N LYS A 34 -7.93 -5.77 -0.20
CA LYS A 34 -7.78 -6.87 0.74
C LYS A 34 -6.68 -7.83 0.30
N PHE A 35 -6.41 -7.85 -1.00
CA PHE A 35 -5.38 -8.72 -1.56
C PHE A 35 -4.22 -7.90 -2.12
N CYS A 36 -4.06 -6.68 -1.61
CA CYS A 36 -2.99 -5.80 -2.05
C CYS A 36 -2.01 -5.53 -0.91
N LEU A 37 -2.54 -5.23 0.27
CA LEU A 37 -1.71 -4.94 1.43
C LEU A 37 -0.65 -6.02 1.61
N LYS A 38 0.49 -5.83 0.95
CA LYS A 38 1.59 -6.78 1.04
C LYS A 38 2.93 -6.08 0.83
N CYS A 39 3.97 -6.61 1.46
CA CYS A 39 5.31 -6.04 1.35
C CYS A 39 5.93 -6.36 -0.01
N GLU A 40 6.20 -5.33 -0.79
CA GLU A 40 6.81 -5.51 -2.12
C GLU A 40 8.28 -5.91 -1.99
N ARG A 41 8.75 -6.05 -0.76
CA ARG A 41 10.14 -6.42 -0.51
C ARG A 41 10.24 -7.89 -0.11
N CYS A 42 9.42 -8.29 0.85
CA CYS A 42 9.42 -9.67 1.32
C CYS A 42 8.09 -10.36 1.01
N SER A 43 7.37 -9.82 0.03
CA SER A 43 6.09 -10.38 -0.37
C SER A 43 5.34 -10.95 0.84
N LYS A 44 5.43 -10.25 1.97
CA LYS A 44 4.77 -10.68 3.19
C LYS A 44 3.67 -9.71 3.59
N THR A 45 2.47 -10.23 3.80
CA THR A 45 1.33 -9.42 4.18
C THR A 45 1.69 -8.48 5.32
N LEU A 46 0.87 -7.45 5.52
CA LEU A 46 1.11 -6.47 6.58
C LEU A 46 -0.20 -6.11 7.29
N THR A 47 -0.08 -5.31 8.35
CA THR A 47 -1.25 -4.90 9.11
C THR A 47 -1.68 -3.49 8.73
N PRO A 48 -2.98 -3.32 8.41
CA PRO A 48 -3.54 -2.03 8.03
C PRO A 48 -3.60 -1.05 9.20
N GLY A 49 -2.53 -0.28 9.38
CA GLY A 49 -2.48 0.68 10.45
C GLY A 49 -1.37 0.39 11.44
N GLY A 50 -0.19 0.08 10.93
CA GLY A 50 0.94 -0.22 11.78
C GLY A 50 2.14 -0.73 11.01
N HIS A 51 2.58 0.03 10.02
CA HIS A 51 3.72 -0.36 9.20
C HIS A 51 4.34 0.87 8.52
N ALA A 52 5.45 0.65 7.83
CA ALA A 52 6.13 1.73 7.12
C ALA A 52 5.78 1.74 5.64
N GLU A 53 6.04 2.86 4.98
CA GLU A 53 5.74 3.00 3.55
C GLU A 53 6.89 3.67 2.82
N HIS A 54 7.08 3.31 1.56
CA HIS A 54 8.15 3.88 0.75
C HIS A 54 7.74 3.91 -0.72
N ASP A 55 7.76 5.11 -1.32
CA ASP A 55 7.41 5.26 -2.72
C ASP A 55 5.98 4.80 -2.98
N GLY A 56 5.13 4.92 -1.96
CA GLY A 56 3.75 4.50 -2.10
C GLY A 56 3.55 3.03 -1.76
N LYS A 57 4.63 2.26 -1.85
CA LYS A 57 4.57 0.83 -1.56
C LYS A 57 4.87 0.55 -0.09
N PRO A 58 4.07 -0.31 0.54
CA PRO A 58 4.24 -0.67 1.94
C PRO A 58 5.48 -1.52 2.18
N PHE A 59 5.99 -1.50 3.41
CA PHE A 59 7.17 -2.27 3.77
C PHE A 59 7.31 -2.41 5.28
N CYS A 60 7.76 -3.57 5.72
CA CYS A 60 7.92 -3.83 7.14
C CYS A 60 8.77 -2.75 7.80
N HIS A 61 8.77 -2.73 9.13
CA HIS A 61 9.53 -1.74 9.88
C HIS A 61 11.02 -1.84 9.54
N LYS A 62 11.52 -3.07 9.49
CA LYS A 62 12.93 -3.31 9.18
C LYS A 62 13.26 -4.80 9.22
N PRO A 63 14.35 -5.19 8.55
CA PRO A 63 15.21 -4.25 7.83
C PRO A 63 14.54 -3.70 6.58
N CYS A 64 13.45 -4.34 6.15
CA CYS A 64 12.72 -3.92 4.98
C CYS A 64 12.83 -2.40 4.78
N TYR A 65 12.08 -1.66 5.58
CA TYR A 65 12.09 -0.20 5.50
C TYR A 65 13.49 0.35 5.79
N ALA A 66 14.02 0.01 6.96
CA ALA A 66 15.34 0.46 7.36
C ALA A 66 16.28 0.52 6.17
N THR A 67 16.60 -0.65 5.61
CA THR A 67 17.49 -0.73 4.46
C THR A 67 17.23 0.41 3.47
N LEU A 68 16.01 0.46 2.95
CA LEU A 68 15.63 1.49 1.99
C LEU A 68 16.06 2.87 2.49
N PHE A 69 15.94 3.09 3.79
CA PHE A 69 16.32 4.36 4.38
C PHE A 69 17.43 4.17 5.42
N GLY A 70 18.67 4.31 4.97
CA GLY A 70 19.80 4.15 5.86
C GLY A 70 21.11 4.01 5.12
N SER A 71 21.32 4.84 4.10
CA SER A 71 22.54 4.80 3.31
C SER A 71 22.84 6.17 2.71
N GLY A 72 23.84 6.84 3.27
CA GLY A 72 24.21 8.16 2.77
C GLY A 72 23.18 9.22 3.11
N PRO A 73 23.66 10.41 3.49
CA PRO A 73 22.80 11.54 3.85
C PRO A 73 22.05 12.10 2.64
N SER A 74 22.75 12.20 1.51
CA SER A 74 22.16 12.73 0.29
C SER A 74 22.07 11.64 -0.78
N SER A 75 20.95 10.91 -0.76
CA SER A 75 20.74 9.83 -1.73
C SER A 75 20.58 10.40 -3.14
N GLY A 76 21.70 10.70 -3.79
CA GLY A 76 21.66 11.25 -5.13
C GLY A 76 22.99 11.79 -5.58
N GLY A 1 -25.08 -2.08 -10.70
CA GLY A 1 -24.53 -3.42 -10.81
C GLY A 1 -23.02 -3.43 -10.78
N SER A 2 -22.40 -2.60 -11.62
CA SER A 2 -20.95 -2.52 -11.69
C SER A 2 -20.48 -1.07 -11.58
N SER A 3 -19.16 -0.88 -11.57
CA SER A 3 -18.58 0.45 -11.46
C SER A 3 -18.69 1.19 -12.78
N GLY A 4 -18.39 2.49 -12.75
CA GLY A 4 -18.45 3.30 -13.95
C GLY A 4 -17.10 3.86 -14.35
N SER A 5 -17.11 4.81 -15.28
CA SER A 5 -15.87 5.42 -15.75
C SER A 5 -15.40 6.51 -14.78
N SER A 6 -16.35 7.26 -14.23
CA SER A 6 -16.02 8.33 -13.29
C SER A 6 -15.48 7.76 -11.98
N GLY A 7 -16.31 6.99 -11.29
CA GLY A 7 -15.90 6.40 -10.03
C GLY A 7 -16.40 7.18 -8.83
N MET A 8 -17.15 6.50 -7.97
CA MET A 8 -17.71 7.13 -6.77
C MET A 8 -16.89 6.76 -5.54
N ALA A 9 -15.86 5.95 -5.74
CA ALA A 9 -15.00 5.53 -4.64
C ALA A 9 -13.56 5.97 -4.87
N SER A 10 -12.73 5.86 -3.83
CA SER A 10 -11.33 6.26 -3.91
C SER A 10 -10.50 5.17 -4.59
N LYS A 11 -9.49 5.59 -5.34
CA LYS A 11 -8.62 4.66 -6.04
C LYS A 11 -7.62 4.03 -5.08
N CYS A 12 -6.85 3.06 -5.58
CA CYS A 12 -5.85 2.38 -4.76
C CYS A 12 -4.44 2.71 -5.24
N PRO A 13 -3.59 3.18 -4.31
CA PRO A 13 -2.21 3.55 -4.61
C PRO A 13 -1.35 2.33 -4.91
N LYS A 14 -1.98 1.16 -5.00
CA LYS A 14 -1.27 -0.08 -5.29
C LYS A 14 -1.60 -0.57 -6.70
N CYS A 15 -2.89 -0.64 -7.01
CA CYS A 15 -3.33 -1.10 -8.32
C CYS A 15 -4.13 -0.02 -9.04
N ASP A 16 -4.06 1.21 -8.51
CA ASP A 16 -4.78 2.33 -9.09
C ASP A 16 -6.17 1.91 -9.56
N LYS A 17 -6.92 1.27 -8.66
CA LYS A 17 -8.27 0.82 -8.98
C LYS A 17 -9.27 1.32 -7.95
N THR A 18 -10.56 1.28 -8.31
CA THR A 18 -11.61 1.73 -7.41
C THR A 18 -11.83 0.74 -6.27
N VAL A 19 -11.46 1.14 -5.07
CA VAL A 19 -11.62 0.28 -3.89
C VAL A 19 -13.06 0.32 -3.39
N TYR A 20 -13.70 -0.85 -3.37
CA TYR A 20 -15.08 -0.95 -2.91
C TYR A 20 -15.16 -0.76 -1.40
N PHE A 21 -16.00 0.19 -0.97
CA PHE A 21 -16.17 0.48 0.44
C PHE A 21 -16.33 -0.81 1.25
N ALA A 22 -16.87 -1.84 0.60
CA ALA A 22 -17.07 -3.12 1.25
C ALA A 22 -15.75 -3.78 1.61
N GLU A 23 -14.80 -3.72 0.67
CA GLU A 23 -13.49 -4.31 0.88
C GLU A 23 -12.42 -3.23 1.05
N LYS A 24 -12.86 -2.02 1.36
CA LYS A 24 -11.96 -0.89 1.55
C LYS A 24 -11.29 -0.96 2.92
N VAL A 25 -9.99 -1.24 2.93
CA VAL A 25 -9.23 -1.34 4.17
C VAL A 25 -8.38 -0.09 4.40
N SER A 26 -8.69 0.65 5.45
CA SER A 26 -7.96 1.86 5.78
C SER A 26 -6.57 1.54 6.31
N SER A 27 -5.58 2.33 5.91
CA SER A 27 -4.20 2.12 6.34
C SER A 27 -3.36 3.39 6.11
N LEU A 28 -2.82 3.92 7.20
CA LEU A 28 -2.00 5.12 7.12
C LEU A 28 -2.76 6.27 6.44
N GLY A 29 -4.05 6.34 6.72
CA GLY A 29 -4.87 7.39 6.14
C GLY A 29 -5.06 7.21 4.64
N LYS A 30 -4.96 5.96 4.18
CA LYS A 30 -5.13 5.65 2.76
C LYS A 30 -6.09 4.49 2.57
N ASP A 31 -6.55 4.31 1.34
CA ASP A 31 -7.48 3.22 1.02
C ASP A 31 -6.82 2.20 0.09
N TRP A 32 -6.52 1.02 0.63
CA TRP A 32 -5.89 -0.04 -0.15
C TRP A 32 -6.81 -1.26 -0.25
N HIS A 33 -6.29 -2.32 -0.86
CA HIS A 33 -7.07 -3.55 -1.02
C HIS A 33 -6.61 -4.61 -0.03
N LYS A 34 -7.17 -5.81 -0.15
CA LYS A 34 -6.81 -6.92 0.72
C LYS A 34 -5.49 -7.54 0.31
N PHE A 35 -5.36 -7.84 -0.98
CA PHE A 35 -4.13 -8.43 -1.51
C PHE A 35 -3.18 -7.37 -2.03
N CYS A 36 -3.27 -6.16 -1.47
CA CYS A 36 -2.42 -5.05 -1.88
C CYS A 36 -1.51 -4.62 -0.74
N LEU A 37 -1.99 -4.77 0.50
CA LEU A 37 -1.22 -4.40 1.67
C LEU A 37 -0.13 -5.42 1.97
N LYS A 38 0.63 -5.77 0.93
CA LYS A 38 1.71 -6.73 1.07
C LYS A 38 3.06 -6.09 0.77
N CYS A 39 4.09 -6.52 1.49
CA CYS A 39 5.43 -5.98 1.30
C CYS A 39 5.96 -6.31 -0.10
N GLU A 40 6.81 -5.43 -0.62
CA GLU A 40 7.38 -5.63 -1.95
C GLU A 40 8.78 -6.21 -1.86
N ARG A 41 9.22 -6.51 -0.64
CA ARG A 41 10.54 -7.07 -0.41
C ARG A 41 10.45 -8.50 0.09
N CYS A 42 9.75 -8.69 1.20
CA CYS A 42 9.58 -10.03 1.78
C CYS A 42 8.21 -10.59 1.44
N SER A 43 7.41 -9.83 0.70
CA SER A 43 6.08 -10.26 0.31
C SER A 43 5.33 -10.84 1.51
N LYS A 44 5.58 -10.29 2.69
CA LYS A 44 4.93 -10.74 3.90
C LYS A 44 3.69 -9.91 4.20
N THR A 45 2.70 -10.54 4.84
CA THR A 45 1.45 -9.85 5.19
C THR A 45 1.72 -8.71 6.15
N LEU A 46 1.06 -7.58 5.92
CA LEU A 46 1.22 -6.40 6.78
C LEU A 46 -0.12 -5.99 7.39
N THR A 47 -0.06 -5.29 8.51
CA THR A 47 -1.26 -4.84 9.19
C THR A 47 -1.71 -3.48 8.67
N PRO A 48 -3.02 -3.33 8.45
CA PRO A 48 -3.60 -2.08 7.95
C PRO A 48 -3.56 -0.96 8.98
N GLY A 49 -2.96 -1.25 10.13
CA GLY A 49 -2.85 -0.26 11.19
C GLY A 49 -1.56 -0.38 11.96
N GLY A 50 -0.44 -0.04 11.31
CA GLY A 50 0.84 -0.11 11.96
C GLY A 50 1.93 -0.61 11.03
N HIS A 51 2.13 0.08 9.92
CA HIS A 51 3.15 -0.31 8.95
C HIS A 51 3.78 0.92 8.30
N ALA A 52 4.93 0.73 7.68
CA ALA A 52 5.64 1.83 7.02
C ALA A 52 5.35 1.83 5.51
N GLU A 53 5.57 2.98 4.89
CA GLU A 53 5.33 3.12 3.46
C GLU A 53 6.48 3.86 2.78
N HIS A 54 6.78 3.47 1.55
CA HIS A 54 7.86 4.10 0.79
C HIS A 54 7.56 4.07 -0.71
N ASP A 55 7.55 5.25 -1.32
CA ASP A 55 7.28 5.35 -2.75
C ASP A 55 5.92 4.76 -3.09
N GLY A 56 4.97 4.89 -2.17
CA GLY A 56 3.64 4.36 -2.40
C GLY A 56 3.53 2.90 -2.01
N LYS A 57 4.65 2.20 -2.04
CA LYS A 57 4.67 0.78 -1.70
C LYS A 57 5.02 0.58 -0.23
N PRO A 58 4.22 -0.24 0.47
CA PRO A 58 4.41 -0.53 1.88
C PRO A 58 5.66 -1.38 2.14
N PHE A 59 6.25 -1.22 3.31
CA PHE A 59 7.44 -1.98 3.68
C PHE A 59 7.52 -2.18 5.19
N CYS A 60 7.78 -3.42 5.59
CA CYS A 60 7.88 -3.75 7.01
C CYS A 60 8.72 -2.72 7.76
N HIS A 61 8.51 -2.63 9.07
CA HIS A 61 9.25 -1.68 9.89
C HIS A 61 10.75 -1.80 9.67
N LYS A 62 11.23 -3.05 9.61
CA LYS A 62 12.64 -3.31 9.39
C LYS A 62 12.93 -4.80 9.44
N PRO A 63 14.08 -5.21 8.89
CA PRO A 63 15.02 -4.28 8.26
C PRO A 63 14.49 -3.70 6.96
N CYS A 64 13.46 -4.34 6.41
CA CYS A 64 12.85 -3.89 5.17
C CYS A 64 13.00 -2.38 5.00
N TYR A 65 12.18 -1.62 5.73
CA TYR A 65 12.23 -0.17 5.66
C TYR A 65 13.64 0.35 5.91
N ALA A 66 14.18 0.01 7.07
CA ALA A 66 15.54 0.43 7.43
C ALA A 66 16.46 0.42 6.22
N THR A 67 16.70 -0.76 5.67
CA THR A 67 17.56 -0.89 4.50
C THR A 67 17.24 0.16 3.44
N LEU A 68 16.10 0.02 2.80
CA LEU A 68 15.67 0.96 1.77
C LEU A 68 16.06 2.39 2.15
N PHE A 69 16.06 2.66 3.44
CA PHE A 69 16.41 3.99 3.94
C PHE A 69 17.71 3.96 4.74
N GLY A 70 18.71 3.26 4.20
CA GLY A 70 19.99 3.15 4.88
C GLY A 70 21.10 2.72 3.94
N SER A 71 21.34 3.50 2.89
CA SER A 71 22.38 3.19 1.91
C SER A 71 23.58 2.56 2.59
N GLY A 72 24.08 3.20 3.64
CA GLY A 72 25.23 2.69 4.36
C GLY A 72 26.51 2.81 3.57
N PRO A 73 27.64 2.95 4.28
CA PRO A 73 28.96 3.08 3.65
C PRO A 73 29.41 1.78 3.00
N SER A 74 28.95 0.66 3.55
CA SER A 74 29.33 -0.65 3.02
C SER A 74 28.46 -1.01 1.81
N SER A 75 27.16 -1.11 2.03
CA SER A 75 26.23 -1.44 0.96
C SER A 75 26.54 -2.83 0.39
N GLY A 76 26.84 -3.78 1.28
CA GLY A 76 27.14 -5.13 0.85
C GLY A 76 28.47 -5.62 1.40
N GLY A 1 -24.96 6.97 -29.53
CA GLY A 1 -24.46 6.43 -28.28
C GLY A 1 -23.77 7.47 -27.42
N SER A 2 -23.50 7.13 -26.16
CA SER A 2 -22.84 8.05 -25.24
C SER A 2 -22.44 7.33 -23.95
N SER A 3 -21.67 8.02 -23.12
CA SER A 3 -21.22 7.45 -21.86
C SER A 3 -21.87 8.16 -20.67
N GLY A 4 -21.70 7.59 -19.49
CA GLY A 4 -22.28 8.18 -18.29
C GLY A 4 -21.39 8.01 -17.08
N SER A 5 -22.01 7.82 -15.92
CA SER A 5 -21.26 7.66 -14.67
C SER A 5 -22.08 6.86 -13.65
N SER A 6 -21.49 5.80 -13.13
CA SER A 6 -22.17 4.96 -12.13
C SER A 6 -21.98 5.52 -10.73
N GLY A 7 -20.74 5.91 -10.42
CA GLY A 7 -20.45 6.45 -9.10
C GLY A 7 -19.03 6.95 -8.99
N MET A 8 -18.63 7.33 -7.77
CA MET A 8 -17.29 7.82 -7.53
C MET A 8 -16.70 7.23 -6.26
N ALA A 9 -15.63 6.45 -6.40
CA ALA A 9 -14.98 5.82 -5.25
C ALA A 9 -13.50 6.10 -5.25
N SER A 10 -12.88 6.00 -4.07
CA SER A 10 -11.45 6.26 -3.93
C SER A 10 -10.63 5.25 -4.73
N LYS A 11 -9.40 5.63 -5.05
CA LYS A 11 -8.51 4.76 -5.81
C LYS A 11 -7.49 4.08 -4.91
N CYS A 12 -6.80 3.07 -5.43
CA CYS A 12 -5.80 2.34 -4.66
C CYS A 12 -4.40 2.83 -5.01
N PRO A 13 -3.65 3.22 -3.96
CA PRO A 13 -2.28 3.72 -4.13
C PRO A 13 -1.31 2.61 -4.54
N LYS A 14 -1.85 1.43 -4.81
CA LYS A 14 -1.03 0.29 -5.22
C LYS A 14 -1.23 -0.01 -6.71
N CYS A 15 -2.49 -0.10 -7.12
CA CYS A 15 -2.82 -0.38 -8.51
C CYS A 15 -3.74 0.69 -9.08
N ASP A 16 -3.71 1.87 -8.47
CA ASP A 16 -4.54 2.98 -8.92
C ASP A 16 -5.89 2.49 -9.41
N LYS A 17 -6.55 1.67 -8.58
CA LYS A 17 -7.86 1.13 -8.93
C LYS A 17 -8.93 1.64 -7.97
N THR A 18 -10.16 1.75 -8.46
CA THR A 18 -11.27 2.23 -7.64
C THR A 18 -11.63 1.21 -6.56
N VAL A 19 -11.08 1.43 -5.36
CA VAL A 19 -11.34 0.53 -4.23
C VAL A 19 -12.79 0.63 -3.78
N TYR A 20 -13.43 -0.53 -3.61
CA TYR A 20 -14.82 -0.57 -3.18
C TYR A 20 -14.93 -1.00 -1.72
N PHE A 21 -15.99 -0.56 -1.06
CA PHE A 21 -16.21 -0.89 0.35
C PHE A 21 -16.01 -2.39 0.59
N ALA A 22 -16.23 -3.18 -0.46
CA ALA A 22 -16.09 -4.63 -0.36
C ALA A 22 -14.76 -5.00 0.28
N GLU A 23 -13.67 -4.45 -0.25
CA GLU A 23 -12.34 -4.73 0.28
C GLU A 23 -11.63 -3.45 0.65
N LYS A 24 -12.40 -2.36 0.79
CA LYS A 24 -11.83 -1.07 1.16
C LYS A 24 -11.28 -1.09 2.58
N VAL A 25 -9.97 -1.33 2.70
CA VAL A 25 -9.32 -1.38 4.00
C VAL A 25 -8.59 -0.07 4.29
N SER A 26 -8.92 0.54 5.43
CA SER A 26 -8.30 1.80 5.83
C SER A 26 -6.88 1.56 6.34
N SER A 27 -5.97 2.46 5.97
CA SER A 27 -4.58 2.36 6.39
C SER A 27 -3.80 3.62 6.01
N LEU A 28 -3.20 4.25 7.01
CA LEU A 28 -2.43 5.47 6.79
C LEU A 28 -3.27 6.53 6.11
N GLY A 29 -4.56 6.58 6.46
CA GLY A 29 -5.46 7.55 5.88
C GLY A 29 -5.70 7.32 4.40
N LYS A 30 -5.76 6.05 4.01
CA LYS A 30 -5.98 5.70 2.62
C LYS A 30 -6.76 4.39 2.51
N ASP A 31 -7.08 4.00 1.28
CA ASP A 31 -7.82 2.76 1.05
C ASP A 31 -7.04 1.83 0.12
N TRP A 32 -6.65 0.67 0.65
CA TRP A 32 -5.91 -0.31 -0.13
C TRP A 32 -6.71 -1.60 -0.30
N HIS A 33 -6.12 -2.57 -1.00
CA HIS A 33 -6.78 -3.84 -1.24
C HIS A 33 -6.23 -4.92 -0.31
N LYS A 34 -7.06 -5.92 -0.01
CA LYS A 34 -6.66 -7.01 0.87
C LYS A 34 -5.50 -7.80 0.26
N PHE A 35 -5.17 -7.50 -0.99
CA PHE A 35 -4.08 -8.18 -1.67
C PHE A 35 -2.95 -7.21 -2.01
N CYS A 36 -3.24 -5.92 -1.93
CA CYS A 36 -2.26 -4.88 -2.22
C CYS A 36 -1.53 -4.46 -0.94
N LEU A 37 -2.11 -4.80 0.20
CA LEU A 37 -1.52 -4.46 1.49
C LEU A 37 -0.44 -5.46 1.89
N LYS A 38 0.36 -5.87 0.90
CA LYS A 38 1.44 -6.82 1.14
C LYS A 38 2.79 -6.23 0.73
N CYS A 39 3.75 -6.31 1.65
CA CYS A 39 5.08 -5.77 1.40
C CYS A 39 5.50 -6.04 -0.05
N GLU A 40 6.33 -5.14 -0.59
CA GLU A 40 6.79 -5.27 -1.96
C GLU A 40 8.20 -5.88 -2.01
N ARG A 41 8.81 -6.02 -0.83
CA ARG A 41 10.14 -6.59 -0.72
C ARG A 41 10.10 -8.00 -0.15
N CYS A 42 9.52 -8.13 1.04
CA CYS A 42 9.41 -9.42 1.71
C CYS A 42 8.09 -10.10 1.36
N SER A 43 7.16 -9.32 0.85
CA SER A 43 5.84 -9.84 0.47
C SER A 43 5.22 -10.62 1.62
N LYS A 44 5.27 -10.06 2.82
CA LYS A 44 4.71 -10.70 4.00
C LYS A 44 3.53 -9.90 4.55
N THR A 45 2.51 -10.62 5.02
CA THR A 45 1.33 -9.98 5.57
C THR A 45 1.68 -8.70 6.31
N LEU A 46 0.82 -7.68 6.17
CA LEU A 46 1.04 -6.40 6.83
C LEU A 46 -0.17 -5.98 7.64
N THR A 47 -0.07 -4.86 8.33
CA THR A 47 -1.16 -4.35 9.15
C THR A 47 -1.69 -3.03 8.59
N PRO A 48 -3.01 -2.99 8.34
CA PRO A 48 -3.67 -1.79 7.81
C PRO A 48 -3.71 -0.65 8.83
N GLY A 49 -3.05 -0.85 9.96
CA GLY A 49 -3.04 0.16 11.00
C GLY A 49 -1.70 0.24 11.72
N GLY A 50 -0.62 0.33 10.95
CA GLY A 50 0.70 0.41 11.53
C GLY A 50 1.77 -0.19 10.64
N HIS A 51 2.39 0.65 9.82
CA HIS A 51 3.44 0.19 8.91
C HIS A 51 4.12 1.38 8.23
N ALA A 52 5.25 1.10 7.58
CA ALA A 52 6.00 2.14 6.89
C ALA A 52 5.64 2.17 5.40
N GLU A 53 5.93 3.30 4.75
CA GLU A 53 5.63 3.46 3.34
C GLU A 53 6.76 4.19 2.62
N HIS A 54 6.95 3.89 1.35
CA HIS A 54 7.99 4.52 0.55
C HIS A 54 7.60 4.59 -0.92
N ASP A 55 7.47 5.81 -1.44
CA ASP A 55 7.10 6.01 -2.84
C ASP A 55 5.74 5.37 -3.13
N GLY A 56 4.89 5.30 -2.11
CA GLY A 56 3.57 4.72 -2.28
C GLY A 56 3.59 3.20 -2.15
N LYS A 57 4.61 2.68 -1.49
CA LYS A 57 4.75 1.24 -1.30
C LYS A 57 5.04 0.90 0.15
N PRO A 58 4.25 -0.01 0.72
CA PRO A 58 4.40 -0.44 2.11
C PRO A 58 5.67 -1.26 2.33
N PHE A 59 6.32 -1.04 3.47
CA PHE A 59 7.55 -1.76 3.80
C PHE A 59 7.69 -1.93 5.31
N CYS A 60 7.80 -3.18 5.74
CA CYS A 60 7.94 -3.49 7.16
C CYS A 60 8.90 -2.51 7.84
N HIS A 61 8.71 -2.31 9.15
CA HIS A 61 9.56 -1.41 9.90
C HIS A 61 11.04 -1.68 9.63
N LYS A 62 11.41 -2.96 9.61
CA LYS A 62 12.79 -3.36 9.37
C LYS A 62 12.94 -4.87 9.44
N PRO A 63 14.03 -5.39 8.85
CA PRO A 63 15.03 -4.56 8.18
C PRO A 63 14.50 -3.95 6.88
N CYS A 64 13.38 -4.49 6.40
CA CYS A 64 12.77 -4.00 5.16
C CYS A 64 13.08 -2.51 4.96
N TYR A 65 12.37 -1.67 5.71
CA TYR A 65 12.56 -0.23 5.61
C TYR A 65 14.01 0.16 5.87
N ALA A 66 14.53 -0.27 7.02
CA ALA A 66 15.91 0.03 7.38
C ALA A 66 16.82 -0.02 6.16
N THR A 67 16.95 -1.21 5.56
CA THR A 67 17.79 -1.38 4.38
C THR A 67 17.49 -0.34 3.33
N LEU A 68 16.22 -0.22 2.96
CA LEU A 68 15.79 0.74 1.96
C LEU A 68 16.33 2.14 2.28
N PHE A 69 16.10 2.58 3.51
CA PHE A 69 16.57 3.89 3.94
C PHE A 69 17.38 3.79 5.23
N GLY A 70 16.70 3.54 6.34
CA GLY A 70 17.37 3.42 7.62
C GLY A 70 16.42 3.51 8.79
N SER A 71 16.92 3.94 9.94
CA SER A 71 16.11 4.06 11.14
C SER A 71 16.23 5.45 11.74
N GLY A 72 15.10 6.03 12.14
CA GLY A 72 15.10 7.36 12.73
C GLY A 72 14.54 7.37 14.13
N PRO A 73 15.29 6.79 15.08
CA PRO A 73 14.88 6.73 16.49
C PRO A 73 14.89 8.09 17.16
N SER A 74 14.49 8.13 18.43
CA SER A 74 14.47 9.37 19.19
C SER A 74 15.09 9.18 20.57
N SER A 75 16.01 10.07 20.93
CA SER A 75 16.68 10.00 22.22
C SER A 75 16.29 11.18 23.11
N GLY A 76 16.52 12.39 22.60
CA GLY A 76 16.18 13.58 23.35
C GLY A 76 17.40 14.36 23.78
N GLY A 1 -18.23 3.65 -23.49
CA GLY A 1 -17.69 4.44 -22.41
C GLY A 1 -18.52 5.67 -22.12
N SER A 2 -19.36 5.59 -21.10
CA SER A 2 -20.22 6.70 -20.72
C SER A 2 -19.46 8.03 -20.79
N SER A 3 -18.36 8.10 -20.06
CA SER A 3 -17.54 9.31 -20.03
C SER A 3 -18.24 10.42 -19.28
N GLY A 4 -18.86 10.07 -18.14
CA GLY A 4 -19.56 11.06 -17.35
C GLY A 4 -19.90 10.54 -15.96
N SER A 5 -18.87 10.28 -15.16
CA SER A 5 -19.06 9.78 -13.80
C SER A 5 -18.85 10.88 -12.77
N SER A 6 -19.88 11.15 -11.97
CA SER A 6 -19.81 12.18 -10.96
C SER A 6 -19.25 11.62 -9.65
N GLY A 7 -18.59 12.47 -8.87
CA GLY A 7 -18.02 12.05 -7.61
C GLY A 7 -17.14 10.82 -7.76
N MET A 8 -16.08 10.94 -8.57
CA MET A 8 -15.16 9.84 -8.79
C MET A 8 -14.64 9.28 -7.47
N ALA A 9 -14.99 8.03 -7.18
CA ALA A 9 -14.56 7.38 -5.94
C ALA A 9 -13.04 7.36 -5.85
N SER A 10 -12.53 7.05 -4.65
CA SER A 10 -11.10 6.99 -4.42
C SER A 10 -10.46 5.84 -5.20
N LYS A 11 -9.14 5.81 -5.22
CA LYS A 11 -8.41 4.76 -5.93
C LYS A 11 -7.43 4.04 -4.99
N CYS A 12 -6.84 2.96 -5.48
CA CYS A 12 -5.88 2.19 -4.69
C CYS A 12 -4.45 2.50 -5.11
N PRO A 13 -3.61 2.88 -4.13
CA PRO A 13 -2.21 3.22 -4.37
C PRO A 13 -1.38 2.00 -4.75
N LYS A 14 -2.05 0.86 -4.92
CA LYS A 14 -1.38 -0.38 -5.27
C LYS A 14 -1.66 -0.76 -6.73
N CYS A 15 -2.94 -0.90 -7.06
CA CYS A 15 -3.35 -1.26 -8.41
C CYS A 15 -3.95 -0.05 -9.13
N ASP A 16 -3.88 1.11 -8.49
CA ASP A 16 -4.42 2.34 -9.07
C ASP A 16 -5.85 2.13 -9.55
N LYS A 17 -6.61 1.37 -8.78
CA LYS A 17 -8.00 1.08 -9.13
C LYS A 17 -8.95 1.58 -8.04
N THR A 18 -10.21 1.78 -8.39
CA THR A 18 -11.21 2.26 -7.44
C THR A 18 -11.54 1.19 -6.41
N VAL A 19 -11.30 1.50 -5.14
CA VAL A 19 -11.58 0.56 -4.06
C VAL A 19 -13.04 0.65 -3.62
N TYR A 20 -13.69 -0.50 -3.53
CA TYR A 20 -15.09 -0.56 -3.12
C TYR A 20 -15.22 -1.03 -1.68
N PHE A 21 -16.25 -0.55 -0.98
CA PHE A 21 -16.48 -0.92 0.41
C PHE A 21 -16.21 -2.41 0.62
N ALA A 22 -16.53 -3.21 -0.38
CA ALA A 22 -16.33 -4.65 -0.30
C ALA A 22 -14.90 -4.97 0.13
N GLU A 23 -13.93 -4.31 -0.50
CA GLU A 23 -12.53 -4.55 -0.17
C GLU A 23 -11.90 -3.29 0.43
N LYS A 24 -12.76 -2.39 0.90
CA LYS A 24 -12.28 -1.14 1.51
C LYS A 24 -11.60 -1.41 2.85
N VAL A 25 -10.36 -0.97 2.96
CA VAL A 25 -9.59 -1.16 4.19
C VAL A 25 -8.69 0.04 4.47
N SER A 26 -8.94 0.70 5.60
CA SER A 26 -8.17 1.87 5.98
C SER A 26 -6.77 1.46 6.45
N SER A 27 -5.77 2.28 6.10
CA SER A 27 -4.39 2.00 6.47
C SER A 27 -3.50 3.19 6.16
N LEU A 28 -2.82 3.70 7.18
CA LEU A 28 -1.93 4.84 7.01
C LEU A 28 -2.67 6.03 6.40
N GLY A 29 -3.95 6.15 6.72
CA GLY A 29 -4.75 7.25 6.20
C GLY A 29 -4.96 7.13 4.70
N LYS A 30 -5.19 5.91 4.22
CA LYS A 30 -5.41 5.67 2.81
C LYS A 30 -6.42 4.55 2.60
N ASP A 31 -6.72 4.26 1.34
CA ASP A 31 -7.67 3.20 1.01
C ASP A 31 -7.03 2.15 0.10
N TRP A 32 -6.79 0.96 0.64
CA TRP A 32 -6.18 -0.12 -0.13
C TRP A 32 -7.16 -1.26 -0.32
N HIS A 33 -6.69 -2.35 -0.92
CA HIS A 33 -7.53 -3.52 -1.16
C HIS A 33 -7.25 -4.61 -0.13
N LYS A 34 -7.89 -5.76 -0.31
CA LYS A 34 -7.72 -6.88 0.60
C LYS A 34 -6.58 -7.79 0.14
N PHE A 35 -6.26 -7.72 -1.16
CA PHE A 35 -5.20 -8.53 -1.73
C PHE A 35 -4.07 -7.66 -2.26
N CYS A 36 -3.95 -6.45 -1.72
CA CYS A 36 -2.93 -5.52 -2.13
C CYS A 36 -1.95 -5.23 -0.99
N LEU A 37 -2.49 -5.03 0.20
CA LEU A 37 -1.68 -4.75 1.39
C LEU A 37 -0.66 -5.85 1.61
N LYS A 38 0.45 -5.80 0.87
CA LYS A 38 1.51 -6.79 1.00
C LYS A 38 2.86 -6.18 0.64
N CYS A 39 3.83 -6.36 1.54
CA CYS A 39 5.17 -5.83 1.32
C CYS A 39 5.65 -6.15 -0.10
N GLU A 40 6.42 -5.22 -0.67
CA GLU A 40 6.94 -5.39 -2.02
C GLU A 40 8.38 -5.90 -1.99
N ARG A 41 8.91 -6.07 -0.78
CA ARG A 41 10.28 -6.54 -0.61
C ARG A 41 10.29 -7.96 -0.03
N CYS A 42 9.65 -8.14 1.11
CA CYS A 42 9.58 -9.44 1.76
C CYS A 42 8.33 -10.19 1.35
N SER A 43 7.34 -9.46 0.85
CA SER A 43 6.08 -10.06 0.42
C SER A 43 5.43 -10.82 1.56
N LYS A 44 5.35 -10.19 2.72
CA LYS A 44 4.74 -10.81 3.89
C LYS A 44 3.42 -10.12 4.26
N THR A 45 2.56 -10.84 4.97
CA THR A 45 1.27 -10.30 5.37
C THR A 45 1.45 -9.12 6.32
N LEU A 46 0.86 -7.99 5.96
CA LEU A 46 0.95 -6.78 6.79
C LEU A 46 -0.41 -6.40 7.36
N THR A 47 -0.40 -5.66 8.47
CA THR A 47 -1.63 -5.24 9.12
C THR A 47 -2.03 -3.84 8.67
N PRO A 48 -3.33 -3.66 8.36
CA PRO A 48 -3.87 -2.37 7.92
C PRO A 48 -3.88 -1.34 9.04
N GLY A 49 -2.83 -0.55 9.13
CA GLY A 49 -2.74 0.48 10.17
C GLY A 49 -1.59 0.25 11.12
N GLY A 50 -0.41 -0.03 10.56
CA GLY A 50 0.75 -0.27 11.38
C GLY A 50 1.95 -0.75 10.56
N HIS A 51 2.26 -0.02 9.50
CA HIS A 51 3.39 -0.37 8.64
C HIS A 51 3.99 0.88 7.99
N ALA A 52 5.17 0.72 7.41
CA ALA A 52 5.85 1.83 6.75
C ALA A 52 5.51 1.88 5.26
N GLU A 53 5.62 3.08 4.68
CA GLU A 53 5.32 3.25 3.26
C GLU A 53 6.42 4.06 2.58
N HIS A 54 6.87 3.59 1.42
CA HIS A 54 7.91 4.27 0.67
C HIS A 54 7.67 4.15 -0.83
N ASP A 55 7.52 5.30 -1.50
CA ASP A 55 7.28 5.32 -2.94
C ASP A 55 5.93 4.70 -3.27
N GLY A 56 5.00 4.75 -2.31
CA GLY A 56 3.68 4.19 -2.53
C GLY A 56 3.60 2.73 -2.11
N LYS A 57 4.73 2.05 -2.15
CA LYS A 57 4.78 0.63 -1.79
C LYS A 57 5.11 0.47 -0.30
N PRO A 58 4.32 -0.38 0.38
CA PRO A 58 4.50 -0.64 1.81
C PRO A 58 5.77 -1.43 2.10
N PHE A 59 6.34 -1.22 3.29
CA PHE A 59 7.56 -1.91 3.68
C PHE A 59 7.67 -2.00 5.20
N CYS A 60 7.98 -3.19 5.70
CA CYS A 60 8.10 -3.42 7.13
C CYS A 60 9.06 -2.40 7.76
N HIS A 61 8.94 -2.20 9.06
CA HIS A 61 9.79 -1.26 9.78
C HIS A 61 11.27 -1.54 9.49
N LYS A 62 11.63 -2.82 9.46
CA LYS A 62 13.01 -3.21 9.19
C LYS A 62 13.15 -4.73 9.24
N PRO A 63 14.20 -5.25 8.58
CA PRO A 63 15.16 -4.41 7.84
C PRO A 63 14.55 -3.80 6.59
N CYS A 64 13.42 -4.35 6.15
CA CYS A 64 12.74 -3.85 4.96
C CYS A 64 12.98 -2.34 4.79
N TYR A 65 12.28 -1.55 5.59
CA TYR A 65 12.42 -0.09 5.51
C TYR A 65 13.83 0.35 5.91
N ALA A 66 14.26 -0.07 7.10
CA ALA A 66 15.59 0.27 7.60
C ALA A 66 16.60 0.29 6.46
N THR A 67 16.85 -0.88 5.88
CA THR A 67 17.80 -1.00 4.78
C THR A 67 17.60 0.10 3.74
N LEU A 68 16.46 0.05 3.06
CA LEU A 68 16.14 1.04 2.04
C LEU A 68 16.62 2.42 2.46
N PHE A 69 16.32 2.81 3.69
CA PHE A 69 16.73 4.12 4.21
C PHE A 69 17.91 3.97 5.17
N GLY A 70 19.12 3.93 4.62
CA GLY A 70 20.31 3.80 5.44
C GLY A 70 21.58 3.90 4.63
N SER A 71 22.33 4.98 4.86
CA SER A 71 23.58 5.20 4.14
C SER A 71 24.78 5.14 5.09
N GLY A 72 25.97 4.99 4.53
CA GLY A 72 27.17 4.92 5.34
C GLY A 72 28.42 4.71 4.51
N PRO A 73 29.14 3.61 4.78
CA PRO A 73 30.37 3.27 4.07
C PRO A 73 30.10 2.86 2.63
N SER A 74 30.91 3.38 1.70
CA SER A 74 30.76 3.07 0.29
C SER A 74 30.37 1.61 0.09
N SER A 75 29.10 1.39 -0.22
CA SER A 75 28.61 0.03 -0.42
C SER A 75 29.14 -0.54 -1.73
N GLY A 76 29.08 -1.87 -1.86
CA GLY A 76 29.55 -2.52 -3.07
C GLY A 76 30.95 -2.07 -3.45
N GLY A 1 -18.63 2.09 -28.91
CA GLY A 1 -19.56 1.41 -28.04
C GLY A 1 -18.90 0.93 -26.76
N SER A 2 -19.10 1.67 -25.67
CA SER A 2 -18.51 1.31 -24.39
C SER A 2 -19.59 0.86 -23.40
N SER A 3 -19.19 0.06 -22.42
CA SER A 3 -20.12 -0.44 -21.42
C SER A 3 -20.67 0.71 -20.57
N GLY A 4 -19.76 1.55 -20.06
CA GLY A 4 -20.17 2.67 -19.23
C GLY A 4 -19.97 2.41 -17.76
N SER A 5 -18.74 2.60 -17.29
CA SER A 5 -18.41 2.38 -15.89
C SER A 5 -18.12 3.70 -15.17
N SER A 6 -18.92 4.01 -14.16
CA SER A 6 -18.75 5.25 -13.41
C SER A 6 -18.66 4.96 -11.92
N GLY A 7 -17.97 5.84 -11.19
CA GLY A 7 -17.83 5.67 -9.75
C GLY A 7 -16.97 6.74 -9.12
N MET A 8 -17.33 7.15 -7.91
CA MET A 8 -16.57 8.18 -7.20
C MET A 8 -16.16 7.68 -5.82
N ALA A 9 -14.91 7.24 -5.71
CA ALA A 9 -14.38 6.75 -4.44
C ALA A 9 -12.86 6.69 -4.47
N SER A 10 -12.24 6.98 -3.33
CA SER A 10 -10.79 6.96 -3.22
C SER A 10 -10.19 5.77 -3.98
N LYS A 11 -9.10 6.01 -4.69
CA LYS A 11 -8.44 4.97 -5.45
C LYS A 11 -7.35 4.29 -4.63
N CYS A 12 -6.71 3.29 -5.21
CA CYS A 12 -5.64 2.56 -4.54
C CYS A 12 -4.27 3.04 -5.00
N PRO A 13 -3.42 3.43 -4.05
CA PRO A 13 -2.07 3.91 -4.34
C PRO A 13 -1.15 2.80 -4.83
N LYS A 14 -1.71 1.61 -4.99
CA LYS A 14 -0.94 0.46 -5.45
C LYS A 14 -1.26 0.14 -6.91
N CYS A 15 -2.54 0.11 -7.24
CA CYS A 15 -2.98 -0.18 -8.59
C CYS A 15 -3.90 0.92 -9.11
N ASP A 16 -3.80 2.10 -8.51
CA ASP A 16 -4.63 3.23 -8.92
C ASP A 16 -6.00 2.77 -9.36
N LYS A 17 -6.68 2.01 -8.50
CA LYS A 17 -8.01 1.50 -8.79
C LYS A 17 -9.02 2.00 -7.77
N THR A 18 -10.28 2.08 -8.19
CA THR A 18 -11.35 2.55 -7.32
C THR A 18 -11.64 1.53 -6.21
N VAL A 19 -11.06 1.77 -5.03
CA VAL A 19 -11.25 0.88 -3.89
C VAL A 19 -12.72 0.85 -3.47
N TYR A 20 -13.27 -0.35 -3.36
CA TYR A 20 -14.66 -0.51 -2.95
C TYR A 20 -14.75 -1.16 -1.58
N PHE A 21 -15.87 -0.96 -0.90
CA PHE A 21 -16.09 -1.53 0.43
C PHE A 21 -15.64 -2.98 0.47
N ALA A 22 -15.93 -3.71 -0.60
CA ALA A 22 -15.54 -5.12 -0.68
C ALA A 22 -14.15 -5.35 -0.11
N GLU A 23 -13.18 -4.58 -0.60
CA GLU A 23 -11.81 -4.70 -0.13
C GLU A 23 -11.30 -3.37 0.42
N LYS A 24 -12.23 -2.48 0.74
CA LYS A 24 -11.87 -1.16 1.27
C LYS A 24 -11.24 -1.30 2.65
N VAL A 25 -9.92 -1.30 2.70
CA VAL A 25 -9.19 -1.41 3.95
C VAL A 25 -8.42 -0.14 4.26
N SER A 26 -8.78 0.51 5.36
CA SER A 26 -8.13 1.75 5.77
C SER A 26 -6.73 1.48 6.31
N SER A 27 -5.81 2.40 6.06
CA SER A 27 -4.43 2.25 6.51
C SER A 27 -3.62 3.51 6.21
N LEU A 28 -3.03 4.09 7.25
CA LEU A 28 -2.23 5.31 7.11
C LEU A 28 -3.05 6.42 6.46
N GLY A 29 -4.35 6.41 6.71
CA GLY A 29 -5.22 7.43 6.14
C GLY A 29 -5.43 7.25 4.65
N LYS A 30 -5.19 6.03 4.18
CA LYS A 30 -5.36 5.73 2.76
C LYS A 30 -6.28 4.53 2.57
N ASP A 31 -6.57 4.19 1.31
CA ASP A 31 -7.44 3.07 1.00
C ASP A 31 -6.74 2.08 0.06
N TRP A 32 -6.39 0.92 0.59
CA TRP A 32 -5.72 -0.11 -0.20
C TRP A 32 -6.59 -1.35 -0.33
N HIS A 33 -6.04 -2.39 -0.94
CA HIS A 33 -6.76 -3.65 -1.12
C HIS A 33 -6.20 -4.74 -0.23
N LYS A 34 -6.96 -5.82 -0.06
CA LYS A 34 -6.54 -6.94 0.77
C LYS A 34 -5.36 -7.67 0.14
N PHE A 35 -5.09 -7.37 -1.12
CA PHE A 35 -3.99 -8.00 -1.85
C PHE A 35 -2.89 -6.99 -2.15
N CYS A 36 -3.19 -5.72 -1.94
CA CYS A 36 -2.23 -4.64 -2.19
C CYS A 36 -1.57 -4.20 -0.89
N LEU A 37 -2.04 -4.75 0.22
CA LEU A 37 -1.49 -4.41 1.53
C LEU A 37 -0.34 -5.34 1.90
N LYS A 38 0.30 -5.92 0.89
CA LYS A 38 1.41 -6.83 1.10
C LYS A 38 2.75 -6.09 0.98
N CYS A 39 3.77 -6.62 1.65
CA CYS A 39 5.10 -6.00 1.61
C CYS A 39 5.82 -6.34 0.30
N GLU A 40 6.64 -5.41 -0.16
CA GLU A 40 7.38 -5.60 -1.40
C GLU A 40 8.80 -6.06 -1.11
N ARG A 41 9.10 -6.28 0.16
CA ARG A 41 10.43 -6.72 0.57
C ARG A 41 10.41 -8.20 0.97
N CYS A 42 9.57 -8.53 1.94
CA CYS A 42 9.45 -9.90 2.42
C CYS A 42 8.12 -10.51 2.00
N SER A 43 7.48 -9.90 1.00
CA SER A 43 6.20 -10.39 0.51
C SER A 43 5.37 -10.97 1.65
N LYS A 44 5.47 -10.36 2.82
CA LYS A 44 4.74 -10.82 3.99
C LYS A 44 3.49 -9.96 4.22
N THR A 45 2.48 -10.54 4.86
CA THR A 45 1.24 -9.82 5.14
C THR A 45 1.48 -8.68 6.13
N LEU A 46 0.90 -7.52 5.83
CA LEU A 46 1.04 -6.36 6.69
C LEU A 46 -0.28 -6.00 7.36
N THR A 47 -0.21 -5.38 8.53
CA THR A 47 -1.41 -4.99 9.28
C THR A 47 -1.82 -3.57 8.92
N PRO A 48 -3.07 -3.42 8.45
CA PRO A 48 -3.62 -2.12 8.07
C PRO A 48 -3.87 -1.22 9.28
N GLY A 49 -2.88 -0.40 9.61
CA GLY A 49 -3.01 0.51 10.73
C GLY A 49 -1.78 0.52 11.62
N GLY A 50 -0.62 0.25 11.01
CA GLY A 50 0.63 0.24 11.76
C GLY A 50 1.78 -0.32 10.96
N HIS A 51 2.24 0.45 9.97
CA HIS A 51 3.36 0.02 9.12
C HIS A 51 4.00 1.21 8.44
N ALA A 52 5.13 0.98 7.78
CA ALA A 52 5.84 2.02 7.08
C ALA A 52 5.49 2.03 5.59
N GLU A 53 5.81 3.13 4.91
CA GLU A 53 5.52 3.26 3.49
C GLU A 53 6.70 3.91 2.76
N HIS A 54 6.90 3.51 1.50
CA HIS A 54 7.99 4.04 0.69
C HIS A 54 7.61 4.03 -0.79
N ASP A 55 7.51 5.22 -1.37
CA ASP A 55 7.15 5.36 -2.78
C ASP A 55 5.78 4.75 -3.06
N GLY A 56 4.87 4.91 -2.10
CA GLY A 56 3.53 4.36 -2.26
C GLY A 56 3.43 2.91 -1.85
N LYS A 57 4.56 2.21 -1.91
CA LYS A 57 4.60 0.80 -1.55
C LYS A 57 4.96 0.63 -0.07
N PRO A 58 4.15 -0.15 0.65
CA PRO A 58 4.37 -0.42 2.07
C PRO A 58 5.59 -1.29 2.32
N PHE A 59 6.20 -1.12 3.49
CA PHE A 59 7.39 -1.89 3.85
C PHE A 59 7.51 -2.04 5.37
N CYS A 60 7.71 -3.27 5.82
CA CYS A 60 7.83 -3.54 7.25
C CYS A 60 8.77 -2.54 7.92
N HIS A 61 8.60 -2.36 9.22
CA HIS A 61 9.42 -1.43 9.98
C HIS A 61 10.90 -1.65 9.67
N LYS A 62 11.32 -2.90 9.66
CA LYS A 62 12.71 -3.25 9.38
C LYS A 62 12.93 -4.76 9.47
N PRO A 63 14.02 -5.24 8.86
CA PRO A 63 14.98 -4.37 8.16
C PRO A 63 14.40 -3.79 6.87
N CYS A 64 13.33 -4.40 6.40
CA CYS A 64 12.68 -3.94 5.17
C CYS A 64 12.89 -2.44 4.96
N TYR A 65 12.13 -1.64 5.70
CA TYR A 65 12.23 -0.20 5.59
C TYR A 65 13.66 0.27 5.82
N ALA A 66 14.23 -0.09 6.97
CA ALA A 66 15.60 0.29 7.30
C ALA A 66 16.50 0.25 6.06
N THR A 67 16.67 -0.94 5.50
CA THR A 67 17.51 -1.10 4.32
C THR A 67 17.31 0.04 3.34
N LEU A 68 16.14 0.07 2.70
CA LEU A 68 15.81 1.11 1.74
C LEU A 68 16.25 2.49 2.25
N PHE A 69 16.13 2.68 3.57
CA PHE A 69 16.51 3.95 4.19
C PHE A 69 17.60 3.73 5.23
N GLY A 70 18.85 3.76 4.78
CA GLY A 70 19.97 3.57 5.68
C GLY A 70 21.12 4.51 5.39
N SER A 71 22.32 4.13 5.83
CA SER A 71 23.50 4.95 5.60
C SER A 71 24.75 4.08 5.50
N GLY A 72 25.85 4.69 5.02
CA GLY A 72 27.08 3.95 4.88
C GLY A 72 27.85 4.34 3.62
N PRO A 73 28.63 3.40 3.09
CA PRO A 73 29.42 3.62 1.87
C PRO A 73 28.55 3.74 0.62
N SER A 74 29.14 4.22 -0.46
CA SER A 74 28.42 4.39 -1.72
C SER A 74 27.61 3.14 -2.05
N SER A 75 28.23 1.98 -1.88
CA SER A 75 27.57 0.71 -2.17
C SER A 75 26.55 0.37 -1.08
N GLY A 76 25.45 -0.26 -1.49
CA GLY A 76 24.42 -0.63 -0.53
C GLY A 76 23.09 0.05 -0.83
N GLY A 1 -25.46 -0.41 -27.46
CA GLY A 1 -24.47 -0.16 -26.43
C GLY A 1 -25.06 -0.15 -25.03
N SER A 2 -24.25 0.21 -24.05
CA SER A 2 -24.70 0.25 -22.66
C SER A 2 -23.79 1.15 -21.82
N SER A 3 -24.39 1.90 -20.90
CA SER A 3 -23.65 2.81 -20.04
C SER A 3 -24.06 2.64 -18.58
N GLY A 4 -23.14 2.92 -17.68
CA GLY A 4 -23.43 2.79 -16.25
C GLY A 4 -22.33 2.05 -15.51
N SER A 5 -21.96 2.58 -14.34
CA SER A 5 -20.92 1.96 -13.53
C SER A 5 -21.44 1.61 -12.14
N SER A 6 -20.67 0.83 -11.40
CA SER A 6 -21.06 0.42 -10.06
C SER A 6 -21.18 1.63 -9.13
N GLY A 7 -20.16 2.49 -9.13
CA GLY A 7 -20.18 3.67 -8.30
C GLY A 7 -18.88 4.45 -8.36
N MET A 8 -18.91 5.70 -7.93
CA MET A 8 -17.72 6.55 -7.94
C MET A 8 -16.90 6.33 -6.67
N ALA A 9 -16.00 5.35 -6.71
CA ALA A 9 -15.15 5.05 -5.57
C ALA A 9 -13.73 5.53 -5.81
N SER A 10 -12.86 5.34 -4.81
CA SER A 10 -11.47 5.75 -4.90
C SER A 10 -10.63 4.67 -5.59
N LYS A 11 -9.35 4.97 -5.80
CA LYS A 11 -8.44 4.03 -6.44
C LYS A 11 -7.47 3.44 -5.41
N CYS A 12 -6.73 2.42 -5.84
CA CYS A 12 -5.77 1.77 -4.97
C CYS A 12 -4.33 2.11 -5.36
N PRO A 13 -3.56 2.62 -4.39
CA PRO A 13 -2.16 3.00 -4.62
C PRO A 13 -1.26 1.81 -4.86
N LYS A 14 -1.86 0.63 -4.95
CA LYS A 14 -1.11 -0.60 -5.18
C LYS A 14 -1.34 -1.12 -6.60
N CYS A 15 -2.59 -1.39 -6.94
CA CYS A 15 -2.94 -1.89 -8.25
C CYS A 15 -3.69 -0.83 -9.05
N ASP A 16 -3.56 0.42 -8.64
CA ASP A 16 -4.22 1.53 -9.31
C ASP A 16 -5.58 1.10 -9.85
N LYS A 17 -6.41 0.55 -8.96
CA LYS A 17 -7.75 0.10 -9.34
C LYS A 17 -8.80 0.68 -8.41
N THR A 18 -10.06 0.62 -8.83
CA THR A 18 -11.16 1.13 -8.03
C THR A 18 -11.43 0.24 -6.82
N VAL A 19 -11.17 0.78 -5.63
CA VAL A 19 -11.39 0.04 -4.40
C VAL A 19 -12.85 0.02 -4.01
N TYR A 20 -13.36 -1.18 -3.73
CA TYR A 20 -14.77 -1.33 -3.35
C TYR A 20 -14.94 -1.18 -1.83
N PHE A 21 -15.79 -0.24 -1.44
CA PHE A 21 -16.05 0.01 -0.03
C PHE A 21 -16.34 -1.30 0.71
N ALA A 22 -16.78 -2.30 -0.03
CA ALA A 22 -17.08 -3.61 0.54
C ALA A 22 -15.84 -4.25 1.15
N GLU A 23 -14.79 -4.36 0.34
CA GLU A 23 -13.54 -4.96 0.80
C GLU A 23 -12.46 -3.90 0.98
N LYS A 24 -12.89 -2.64 1.06
CA LYS A 24 -11.97 -1.53 1.23
C LYS A 24 -11.36 -1.55 2.63
N VAL A 25 -10.02 -1.50 2.70
CA VAL A 25 -9.32 -1.51 3.97
C VAL A 25 -8.56 -0.20 4.19
N SER A 26 -8.91 0.51 5.26
CA SER A 26 -8.25 1.77 5.57
C SER A 26 -6.85 1.55 6.11
N SER A 27 -5.95 2.48 5.82
CA SER A 27 -4.57 2.38 6.28
C SER A 27 -3.80 3.65 5.95
N LEU A 28 -3.12 4.20 6.96
CA LEU A 28 -2.34 5.42 6.78
C LEU A 28 -3.18 6.52 6.14
N GLY A 29 -4.47 6.55 6.47
CA GLY A 29 -5.36 7.54 5.92
C GLY A 29 -5.59 7.37 4.43
N LYS A 30 -5.52 6.13 3.97
CA LYS A 30 -5.72 5.82 2.56
C LYS A 30 -6.64 4.61 2.37
N ASP A 31 -6.94 4.28 1.12
CA ASP A 31 -7.80 3.15 0.82
C ASP A 31 -7.06 2.11 -0.01
N TRP A 32 -6.77 0.96 0.59
CA TRP A 32 -6.07 -0.11 -0.09
C TRP A 32 -6.95 -1.34 -0.23
N HIS A 33 -6.38 -2.43 -0.76
CA HIS A 33 -7.11 -3.67 -0.95
C HIS A 33 -6.71 -4.70 0.10
N LYS A 34 -7.25 -5.91 -0.05
CA LYS A 34 -6.94 -6.99 0.88
C LYS A 34 -5.64 -7.68 0.51
N PHE A 35 -5.54 -8.12 -0.74
CA PHE A 35 -4.34 -8.80 -1.22
C PHE A 35 -3.31 -7.79 -1.74
N CYS A 36 -3.40 -6.56 -1.23
CA CYS A 36 -2.49 -5.51 -1.64
C CYS A 36 -1.64 -5.03 -0.46
N LEU A 37 -2.20 -5.14 0.74
CA LEU A 37 -1.50 -4.72 1.95
C LEU A 37 -0.43 -5.74 2.33
N LYS A 38 0.44 -6.07 1.39
CA LYS A 38 1.51 -7.02 1.63
C LYS A 38 2.86 -6.44 1.21
N CYS A 39 3.82 -6.47 2.13
CA CYS A 39 5.16 -5.95 1.86
C CYS A 39 5.56 -6.23 0.42
N GLU A 40 6.38 -5.35 -0.15
CA GLU A 40 6.85 -5.51 -1.51
C GLU A 40 8.26 -6.09 -1.55
N ARG A 41 8.92 -6.10 -0.39
CA ARG A 41 10.27 -6.63 -0.29
C ARG A 41 10.26 -8.07 0.21
N CYS A 42 9.68 -8.27 1.39
CA CYS A 42 9.60 -9.59 2.00
C CYS A 42 8.30 -10.29 1.60
N SER A 43 7.28 -9.50 1.29
CA SER A 43 5.98 -10.04 0.90
C SER A 43 5.37 -10.85 2.04
N LYS A 44 5.33 -10.26 3.22
CA LYS A 44 4.78 -10.92 4.39
C LYS A 44 3.56 -10.16 4.92
N THR A 45 2.54 -10.91 5.35
CA THR A 45 1.33 -10.31 5.88
C THR A 45 1.64 -9.06 6.70
N LEU A 46 0.83 -8.02 6.52
CA LEU A 46 1.02 -6.76 7.24
C LEU A 46 -0.27 -6.34 7.94
N THR A 47 -0.13 -5.43 8.91
CA THR A 47 -1.28 -4.94 9.65
C THR A 47 -1.64 -3.51 9.25
N PRO A 48 -2.89 -3.32 8.82
CA PRO A 48 -3.39 -2.00 8.40
C PRO A 48 -3.52 -1.03 9.56
N GLY A 49 -2.44 -0.32 9.87
CA GLY A 49 -2.47 0.64 10.96
C GLY A 49 -1.23 0.53 11.84
N GLY A 50 -0.10 0.21 11.24
CA GLY A 50 1.13 0.08 11.99
C GLY A 50 2.28 -0.45 11.15
N HIS A 51 2.61 0.29 10.08
CA HIS A 51 3.70 -0.12 9.21
C HIS A 51 4.32 1.10 8.52
N ALA A 52 5.47 0.89 7.88
CA ALA A 52 6.16 1.97 7.19
C ALA A 52 5.78 2.01 5.71
N GLU A 53 5.91 3.19 5.10
CA GLU A 53 5.57 3.36 3.69
C GLU A 53 6.72 4.02 2.94
N HIS A 54 6.85 3.68 1.66
CA HIS A 54 7.91 4.24 0.82
C HIS A 54 7.48 4.29 -0.64
N ASP A 55 7.47 5.49 -1.19
CA ASP A 55 7.07 5.68 -2.59
C ASP A 55 5.69 5.09 -2.85
N GLY A 56 4.88 5.00 -1.79
CA GLY A 56 3.55 4.46 -1.93
C GLY A 56 3.50 2.97 -1.62
N LYS A 57 4.66 2.34 -1.59
CA LYS A 57 4.74 0.91 -1.30
C LYS A 57 5.12 0.68 0.16
N PRO A 58 4.34 -0.18 0.84
CA PRO A 58 4.57 -0.52 2.25
C PRO A 58 5.83 -1.35 2.44
N PHE A 59 6.38 -1.31 3.65
CA PHE A 59 7.59 -2.06 3.97
C PHE A 59 7.76 -2.19 5.49
N CYS A 60 7.91 -3.42 5.95
CA CYS A 60 8.08 -3.68 7.37
C CYS A 60 9.00 -2.64 8.01
N HIS A 61 8.90 -2.50 9.33
CA HIS A 61 9.71 -1.54 10.06
C HIS A 61 11.19 -1.73 9.73
N LYS A 62 11.65 -2.97 9.73
CA LYS A 62 13.04 -3.28 9.43
C LYS A 62 13.29 -4.78 9.51
N PRO A 63 14.40 -5.23 8.89
CA PRO A 63 15.31 -4.35 8.16
C PRO A 63 14.69 -3.80 6.88
N CYS A 64 13.58 -4.41 6.46
CA CYS A 64 12.89 -3.99 5.25
C CYS A 64 13.09 -2.50 5.00
N TYR A 65 12.37 -1.68 5.76
CA TYR A 65 12.46 -0.22 5.61
C TYR A 65 13.91 0.24 5.77
N ALA A 66 14.52 -0.11 6.90
CA ALA A 66 15.91 0.26 7.17
C ALA A 66 16.74 0.23 5.89
N THR A 67 16.90 -0.97 5.34
CA THR A 67 17.68 -1.14 4.11
C THR A 67 17.29 -0.11 3.06
N LEU A 68 16.00 -0.03 2.76
CA LEU A 68 15.50 0.92 1.77
C LEU A 68 16.00 2.33 2.07
N PHE A 69 15.93 2.73 3.34
CA PHE A 69 16.38 4.06 3.76
C PHE A 69 17.61 3.95 4.63
N GLY A 70 18.66 3.31 4.11
CA GLY A 70 19.89 3.16 4.86
C GLY A 70 20.68 1.95 4.44
N SER A 71 21.99 2.11 4.26
CA SER A 71 22.85 1.02 3.85
C SER A 71 22.32 0.34 2.60
N GLY A 72 21.88 1.15 1.63
CA GLY A 72 21.34 0.60 0.39
C GLY A 72 21.79 1.38 -0.83
N PRO A 73 22.07 0.66 -1.92
CA PRO A 73 22.52 1.26 -3.17
C PRO A 73 21.42 2.06 -3.86
N SER A 74 21.36 3.36 -3.57
CA SER A 74 20.35 4.22 -4.16
C SER A 74 20.66 4.50 -5.63
N SER A 75 21.91 4.88 -5.90
CA SER A 75 22.32 5.19 -7.26
C SER A 75 23.77 4.75 -7.49
N GLY A 76 24.00 4.01 -8.57
CA GLY A 76 25.33 3.54 -8.88
C GLY A 76 25.85 4.08 -10.20
N GLY A 1 -25.37 -1.23 -26.04
CA GLY A 1 -25.75 -1.56 -24.68
C GLY A 1 -25.44 -0.44 -23.70
N SER A 2 -25.98 -0.55 -22.49
CA SER A 2 -25.75 0.46 -21.46
C SER A 2 -25.99 -0.13 -20.07
N SER A 3 -25.25 0.38 -19.09
CA SER A 3 -25.39 -0.08 -17.72
C SER A 3 -25.09 1.03 -16.73
N GLY A 4 -25.96 1.20 -15.73
CA GLY A 4 -25.78 2.24 -14.74
C GLY A 4 -25.18 1.71 -13.46
N SER A 5 -24.06 1.01 -13.56
CA SER A 5 -23.40 0.44 -12.40
C SER A 5 -22.83 1.53 -11.50
N SER A 6 -23.71 2.11 -10.68
CA SER A 6 -23.30 3.18 -9.76
C SER A 6 -21.99 2.82 -9.06
N GLY A 7 -20.90 3.44 -9.50
CA GLY A 7 -19.61 3.18 -8.91
C GLY A 7 -18.92 4.45 -8.45
N MET A 8 -18.95 4.70 -7.15
CA MET A 8 -18.33 5.89 -6.58
C MET A 8 -17.52 5.54 -5.33
N ALA A 9 -16.23 5.30 -5.51
CA ALA A 9 -15.36 4.95 -4.41
C ALA A 9 -13.95 5.51 -4.61
N SER A 10 -13.07 5.25 -3.66
CA SER A 10 -11.69 5.73 -3.74
C SER A 10 -10.82 4.79 -4.56
N LYS A 11 -9.65 5.26 -4.95
CA LYS A 11 -8.72 4.45 -5.74
C LYS A 11 -7.68 3.79 -4.85
N CYS A 12 -6.91 2.87 -5.42
CA CYS A 12 -5.88 2.16 -4.69
C CYS A 12 -4.50 2.64 -5.10
N PRO A 13 -3.69 3.05 -4.11
CA PRO A 13 -2.32 3.55 -4.36
C PRO A 13 -1.38 2.43 -4.78
N LYS A 14 -1.93 1.25 -5.01
CA LYS A 14 -1.13 0.10 -5.44
C LYS A 14 -1.41 -0.25 -6.90
N CYS A 15 -2.67 -0.51 -7.21
CA CYS A 15 -3.07 -0.85 -8.57
C CYS A 15 -3.96 0.22 -9.17
N ASP A 16 -3.91 1.42 -8.58
CA ASP A 16 -4.72 2.53 -9.05
C ASP A 16 -6.09 2.05 -9.54
N LYS A 17 -6.77 1.26 -8.70
CA LYS A 17 -8.08 0.74 -9.04
C LYS A 17 -9.14 1.26 -8.08
N THR A 18 -10.40 1.26 -8.53
CA THR A 18 -11.50 1.74 -7.71
C THR A 18 -11.86 0.73 -6.64
N VAL A 19 -11.25 0.86 -5.47
CA VAL A 19 -11.50 -0.04 -4.35
C VAL A 19 -12.98 0.03 -3.93
N TYR A 20 -13.55 -1.14 -3.64
CA TYR A 20 -14.95 -1.22 -3.24
C TYR A 20 -15.08 -1.06 -1.72
N PHE A 21 -16.14 -0.38 -1.30
CA PHE A 21 -16.38 -0.15 0.13
C PHE A 21 -16.53 -1.48 0.87
N ALA A 22 -16.97 -2.50 0.15
CA ALA A 22 -17.14 -3.83 0.74
C ALA A 22 -15.80 -4.50 1.02
N GLU A 23 -14.75 -3.98 0.39
CA GLU A 23 -13.41 -4.53 0.58
C GLU A 23 -12.42 -3.42 0.91
N LYS A 24 -12.93 -2.25 1.25
CA LYS A 24 -12.08 -1.11 1.58
C LYS A 24 -11.34 -1.35 2.89
N VAL A 25 -10.09 -0.92 2.95
CA VAL A 25 -9.27 -1.08 4.15
C VAL A 25 -8.40 0.14 4.40
N SER A 26 -8.59 0.76 5.56
CA SER A 26 -7.82 1.96 5.92
C SER A 26 -6.39 1.58 6.31
N SER A 27 -5.45 2.40 5.87
CA SER A 27 -4.03 2.16 6.17
C SER A 27 -3.19 3.39 5.85
N LEU A 28 -2.64 4.00 6.88
CA LEU A 28 -1.80 5.19 6.71
C LEU A 28 -2.61 6.33 6.09
N GLY A 29 -3.91 6.35 6.35
CA GLY A 29 -4.77 7.39 5.81
C GLY A 29 -5.02 7.21 4.33
N LYS A 30 -5.20 5.96 3.91
CA LYS A 30 -5.46 5.66 2.50
C LYS A 30 -6.25 4.38 2.36
N ASP A 31 -6.81 4.15 1.17
CA ASP A 31 -7.60 2.96 0.91
C ASP A 31 -6.84 1.98 0.02
N TRP A 32 -6.52 0.82 0.56
CA TRP A 32 -5.79 -0.20 -0.20
C TRP A 32 -6.64 -1.44 -0.40
N HIS A 33 -6.06 -2.45 -1.04
CA HIS A 33 -6.77 -3.70 -1.30
C HIS A 33 -6.33 -4.79 -0.31
N LYS A 34 -7.24 -5.71 -0.02
CA LYS A 34 -6.95 -6.80 0.90
C LYS A 34 -5.88 -7.72 0.34
N PHE A 35 -5.51 -7.50 -0.91
CA PHE A 35 -4.49 -8.31 -1.57
C PHE A 35 -3.25 -7.48 -1.87
N CYS A 36 -3.43 -6.16 -1.97
CA CYS A 36 -2.31 -5.26 -2.25
C CYS A 36 -1.51 -4.98 -0.98
N LEU A 37 -2.20 -4.99 0.16
CA LEU A 37 -1.55 -4.74 1.44
C LEU A 37 -0.53 -5.82 1.76
N LYS A 38 0.61 -5.77 1.08
CA LYS A 38 1.67 -6.75 1.29
C LYS A 38 3.05 -6.11 1.13
N CYS A 39 4.02 -6.59 1.89
CA CYS A 39 5.37 -6.06 1.85
C CYS A 39 6.12 -6.63 0.64
N GLU A 40 6.48 -5.74 -0.30
CA GLU A 40 7.19 -6.15 -1.50
C GLU A 40 8.65 -6.50 -1.17
N ARG A 41 8.99 -6.42 0.11
CA ARG A 41 10.35 -6.72 0.56
C ARG A 41 10.47 -8.18 0.97
N CYS A 42 9.58 -8.61 1.86
CA CYS A 42 9.58 -9.98 2.35
C CYS A 42 8.26 -10.69 2.03
N SER A 43 7.50 -10.10 1.10
CA SER A 43 6.22 -10.68 0.71
C SER A 43 5.47 -11.23 1.92
N LYS A 44 5.47 -10.46 3.01
CA LYS A 44 4.79 -10.86 4.23
C LYS A 44 3.48 -10.12 4.40
N THR A 45 2.66 -10.58 5.35
CA THR A 45 1.37 -9.95 5.60
C THR A 45 1.50 -8.83 6.63
N LEU A 46 1.13 -7.62 6.21
CA LEU A 46 1.20 -6.45 7.08
C LEU A 46 -0.15 -6.18 7.73
N THR A 47 -0.16 -5.22 8.66
CA THR A 47 -1.39 -4.86 9.37
C THR A 47 -1.82 -3.44 9.02
N PRO A 48 -3.10 -3.29 8.65
CA PRO A 48 -3.67 -1.99 8.29
C PRO A 48 -3.81 -1.06 9.48
N GLY A 49 -2.75 -0.29 9.75
CA GLY A 49 -2.76 0.62 10.87
C GLY A 49 -1.55 0.47 11.77
N GLY A 50 -0.38 0.35 11.16
CA GLY A 50 0.85 0.19 11.93
C GLY A 50 1.98 -0.38 11.10
N HIS A 51 2.32 0.29 10.01
CA HIS A 51 3.39 -0.16 9.13
C HIS A 51 4.05 1.01 8.43
N ALA A 52 5.23 0.78 7.87
CA ALA A 52 5.97 1.82 7.16
C ALA A 52 5.65 1.82 5.67
N GLU A 53 5.81 2.97 5.04
CA GLU A 53 5.54 3.10 3.61
C GLU A 53 6.65 3.87 2.91
N HIS A 54 6.88 3.53 1.64
CA HIS A 54 7.92 4.18 0.86
C HIS A 54 7.55 4.21 -0.62
N ASP A 55 7.46 5.41 -1.19
CA ASP A 55 7.11 5.58 -2.59
C ASP A 55 5.73 4.99 -2.88
N GLY A 56 4.87 5.01 -1.87
CA GLY A 56 3.52 4.48 -2.04
C GLY A 56 3.44 2.99 -1.73
N LYS A 57 4.58 2.32 -1.80
CA LYS A 57 4.65 0.89 -1.53
C LYS A 57 4.91 0.61 -0.05
N PRO A 58 4.11 -0.29 0.53
CA PRO A 58 4.24 -0.65 1.95
C PRO A 58 5.52 -1.44 2.24
N PHE A 59 6.00 -1.35 3.47
CA PHE A 59 7.21 -2.05 3.86
C PHE A 59 7.32 -2.13 5.39
N CYS A 60 7.67 -3.31 5.88
CA CYS A 60 7.81 -3.54 7.32
C CYS A 60 8.69 -2.46 7.95
N HIS A 61 8.65 -2.39 9.27
CA HIS A 61 9.44 -1.40 10.01
C HIS A 61 10.92 -1.55 9.68
N LYS A 62 11.43 -2.78 9.76
CA LYS A 62 12.83 -3.06 9.48
C LYS A 62 13.14 -4.55 9.67
N PRO A 63 14.26 -4.99 9.08
CA PRO A 63 15.15 -4.13 8.30
C PRO A 63 14.52 -3.70 6.99
N CYS A 64 13.44 -4.36 6.60
CA CYS A 64 12.75 -4.04 5.36
C CYS A 64 12.90 -2.57 5.01
N TYR A 65 12.15 -1.72 5.70
CA TYR A 65 12.20 -0.28 5.45
C TYR A 65 13.62 0.25 5.66
N ALA A 66 14.24 -0.14 6.77
CA ALA A 66 15.59 0.30 7.08
C ALA A 66 16.48 0.27 5.83
N THR A 67 16.71 -0.93 5.31
CA THR A 67 17.54 -1.08 4.12
C THR A 67 17.25 0.01 3.10
N LEU A 68 16.02 0.52 3.11
CA LEU A 68 15.62 1.57 2.18
C LEU A 68 16.08 2.93 2.68
N PHE A 69 15.98 3.15 3.98
CA PHE A 69 16.39 4.42 4.58
C PHE A 69 17.59 4.21 5.50
N GLY A 70 18.78 4.14 4.90
CA GLY A 70 19.99 3.95 5.69
C GLY A 70 21.08 3.22 4.91
N SER A 71 22.15 3.93 4.59
CA SER A 71 23.26 3.34 3.84
C SER A 71 24.59 3.65 4.51
N GLY A 72 25.14 2.66 5.20
CA GLY A 72 26.42 2.85 5.88
C GLY A 72 26.31 2.63 7.37
N PRO A 73 26.05 1.38 7.79
CA PRO A 73 25.92 1.02 9.20
C PRO A 73 27.25 1.11 9.95
N SER A 74 28.34 0.79 9.25
CA SER A 74 29.67 0.83 9.85
C SER A 74 30.74 1.04 8.79
N SER A 75 31.67 1.95 9.08
CA SER A 75 32.75 2.26 8.14
C SER A 75 32.20 2.81 6.83
N GLY A 76 31.20 3.69 6.94
CA GLY A 76 30.59 4.28 5.77
C GLY A 76 30.28 5.75 5.95
N GLY A 1 -27.38 1.16 -27.20
CA GLY A 1 -26.21 0.68 -26.49
C GLY A 1 -25.75 1.65 -25.42
N SER A 2 -25.89 1.25 -24.16
CA SER A 2 -25.49 2.10 -23.04
C SER A 2 -24.47 1.38 -22.16
N SER A 3 -23.43 2.10 -21.77
CA SER A 3 -22.38 1.53 -20.93
C SER A 3 -21.71 2.61 -20.09
N GLY A 4 -21.83 2.50 -18.77
CA GLY A 4 -21.24 3.48 -17.88
C GLY A 4 -21.12 2.97 -16.45
N SER A 5 -19.89 2.65 -16.05
CA SER A 5 -19.64 2.15 -14.70
C SER A 5 -20.03 3.18 -13.65
N SER A 6 -20.98 2.81 -12.79
CA SER A 6 -21.45 3.71 -11.73
C SER A 6 -20.76 3.40 -10.41
N GLY A 7 -20.46 4.45 -9.66
CA GLY A 7 -19.79 4.28 -8.37
C GLY A 7 -18.28 4.45 -8.47
N MET A 8 -17.81 5.66 -8.19
CA MET A 8 -16.38 5.96 -8.25
C MET A 8 -15.83 6.21 -6.85
N ALA A 9 -14.98 5.30 -6.38
CA ALA A 9 -14.37 5.44 -5.06
C ALA A 9 -12.86 5.62 -5.17
N SER A 10 -12.24 6.03 -4.07
CA SER A 10 -10.80 6.25 -4.03
C SER A 10 -10.07 5.09 -4.72
N LYS A 11 -9.01 5.43 -5.46
CA LYS A 11 -8.23 4.42 -6.16
C LYS A 11 -7.18 3.82 -5.24
N CYS A 12 -6.57 2.72 -5.68
CA CYS A 12 -5.55 2.04 -4.89
C CYS A 12 -4.16 2.37 -5.40
N PRO A 13 -3.29 2.85 -4.49
CA PRO A 13 -1.92 3.22 -4.82
C PRO A 13 -1.05 2.01 -5.16
N LYS A 14 -1.68 0.84 -5.23
CA LYS A 14 -0.97 -0.40 -5.53
C LYS A 14 -1.30 -0.88 -6.94
N CYS A 15 -2.56 -1.13 -7.20
CA CYS A 15 -3.01 -1.59 -8.51
C CYS A 15 -3.77 -0.49 -9.24
N ASP A 16 -3.65 0.74 -8.75
CA ASP A 16 -4.33 1.87 -9.36
C ASP A 16 -5.73 1.49 -9.82
N LYS A 17 -6.50 0.89 -8.92
CA LYS A 17 -7.86 0.46 -9.24
C LYS A 17 -8.86 1.09 -8.27
N THR A 18 -10.14 1.00 -8.62
CA THR A 18 -11.19 1.56 -7.77
C THR A 18 -11.47 0.67 -6.57
N VAL A 19 -11.03 1.11 -5.39
CA VAL A 19 -11.24 0.36 -4.16
C VAL A 19 -12.68 0.44 -3.69
N TYR A 20 -13.39 -0.68 -3.74
CA TYR A 20 -14.78 -0.73 -3.32
C TYR A 20 -14.89 -0.58 -1.81
N PHE A 21 -15.99 0.04 -1.37
CA PHE A 21 -16.22 0.25 0.06
C PHE A 21 -16.29 -1.08 0.80
N ALA A 22 -16.62 -2.14 0.07
CA ALA A 22 -16.72 -3.47 0.66
C ALA A 22 -15.36 -3.98 1.11
N GLU A 23 -14.40 -3.99 0.18
CA GLU A 23 -13.06 -4.45 0.49
C GLU A 23 -12.14 -3.28 0.84
N LYS A 24 -12.74 -2.11 0.97
CA LYS A 24 -11.98 -0.89 1.30
C LYS A 24 -11.40 -1.00 2.71
N VAL A 25 -10.06 -0.97 2.79
CA VAL A 25 -9.39 -1.06 4.09
C VAL A 25 -8.62 0.23 4.38
N SER A 26 -8.83 0.77 5.58
CA SER A 26 -8.16 2.00 5.98
C SER A 26 -6.78 1.69 6.57
N SER A 27 -5.79 2.46 6.13
CA SER A 27 -4.42 2.27 6.60
C SER A 27 -3.55 3.48 6.25
N LEU A 28 -2.87 4.02 7.24
CA LEU A 28 -2.00 5.18 7.04
C LEU A 28 -2.76 6.31 6.35
N GLY A 29 -4.07 6.35 6.56
CA GLY A 29 -4.88 7.38 5.95
C GLY A 29 -5.08 7.16 4.46
N LYS A 30 -4.97 5.91 4.03
CA LYS A 30 -5.13 5.58 2.61
C LYS A 30 -6.12 4.43 2.45
N ASP A 31 -6.42 4.09 1.19
CA ASP A 31 -7.34 3.01 0.90
C ASP A 31 -6.69 1.96 0.00
N TRP A 32 -6.40 0.79 0.56
CA TRP A 32 -5.78 -0.28 -0.19
C TRP A 32 -6.70 -1.50 -0.28
N HIS A 33 -6.19 -2.58 -0.87
CA HIS A 33 -6.97 -3.80 -1.02
C HIS A 33 -6.55 -4.85 0.02
N LYS A 34 -7.39 -5.86 0.20
CA LYS A 34 -7.12 -6.93 1.15
C LYS A 34 -6.03 -7.85 0.63
N PHE A 35 -5.64 -7.67 -0.63
CA PHE A 35 -4.62 -8.50 -1.24
C PHE A 35 -3.37 -7.67 -1.53
N CYS A 36 -3.54 -6.37 -1.65
CA CYS A 36 -2.42 -5.47 -1.93
C CYS A 36 -1.62 -5.18 -0.66
N LEU A 37 -2.32 -4.96 0.44
CA LEU A 37 -1.68 -4.68 1.72
C LEU A 37 -0.64 -5.74 2.05
N LYS A 38 0.58 -5.54 1.54
CA LYS A 38 1.67 -6.49 1.78
C LYS A 38 3.01 -5.87 1.41
N CYS A 39 4.10 -6.50 1.84
CA CYS A 39 5.44 -6.02 1.54
C CYS A 39 5.88 -6.46 0.15
N GLU A 40 6.62 -5.59 -0.53
CA GLU A 40 7.11 -5.88 -1.88
C GLU A 40 8.54 -6.40 -1.84
N ARG A 41 9.07 -6.55 -0.62
CA ARG A 41 10.43 -7.04 -0.45
C ARG A 41 10.45 -8.49 0.02
N CYS A 42 9.77 -8.74 1.14
CA CYS A 42 9.70 -10.09 1.70
C CYS A 42 8.31 -10.68 1.51
N SER A 43 7.54 -10.09 0.61
CA SER A 43 6.18 -10.55 0.34
C SER A 43 5.50 -11.03 1.62
N LYS A 44 5.81 -10.36 2.73
CA LYS A 44 5.22 -10.71 4.02
C LYS A 44 3.94 -9.92 4.27
N THR A 45 2.98 -10.56 4.93
CA THR A 45 1.70 -9.92 5.23
C THR A 45 1.89 -8.74 6.17
N LEU A 46 1.05 -7.72 6.02
CA LEU A 46 1.12 -6.53 6.86
C LEU A 46 -0.22 -6.25 7.52
N THR A 47 -0.22 -5.30 8.46
CA THR A 47 -1.44 -4.94 9.17
C THR A 47 -1.89 -3.53 8.81
N PRO A 48 -3.20 -3.38 8.55
CA PRO A 48 -3.78 -2.08 8.19
C PRO A 48 -3.79 -1.09 9.35
N GLY A 49 -2.81 -0.19 9.35
CA GLY A 49 -2.72 0.79 10.42
C GLY A 49 -1.55 0.53 11.35
N GLY A 50 -0.41 0.20 10.78
CA GLY A 50 0.77 -0.07 11.59
C GLY A 50 1.92 -0.61 10.77
N HIS A 51 2.32 0.14 9.74
CA HIS A 51 3.42 -0.26 8.88
C HIS A 51 4.09 0.94 8.24
N ALA A 52 5.17 0.71 7.51
CA ALA A 52 5.90 1.78 6.85
C ALA A 52 5.52 1.88 5.38
N GLU A 53 5.62 3.08 4.82
CA GLU A 53 5.28 3.32 3.43
C GLU A 53 6.43 4.02 2.70
N HIS A 54 6.72 3.55 1.49
CA HIS A 54 7.79 4.12 0.69
C HIS A 54 7.41 4.16 -0.79
N ASP A 55 7.63 5.31 -1.42
CA ASP A 55 7.30 5.48 -2.84
C ASP A 55 5.89 4.97 -3.13
N GLY A 56 5.04 4.98 -2.11
CA GLY A 56 3.68 4.52 -2.28
C GLY A 56 3.50 3.07 -1.89
N LYS A 57 4.59 2.30 -1.96
CA LYS A 57 4.55 0.88 -1.62
C LYS A 57 4.97 0.66 -0.17
N PRO A 58 4.15 -0.11 0.57
CA PRO A 58 4.42 -0.41 1.97
C PRO A 58 5.61 -1.34 2.15
N PHE A 59 6.18 -1.34 3.35
CA PHE A 59 7.34 -2.18 3.65
C PHE A 59 7.47 -2.41 5.15
N CYS A 60 8.06 -3.55 5.53
CA CYS A 60 8.25 -3.89 6.93
C CYS A 60 9.12 -2.85 7.62
N HIS A 61 8.84 -2.61 8.90
CA HIS A 61 9.60 -1.64 9.68
C HIS A 61 11.10 -1.85 9.49
N LYS A 62 11.51 -3.11 9.41
CA LYS A 62 12.92 -3.44 9.24
C LYS A 62 13.13 -4.96 9.26
N PRO A 63 14.26 -5.41 8.70
CA PRO A 63 15.26 -4.51 8.10
C PRO A 63 14.76 -3.88 6.80
N CYS A 64 13.74 -4.49 6.21
CA CYS A 64 13.16 -3.99 4.97
C CYS A 64 13.32 -2.48 4.87
N TYR A 65 12.48 -1.74 5.59
CA TYR A 65 12.52 -0.29 5.58
C TYR A 65 13.89 0.22 6.02
N ALA A 66 14.37 -0.27 7.16
CA ALA A 66 15.66 0.12 7.69
C ALA A 66 16.68 0.31 6.56
N THR A 67 16.70 -0.64 5.63
CA THR A 67 17.63 -0.58 4.50
C THR A 67 17.11 0.34 3.42
N LEU A 68 15.85 0.16 3.03
CA LEU A 68 15.23 0.98 2.00
C LEU A 68 15.63 2.44 2.15
N PHE A 69 15.83 2.87 3.40
CA PHE A 69 16.22 4.24 3.68
C PHE A 69 17.63 4.30 4.26
N GLY A 70 17.89 3.46 5.26
CA GLY A 70 19.20 3.44 5.88
C GLY A 70 20.32 3.66 4.89
N SER A 71 20.17 3.10 3.69
CA SER A 71 21.18 3.23 2.65
C SER A 71 20.86 4.41 1.74
N GLY A 72 21.39 5.58 2.10
CA GLY A 72 21.15 6.78 1.31
C GLY A 72 22.39 7.21 0.53
N PRO A 73 22.43 6.86 -0.77
CA PRO A 73 23.55 7.20 -1.64
C PRO A 73 23.61 8.69 -1.95
N SER A 74 24.83 9.24 -1.95
CA SER A 74 25.02 10.66 -2.23
C SER A 74 24.35 11.05 -3.54
N SER A 75 23.60 12.15 -3.49
CA SER A 75 22.89 12.64 -4.68
C SER A 75 23.36 14.06 -5.04
N GLY A 76 23.22 14.97 -4.09
CA GLY A 76 23.64 16.34 -4.33
C GLY A 76 23.33 17.26 -3.16
N GLY A 1 -34.11 -0.37 -23.51
CA GLY A 1 -32.85 -0.59 -22.83
C GLY A 1 -32.40 0.62 -22.03
N SER A 2 -32.24 0.42 -20.73
CA SER A 2 -31.82 1.50 -19.85
C SER A 2 -31.00 0.96 -18.67
N SER A 3 -29.71 1.29 -18.66
CA SER A 3 -28.83 0.82 -17.60
C SER A 3 -27.54 1.65 -17.57
N GLY A 4 -26.71 1.42 -16.56
CA GLY A 4 -25.46 2.14 -16.43
C GLY A 4 -24.78 1.90 -15.10
N SER A 5 -23.46 1.93 -15.10
CA SER A 5 -22.68 1.70 -13.88
C SER A 5 -22.52 2.99 -13.10
N SER A 6 -22.80 2.94 -11.80
CA SER A 6 -22.68 4.11 -10.94
C SER A 6 -21.92 3.77 -9.66
N GLY A 7 -20.65 4.17 -9.62
CA GLY A 7 -19.84 3.90 -8.45
C GLY A 7 -18.82 4.99 -8.18
N MET A 8 -18.82 5.52 -6.96
CA MET A 8 -17.90 6.58 -6.58
C MET A 8 -17.10 6.18 -5.34
N ALA A 9 -15.93 5.59 -5.56
CA ALA A 9 -15.07 5.17 -4.46
C ALA A 9 -13.63 5.66 -4.66
N SER A 10 -12.82 5.55 -3.62
CA SER A 10 -11.43 5.98 -3.67
C SER A 10 -10.58 4.97 -4.44
N LYS A 11 -9.48 5.45 -5.01
CA LYS A 11 -8.58 4.59 -5.77
C LYS A 11 -7.52 3.98 -4.86
N CYS A 12 -6.78 3.00 -5.39
CA CYS A 12 -5.74 2.34 -4.63
C CYS A 12 -4.35 2.75 -5.14
N PRO A 13 -3.51 3.22 -4.21
CA PRO A 13 -2.14 3.66 -4.53
C PRO A 13 -1.23 2.49 -4.91
N LYS A 14 -1.82 1.30 -5.01
CA LYS A 14 -1.08 0.10 -5.36
C LYS A 14 -1.40 -0.35 -6.78
N CYS A 15 -2.69 -0.51 -7.07
CA CYS A 15 -3.13 -0.93 -8.39
C CYS A 15 -3.94 0.17 -9.08
N ASP A 16 -3.85 1.38 -8.52
CA ASP A 16 -4.58 2.51 -9.08
C ASP A 16 -5.97 2.11 -9.55
N LYS A 17 -6.68 1.37 -8.70
CA LYS A 17 -8.02 0.91 -9.03
C LYS A 17 -9.05 1.44 -8.03
N THR A 18 -10.30 1.53 -8.45
CA THR A 18 -11.37 2.03 -7.60
C THR A 18 -11.67 1.05 -6.48
N VAL A 19 -11.01 1.24 -5.33
CA VAL A 19 -11.21 0.37 -4.18
C VAL A 19 -12.69 0.24 -3.84
N TYR A 20 -13.14 -1.00 -3.65
CA TYR A 20 -14.53 -1.26 -3.32
C TYR A 20 -14.77 -1.17 -1.82
N PHE A 21 -15.70 -0.31 -1.41
CA PHE A 21 -16.02 -0.13 0.00
C PHE A 21 -16.19 -1.48 0.70
N ALA A 22 -16.79 -2.43 -0.01
CA ALA A 22 -17.00 -3.76 0.54
C ALA A 22 -15.71 -4.36 1.06
N GLU A 23 -14.66 -4.29 0.24
CA GLU A 23 -13.35 -4.83 0.64
C GLU A 23 -12.35 -3.70 0.88
N LYS A 24 -12.86 -2.50 1.08
CA LYS A 24 -12.02 -1.33 1.32
C LYS A 24 -11.40 -1.39 2.72
N VAL A 25 -10.08 -1.33 2.78
CA VAL A 25 -9.38 -1.37 4.06
C VAL A 25 -8.63 -0.07 4.31
N SER A 26 -9.07 0.68 5.32
CA SER A 26 -8.44 1.94 5.66
C SER A 26 -7.09 1.72 6.34
N SER A 27 -6.14 2.59 6.06
CA SER A 27 -4.80 2.48 6.64
C SER A 27 -3.96 3.71 6.30
N LEU A 28 -3.25 4.23 7.29
CA LEU A 28 -2.41 5.40 7.11
C LEU A 28 -3.15 6.50 6.35
N GLY A 29 -4.46 6.60 6.61
CA GLY A 29 -5.26 7.61 5.95
C GLY A 29 -5.41 7.36 4.46
N LYS A 30 -5.37 6.09 4.07
CA LYS A 30 -5.50 5.72 2.67
C LYS A 30 -6.43 4.53 2.50
N ASP A 31 -6.63 4.11 1.25
CA ASP A 31 -7.50 2.97 0.96
C ASP A 31 -6.80 1.97 0.05
N TRP A 32 -6.49 0.80 0.60
CA TRP A 32 -5.82 -0.25 -0.16
C TRP A 32 -6.70 -1.49 -0.28
N HIS A 33 -6.15 -2.54 -0.87
CA HIS A 33 -6.90 -3.78 -1.05
C HIS A 33 -6.40 -4.85 -0.08
N LYS A 34 -7.17 -5.93 0.04
CA LYS A 34 -6.81 -7.02 0.94
C LYS A 34 -5.63 -7.82 0.39
N PHE A 35 -5.39 -7.68 -0.90
CA PHE A 35 -4.29 -8.38 -1.55
C PHE A 35 -3.12 -7.43 -1.82
N CYS A 36 -3.38 -6.14 -1.72
CA CYS A 36 -2.35 -5.13 -1.96
C CYS A 36 -1.59 -4.83 -0.68
N LEU A 37 -2.30 -4.78 0.44
CA LEU A 37 -1.69 -4.50 1.73
C LEU A 37 -0.67 -5.57 2.08
N LYS A 38 0.50 -5.49 1.46
CA LYS A 38 1.57 -6.45 1.71
C LYS A 38 2.92 -5.88 1.28
N CYS A 39 4.00 -6.51 1.76
CA CYS A 39 5.35 -6.07 1.43
C CYS A 39 5.76 -6.54 0.05
N GLU A 40 6.53 -5.72 -0.65
CA GLU A 40 6.99 -6.06 -2.00
C GLU A 40 8.41 -6.59 -1.96
N ARG A 41 9.08 -6.43 -0.83
CA ARG A 41 10.45 -6.90 -0.67
C ARG A 41 10.48 -8.31 -0.08
N CYS A 42 9.87 -8.46 1.10
CA CYS A 42 9.82 -9.75 1.77
C CYS A 42 8.61 -10.56 1.32
N SER A 43 7.53 -9.86 0.99
CA SER A 43 6.30 -10.50 0.54
C SER A 43 5.58 -11.17 1.70
N LYS A 44 5.42 -10.43 2.78
CA LYS A 44 4.74 -10.94 3.97
C LYS A 44 3.46 -10.15 4.26
N THR A 45 2.51 -10.81 4.92
CA THR A 45 1.24 -10.17 5.25
C THR A 45 1.44 -9.02 6.23
N LEU A 46 0.93 -7.85 5.86
CA LEU A 46 1.06 -6.66 6.69
C LEU A 46 -0.28 -6.31 7.35
N THR A 47 -0.24 -5.43 8.34
CA THR A 47 -1.45 -5.01 9.03
C THR A 47 -1.74 -3.54 8.80
N PRO A 48 -3.02 -3.21 8.56
CA PRO A 48 -3.45 -1.83 8.32
C PRO A 48 -3.38 -0.96 9.57
N GLY A 49 -2.25 -0.27 9.73
CA GLY A 49 -2.07 0.59 10.89
C GLY A 49 -0.66 0.51 11.45
N GLY A 50 -0.03 -0.66 11.31
CA GLY A 50 1.31 -0.83 11.82
C GLY A 50 2.29 -1.27 10.74
N HIS A 51 2.59 -0.35 9.82
CA HIS A 51 3.52 -0.64 8.73
C HIS A 51 4.14 0.64 8.19
N ALA A 52 5.25 0.50 7.46
CA ALA A 52 5.95 1.65 6.90
C ALA A 52 5.57 1.84 5.44
N GLU A 53 5.84 3.03 4.91
CA GLU A 53 5.53 3.34 3.51
C GLU A 53 6.73 3.99 2.82
N HIS A 54 6.93 3.63 1.56
CA HIS A 54 8.04 4.17 0.78
C HIS A 54 7.67 4.30 -0.69
N ASP A 55 7.54 5.52 -1.17
CA ASP A 55 7.18 5.78 -2.56
C ASP A 55 5.80 5.20 -2.88
N GLY A 56 4.96 5.08 -1.85
CA GLY A 56 3.63 4.54 -2.04
C GLY A 56 3.54 3.08 -1.69
N LYS A 57 4.65 2.37 -1.80
CA LYS A 57 4.70 0.94 -1.50
C LYS A 57 5.06 0.71 -0.03
N PRO A 58 4.26 -0.12 0.65
CA PRO A 58 4.48 -0.44 2.07
C PRO A 58 5.73 -1.29 2.29
N PHE A 59 6.26 -1.26 3.50
CA PHE A 59 7.45 -2.03 3.84
C PHE A 59 7.60 -2.17 5.35
N CYS A 60 8.08 -3.33 5.79
CA CYS A 60 8.26 -3.60 7.21
C CYS A 60 9.21 -2.57 7.83
N HIS A 61 8.97 -2.27 9.11
CA HIS A 61 9.79 -1.29 9.83
C HIS A 61 11.28 -1.56 9.58
N LYS A 62 11.65 -2.83 9.52
CA LYS A 62 13.03 -3.21 9.29
C LYS A 62 13.19 -4.73 9.34
N PRO A 63 14.27 -5.23 8.70
CA PRO A 63 15.24 -4.39 8.01
C PRO A 63 14.67 -3.78 6.73
N CYS A 64 13.59 -4.37 6.23
CA CYS A 64 12.94 -3.88 5.03
C CYS A 64 13.15 -2.37 4.86
N TYR A 65 12.38 -1.60 5.63
CA TYR A 65 12.47 -0.15 5.58
C TYR A 65 13.90 0.31 5.86
N ALA A 66 14.43 -0.07 7.01
CA ALA A 66 15.78 0.30 7.40
C ALA A 66 16.71 0.33 6.19
N THR A 67 16.93 -0.84 5.59
CA THR A 67 17.80 -0.94 4.42
C THR A 67 17.36 0.01 3.32
N LEU A 68 16.10 -0.10 2.90
CA LEU A 68 15.56 0.75 1.85
C LEU A 68 16.01 2.19 2.04
N PHE A 69 16.13 2.62 3.30
CA PHE A 69 16.54 3.98 3.62
C PHE A 69 17.95 3.98 4.23
N GLY A 70 18.83 3.17 3.67
CA GLY A 70 20.19 3.09 4.17
C GLY A 70 21.17 3.85 3.30
N SER A 71 22.25 4.35 3.91
CA SER A 71 23.27 5.10 3.19
C SER A 71 24.21 4.17 2.44
N GLY A 72 24.91 4.71 1.45
CA GLY A 72 25.84 3.91 0.67
C GLY A 72 25.48 3.87 -0.79
N PRO A 73 25.87 2.79 -1.47
CA PRO A 73 25.60 2.61 -2.91
C PRO A 73 24.12 2.37 -3.19
N SER A 74 23.41 3.45 -3.50
CA SER A 74 21.98 3.37 -3.79
C SER A 74 21.48 4.65 -4.46
N SER A 75 20.81 4.49 -5.60
CA SER A 75 20.29 5.63 -6.34
C SER A 75 18.98 5.27 -7.04
N GLY A 76 18.16 6.28 -7.30
CA GLY A 76 16.89 6.05 -7.96
C GLY A 76 15.73 5.99 -6.98
N GLY A 1 -29.92 0.03 -21.64
CA GLY A 1 -30.16 1.24 -20.89
C GLY A 1 -28.89 1.80 -20.26
N SER A 2 -28.33 1.07 -19.31
CA SER A 2 -27.11 1.50 -18.63
C SER A 2 -27.34 2.81 -17.89
N SER A 3 -28.48 2.91 -17.22
CA SER A 3 -28.81 4.12 -16.46
C SER A 3 -28.77 3.85 -14.97
N GLY A 4 -27.73 4.35 -14.31
CA GLY A 4 -27.58 4.16 -12.88
C GLY A 4 -26.30 4.78 -12.34
N SER A 5 -25.81 4.23 -11.24
CA SER A 5 -24.59 4.75 -10.61
C SER A 5 -23.39 3.88 -10.98
N SER A 6 -22.21 4.49 -10.99
CA SER A 6 -20.99 3.77 -11.33
C SER A 6 -20.11 3.60 -10.10
N GLY A 7 -19.91 4.68 -9.36
CA GLY A 7 -19.09 4.62 -8.16
C GLY A 7 -17.74 5.30 -8.35
N MET A 8 -17.57 6.46 -7.74
CA MET A 8 -16.32 7.21 -7.84
C MET A 8 -15.48 7.03 -6.59
N ALA A 9 -15.43 5.81 -6.07
CA ALA A 9 -14.65 5.51 -4.87
C ALA A 9 -13.17 5.77 -5.10
N SER A 10 -12.47 6.12 -4.02
CA SER A 10 -11.04 6.41 -4.10
C SER A 10 -10.29 5.24 -4.75
N LYS A 11 -9.22 5.57 -5.46
CA LYS A 11 -8.42 4.55 -6.13
C LYS A 11 -7.43 3.91 -5.16
N CYS A 12 -6.73 2.88 -5.63
CA CYS A 12 -5.76 2.17 -4.80
C CYS A 12 -4.33 2.53 -5.21
N PRO A 13 -3.52 2.97 -4.24
CA PRO A 13 -2.13 3.35 -4.48
C PRO A 13 -1.25 2.15 -4.80
N LYS A 14 -1.88 0.99 -4.96
CA LYS A 14 -1.15 -0.24 -5.26
C LYS A 14 -1.44 -0.70 -6.69
N CYS A 15 -2.72 -0.82 -7.01
CA CYS A 15 -3.14 -1.25 -8.34
C CYS A 15 -3.91 -0.16 -9.06
N ASP A 16 -3.85 1.06 -8.51
CA ASP A 16 -4.54 2.20 -9.10
C ASP A 16 -5.96 1.81 -9.52
N LYS A 17 -6.63 1.04 -8.68
CA LYS A 17 -8.00 0.61 -8.96
C LYS A 17 -8.98 1.22 -7.97
N THR A 18 -10.26 1.21 -8.33
CA THR A 18 -11.30 1.77 -7.47
C THR A 18 -11.64 0.81 -6.34
N VAL A 19 -11.03 1.05 -5.17
CA VAL A 19 -11.28 0.21 -4.01
C VAL A 19 -12.76 0.13 -3.69
N TYR A 20 -13.26 -1.09 -3.49
CA TYR A 20 -14.66 -1.31 -3.18
C TYR A 20 -14.95 -1.00 -1.70
N PHE A 21 -16.22 -0.91 -1.37
CA PHE A 21 -16.64 -0.62 0.00
C PHE A 21 -16.58 -1.89 0.86
N ALA A 22 -16.73 -3.04 0.22
CA ALA A 22 -16.70 -4.31 0.93
C ALA A 22 -15.28 -4.67 1.33
N GLU A 23 -14.34 -4.50 0.40
CA GLU A 23 -12.94 -4.81 0.67
C GLU A 23 -12.16 -3.55 1.05
N LYS A 24 -12.89 -2.51 1.44
CA LYS A 24 -12.28 -1.25 1.82
C LYS A 24 -11.48 -1.40 3.12
N VAL A 25 -10.17 -1.20 3.04
CA VAL A 25 -9.31 -1.32 4.21
C VAL A 25 -8.42 -0.09 4.35
N SER A 26 -8.66 0.68 5.41
CA SER A 26 -7.88 1.89 5.66
C SER A 26 -6.50 1.54 6.20
N SER A 27 -5.53 2.44 5.97
CA SER A 27 -4.17 2.22 6.43
C SER A 27 -3.31 3.45 6.15
N LEU A 28 -2.76 4.03 7.22
CA LEU A 28 -1.91 5.22 7.09
C LEU A 28 -2.64 6.33 6.36
N GLY A 29 -3.94 6.45 6.62
CA GLY A 29 -4.73 7.48 5.98
C GLY A 29 -4.86 7.27 4.48
N LYS A 30 -5.07 6.02 4.08
CA LYS A 30 -5.21 5.68 2.66
C LYS A 30 -6.15 4.50 2.48
N ASP A 31 -6.63 4.32 1.25
CA ASP A 31 -7.54 3.22 0.94
C ASP A 31 -6.86 2.19 0.04
N TRP A 32 -6.57 1.01 0.60
CA TRP A 32 -5.92 -0.05 -0.16
C TRP A 32 -6.84 -1.26 -0.29
N HIS A 33 -6.31 -2.34 -0.87
CA HIS A 33 -7.09 -3.56 -1.05
C HIS A 33 -6.67 -4.63 -0.05
N LYS A 34 -7.23 -5.82 -0.20
CA LYS A 34 -6.92 -6.93 0.69
C LYS A 34 -5.62 -7.62 0.28
N PHE A 35 -5.52 -7.94 -1.01
CA PHE A 35 -4.32 -8.60 -1.53
C PHE A 35 -3.32 -7.58 -2.06
N CYS A 36 -3.38 -6.37 -1.51
CA CYS A 36 -2.48 -5.31 -1.92
C CYS A 36 -1.56 -4.88 -0.76
N LEU A 37 -2.06 -5.01 0.46
CA LEU A 37 -1.30 -4.66 1.65
C LEU A 37 -0.24 -5.71 1.94
N LYS A 38 0.55 -6.05 0.94
CA LYS A 38 1.61 -7.06 1.11
C LYS A 38 2.97 -6.46 0.78
N CYS A 39 3.86 -6.47 1.76
CA CYS A 39 5.21 -5.92 1.58
C CYS A 39 5.71 -6.19 0.17
N GLU A 40 6.56 -5.27 -0.32
CA GLU A 40 7.11 -5.40 -1.67
C GLU A 40 8.53 -5.98 -1.62
N ARG A 41 9.09 -6.06 -0.42
CA ARG A 41 10.44 -6.57 -0.23
C ARG A 41 10.40 -8.02 0.25
N CYS A 42 9.74 -8.24 1.39
CA CYS A 42 9.63 -9.58 1.96
C CYS A 42 8.29 -10.21 1.61
N SER A 43 7.34 -9.38 1.18
CA SER A 43 6.01 -9.85 0.81
C SER A 43 5.42 -10.71 1.93
N LYS A 44 5.42 -10.17 3.14
CA LYS A 44 4.88 -10.87 4.30
C LYS A 44 3.61 -10.19 4.80
N THR A 45 2.55 -10.98 4.98
CA THR A 45 1.28 -10.46 5.46
C THR A 45 1.49 -9.30 6.44
N LEU A 46 0.90 -8.16 6.13
CA LEU A 46 1.02 -6.98 6.98
C LEU A 46 -0.31 -6.64 7.65
N THR A 47 -0.28 -5.69 8.57
CA THR A 47 -1.48 -5.27 9.29
C THR A 47 -1.84 -3.82 8.97
N PRO A 48 -3.10 -3.59 8.57
CA PRO A 48 -3.59 -2.26 8.24
C PRO A 48 -3.71 -1.36 9.45
N GLY A 49 -2.64 -0.62 9.74
CA GLY A 49 -2.65 0.27 10.89
C GLY A 49 -1.43 0.11 11.76
N GLY A 50 -0.26 -0.07 11.13
CA GLY A 50 0.97 -0.25 11.88
C GLY A 50 2.12 -0.71 11.00
N HIS A 51 2.33 -0.03 9.88
CA HIS A 51 3.40 -0.38 8.96
C HIS A 51 3.97 0.86 8.28
N ALA A 52 5.14 0.72 7.68
CA ALA A 52 5.80 1.83 7.01
C ALA A 52 5.46 1.84 5.52
N GLU A 53 5.53 3.01 4.91
CA GLU A 53 5.24 3.16 3.48
C GLU A 53 6.35 3.91 2.77
N HIS A 54 6.68 3.47 1.56
CA HIS A 54 7.73 4.10 0.77
C HIS A 54 7.36 4.12 -0.71
N ASP A 55 7.47 5.28 -1.33
CA ASP A 55 7.15 5.45 -2.74
C ASP A 55 5.81 4.78 -3.06
N GLY A 56 4.89 4.81 -2.10
CA GLY A 56 3.59 4.21 -2.31
C GLY A 56 3.56 2.74 -1.92
N LYS A 57 4.71 2.10 -1.99
CA LYS A 57 4.82 0.68 -1.64
C LYS A 57 5.14 0.50 -0.17
N PRO A 58 4.35 -0.33 0.51
CA PRO A 58 4.53 -0.62 1.94
C PRO A 58 5.79 -1.42 2.22
N PHE A 59 6.27 -1.36 3.46
CA PHE A 59 7.48 -2.09 3.85
C PHE A 59 7.58 -2.19 5.37
N CYS A 60 7.82 -3.40 5.86
CA CYS A 60 7.94 -3.64 7.29
C CYS A 60 8.85 -2.59 7.94
N HIS A 61 8.65 -2.36 9.24
CA HIS A 61 9.45 -1.39 9.98
C HIS A 61 10.94 -1.57 9.66
N LYS A 62 11.40 -2.81 9.68
CA LYS A 62 12.80 -3.12 9.41
C LYS A 62 13.07 -4.61 9.55
N PRO A 63 14.18 -5.07 8.95
CA PRO A 63 15.09 -4.20 8.20
C PRO A 63 14.49 -3.70 6.89
N CYS A 64 13.39 -4.33 6.49
CA CYS A 64 12.71 -3.96 5.26
C CYS A 64 12.90 -2.47 4.96
N TYR A 65 12.16 -1.63 5.69
CA TYR A 65 12.25 -0.18 5.50
C TYR A 65 13.68 0.31 5.71
N ALA A 66 14.26 -0.07 6.85
CA ALA A 66 15.63 0.32 7.18
C ALA A 66 16.53 0.28 5.95
N THR A 67 16.74 -0.93 5.42
CA THR A 67 17.58 -1.12 4.24
C THR A 67 17.27 -0.06 3.19
N LEU A 68 16.05 0.45 3.19
CA LEU A 68 15.63 1.46 2.22
C LEU A 68 15.95 2.86 2.74
N PHE A 69 15.74 3.07 4.04
CA PHE A 69 16.00 4.37 4.65
C PHE A 69 17.04 4.24 5.76
N GLY A 70 18.31 4.29 5.39
CA GLY A 70 19.38 4.18 6.36
C GLY A 70 20.71 4.69 5.83
N SER A 71 21.67 3.78 5.70
CA SER A 71 22.99 4.14 5.21
C SER A 71 23.05 4.06 3.69
N GLY A 72 22.55 5.11 3.03
CA GLY A 72 22.56 5.14 1.57
C GLY A 72 23.95 5.03 0.99
N PRO A 73 24.05 4.42 -0.20
CA PRO A 73 25.33 4.23 -0.89
C PRO A 73 25.90 5.54 -1.41
N SER A 74 26.68 6.21 -0.57
CA SER A 74 27.29 7.49 -0.94
C SER A 74 28.57 7.26 -1.73
N SER A 75 28.55 7.65 -3.00
CA SER A 75 29.71 7.49 -3.87
C SER A 75 30.11 8.83 -4.49
N GLY A 76 31.28 9.34 -4.09
CA GLY A 76 31.75 10.61 -4.62
C GLY A 76 33.15 10.51 -5.19
N GLY A 1 -15.71 5.86 -30.85
CA GLY A 1 -16.59 7.01 -30.88
C GLY A 1 -17.26 7.28 -29.55
N SER A 2 -17.86 6.23 -28.98
CA SER A 2 -18.54 6.35 -27.70
C SER A 2 -17.91 5.44 -26.65
N SER A 3 -18.24 5.68 -25.39
CA SER A 3 -17.70 4.87 -24.29
C SER A 3 -18.53 5.06 -23.03
N GLY A 4 -19.02 3.95 -22.47
CA GLY A 4 -19.82 4.02 -21.26
C GLY A 4 -19.04 3.58 -20.03
N SER A 5 -17.80 4.04 -19.93
CA SER A 5 -16.95 3.70 -18.79
C SER A 5 -16.90 4.84 -17.78
N SER A 6 -17.03 4.50 -16.50
CA SER A 6 -17.00 5.49 -15.44
C SER A 6 -15.97 5.12 -14.38
N GLY A 7 -15.08 6.06 -14.08
CA GLY A 7 -14.05 5.82 -13.08
C GLY A 7 -13.74 7.05 -12.25
N MET A 8 -14.70 7.44 -11.40
CA MET A 8 -14.52 8.60 -10.55
C MET A 8 -14.70 8.24 -9.08
N ALA A 9 -13.61 7.81 -8.44
CA ALA A 9 -13.66 7.43 -7.04
C ALA A 9 -12.26 7.14 -6.50
N SER A 10 -12.11 7.16 -5.18
CA SER A 10 -10.83 6.90 -4.55
C SER A 10 -10.11 5.76 -5.24
N LYS A 11 -8.83 5.96 -5.54
CA LYS A 11 -8.02 4.94 -6.19
C LYS A 11 -7.12 4.22 -5.20
N CYS A 12 -6.46 3.16 -5.65
CA CYS A 12 -5.57 2.38 -4.79
C CYS A 12 -4.11 2.70 -5.11
N PRO A 13 -3.36 3.08 -4.07
CA PRO A 13 -1.94 3.42 -4.21
C PRO A 13 -1.08 2.19 -4.51
N LYS A 14 -1.74 1.07 -4.78
CA LYS A 14 -1.04 -0.18 -5.08
C LYS A 14 -1.27 -0.60 -6.52
N CYS A 15 -2.54 -0.69 -6.91
CA CYS A 15 -2.90 -1.08 -8.27
C CYS A 15 -3.51 0.10 -9.03
N ASP A 16 -3.57 1.25 -8.37
CA ASP A 16 -4.14 2.45 -8.98
C ASP A 16 -5.54 2.17 -9.51
N LYS A 17 -6.34 1.48 -8.72
CA LYS A 17 -7.71 1.16 -9.11
C LYS A 17 -8.71 1.73 -8.11
N THR A 18 -9.97 1.83 -8.53
CA THR A 18 -11.02 2.35 -7.67
C THR A 18 -11.38 1.36 -6.57
N VAL A 19 -11.07 1.72 -5.33
CA VAL A 19 -11.36 0.86 -4.19
C VAL A 19 -12.83 0.96 -3.78
N TYR A 20 -13.52 -0.16 -3.80
CA TYR A 20 -14.93 -0.21 -3.44
C TYR A 20 -15.11 -0.64 -1.98
N PHE A 21 -16.16 -0.13 -1.35
CA PHE A 21 -16.44 -0.46 0.05
C PHE A 21 -16.27 -1.96 0.29
N ALA A 22 -16.50 -2.76 -0.75
CA ALA A 22 -16.37 -4.20 -0.64
C ALA A 22 -14.96 -4.59 -0.20
N GLU A 23 -13.96 -3.97 -0.79
CA GLU A 23 -12.57 -4.25 -0.47
C GLU A 23 -11.89 -3.03 0.15
N LYS A 24 -12.71 -2.04 0.54
CA LYS A 24 -12.18 -0.82 1.14
C LYS A 24 -11.58 -1.10 2.52
N VAL A 25 -10.27 -0.90 2.62
CA VAL A 25 -9.57 -1.13 3.89
C VAL A 25 -8.73 0.08 4.27
N SER A 26 -8.95 0.58 5.49
CA SER A 26 -8.22 1.74 5.98
C SER A 26 -6.78 1.37 6.33
N SER A 27 -5.85 2.26 6.03
CA SER A 27 -4.43 2.04 6.31
C SER A 27 -3.61 3.28 5.99
N LEU A 28 -2.92 3.78 7.00
CA LEU A 28 -2.07 4.97 6.84
C LEU A 28 -2.90 6.14 6.31
N GLY A 29 -4.16 6.20 6.70
CA GLY A 29 -5.03 7.28 6.26
C GLY A 29 -5.33 7.20 4.77
N LYS A 30 -5.61 5.99 4.29
CA LYS A 30 -5.91 5.79 2.88
C LYS A 30 -6.81 4.57 2.68
N ASP A 31 -7.14 4.29 1.43
CA ASP A 31 -8.00 3.15 1.10
C ASP A 31 -7.27 2.18 0.16
N TRP A 32 -6.99 0.99 0.66
CA TRP A 32 -6.30 -0.03 -0.14
C TRP A 32 -7.19 -1.26 -0.33
N HIS A 33 -6.64 -2.27 -0.99
CA HIS A 33 -7.38 -3.51 -1.24
C HIS A 33 -7.02 -4.57 -0.21
N LYS A 34 -7.73 -5.70 -0.26
CA LYS A 34 -7.49 -6.80 0.66
C LYS A 34 -6.37 -7.69 0.16
N PHE A 35 -6.06 -7.58 -1.13
CA PHE A 35 -5.01 -8.39 -1.73
C PHE A 35 -3.87 -7.51 -2.25
N CYS A 36 -3.77 -6.31 -1.69
CA CYS A 36 -2.73 -5.37 -2.09
C CYS A 36 -1.77 -5.09 -0.93
N LEU A 37 -2.33 -4.90 0.26
CA LEU A 37 -1.52 -4.62 1.44
C LEU A 37 -0.50 -5.72 1.67
N LYS A 38 0.62 -5.65 0.95
CA LYS A 38 1.68 -6.65 1.07
C LYS A 38 3.03 -6.04 0.74
N CYS A 39 4.00 -6.26 1.62
CA CYS A 39 5.35 -5.74 1.42
C CYS A 39 5.84 -5.99 -0.01
N GLU A 40 6.67 -5.09 -0.51
CA GLU A 40 7.20 -5.22 -1.86
C GLU A 40 8.61 -5.78 -1.84
N ARG A 41 9.18 -5.88 -0.64
CA ARG A 41 10.54 -6.40 -0.48
C ARG A 41 10.51 -7.83 0.06
N CYS A 42 9.87 -8.01 1.21
CA CYS A 42 9.77 -9.32 1.84
C CYS A 42 8.49 -10.03 1.42
N SER A 43 7.54 -9.25 0.90
CA SER A 43 6.25 -9.80 0.47
C SER A 43 5.59 -10.61 1.58
N LYS A 44 5.67 -10.08 2.80
CA LYS A 44 5.08 -10.75 3.96
C LYS A 44 3.78 -10.08 4.36
N THR A 45 2.86 -10.87 4.93
CA THR A 45 1.57 -10.35 5.37
C THR A 45 1.75 -9.17 6.32
N LEU A 46 0.90 -8.17 6.17
CA LEU A 46 0.96 -6.98 7.03
C LEU A 46 -0.42 -6.65 7.59
N THR A 47 -0.48 -5.59 8.39
CA THR A 47 -1.73 -5.16 9.00
C THR A 47 -2.12 -3.76 8.55
N PRO A 48 -3.41 -3.57 8.22
CA PRO A 48 -3.93 -2.28 7.77
C PRO A 48 -3.97 -1.25 8.88
N GLY A 49 -2.89 -0.46 8.98
CA GLY A 49 -2.82 0.57 10.01
C GLY A 49 -1.68 0.33 10.98
N GLY A 50 -0.53 -0.08 10.46
CA GLY A 50 0.63 -0.33 11.30
C GLY A 50 1.83 -0.80 10.51
N HIS A 51 2.29 0.03 9.58
CA HIS A 51 3.45 -0.31 8.76
C HIS A 51 4.04 0.94 8.12
N ALA A 52 5.23 0.80 7.54
CA ALA A 52 5.91 1.92 6.89
C ALA A 52 5.61 1.94 5.39
N GLU A 53 5.90 3.07 4.76
CA GLU A 53 5.66 3.22 3.33
C GLU A 53 6.83 3.93 2.66
N HIS A 54 7.12 3.55 1.42
CA HIS A 54 8.22 4.15 0.67
C HIS A 54 7.94 4.10 -0.83
N ASP A 55 7.60 5.25 -1.40
CA ASP A 55 7.31 5.34 -2.83
C ASP A 55 5.95 4.72 -3.14
N GLY A 56 5.03 4.79 -2.18
CA GLY A 56 3.70 4.24 -2.38
C GLY A 56 3.63 2.78 -1.99
N LYS A 57 4.77 2.10 -2.03
CA LYS A 57 4.83 0.68 -1.68
C LYS A 57 5.13 0.49 -0.20
N PRO A 58 4.32 -0.35 0.46
CA PRO A 58 4.49 -0.64 1.89
C PRO A 58 5.75 -1.44 2.18
N PHE A 59 6.35 -1.20 3.34
CA PHE A 59 7.56 -1.90 3.74
C PHE A 59 7.67 -1.98 5.25
N CYS A 60 7.87 -3.19 5.77
CA CYS A 60 7.99 -3.41 7.21
C CYS A 60 8.88 -2.34 7.84
N HIS A 61 8.83 -2.26 9.17
CA HIS A 61 9.64 -1.28 9.90
C HIS A 61 11.13 -1.51 9.66
N LYS A 62 11.52 -2.78 9.67
CA LYS A 62 12.93 -3.14 9.44
C LYS A 62 13.12 -4.64 9.54
N PRO A 63 14.21 -5.14 8.93
CA PRO A 63 15.18 -4.30 8.22
C PRO A 63 14.60 -3.72 6.93
N CYS A 64 13.49 -4.31 6.47
CA CYS A 64 12.84 -3.87 5.24
C CYS A 64 13.10 -2.37 5.01
N TYR A 65 12.39 -1.54 5.75
CA TYR A 65 12.52 -0.09 5.62
C TYR A 65 13.95 0.35 5.94
N ALA A 66 14.47 -0.13 7.08
CA ALA A 66 15.82 0.21 7.50
C ALA A 66 16.77 0.26 6.31
N THR A 67 16.97 -0.89 5.67
CA THR A 67 17.87 -0.97 4.51
C THR A 67 17.53 0.10 3.49
N LEU A 68 16.33 0.02 2.93
CA LEU A 68 15.89 0.98 1.93
C LEU A 68 16.39 2.39 2.26
N PHE A 69 16.31 2.75 3.54
CA PHE A 69 16.75 4.07 3.99
C PHE A 69 18.05 3.95 4.79
N GLY A 70 19.17 3.87 4.08
CA GLY A 70 20.46 3.76 4.75
C GLY A 70 21.61 3.83 3.76
N SER A 71 22.00 2.69 3.22
CA SER A 71 23.11 2.64 2.27
C SER A 71 22.90 3.61 1.11
N GLY A 72 21.80 3.42 0.39
CA GLY A 72 21.49 4.28 -0.74
C GLY A 72 22.45 4.10 -1.89
N PRO A 73 22.04 3.30 -2.87
CA PRO A 73 22.85 3.02 -4.06
C PRO A 73 22.99 4.24 -4.97
N SER A 74 24.05 5.01 -4.77
CA SER A 74 24.29 6.21 -5.58
C SER A 74 25.78 6.38 -5.86
N SER A 75 26.09 7.37 -6.69
CA SER A 75 27.49 7.64 -7.05
C SER A 75 27.59 8.90 -7.89
N GLY A 76 28.71 9.60 -7.76
CA GLY A 76 28.92 10.84 -8.52
C GLY A 76 29.12 10.57 -10.00
N GLY A 1 -26.74 0.67 -28.17
CA GLY A 1 -26.81 0.09 -26.84
C GLY A 1 -25.88 0.76 -25.86
N SER A 2 -26.37 1.01 -24.65
CA SER A 2 -25.57 1.66 -23.62
C SER A 2 -26.03 1.24 -22.22
N SER A 3 -25.07 0.91 -21.36
CA SER A 3 -25.38 0.49 -20.00
C SER A 3 -25.13 1.62 -19.01
N GLY A 4 -23.99 2.29 -19.16
CA GLY A 4 -23.66 3.38 -18.27
C GLY A 4 -23.21 2.91 -16.89
N SER A 5 -22.55 3.79 -16.15
CA SER A 5 -22.08 3.45 -14.81
C SER A 5 -21.48 4.68 -14.13
N SER A 6 -21.49 4.66 -12.79
CA SER A 6 -20.97 5.77 -12.01
C SER A 6 -20.27 5.27 -10.76
N GLY A 7 -19.41 6.10 -10.18
CA GLY A 7 -18.69 5.72 -8.97
C GLY A 7 -17.49 6.60 -8.72
N MET A 8 -17.65 7.58 -7.83
CA MET A 8 -16.56 8.49 -7.50
C MET A 8 -15.87 8.06 -6.21
N ALA A 9 -15.61 6.76 -6.08
CA ALA A 9 -14.96 6.22 -4.91
C ALA A 9 -13.43 6.36 -5.00
N SER A 10 -12.78 6.41 -3.86
CA SER A 10 -11.33 6.54 -3.82
C SER A 10 -10.65 5.40 -4.57
N LYS A 11 -9.44 5.67 -5.06
CA LYS A 11 -8.68 4.65 -5.80
C LYS A 11 -7.63 3.99 -4.91
N CYS A 12 -7.01 2.94 -5.41
CA CYS A 12 -5.98 2.22 -4.67
C CYS A 12 -4.59 2.69 -5.06
N PRO A 13 -3.79 3.09 -4.06
CA PRO A 13 -2.42 3.57 -4.28
C PRO A 13 -1.48 2.45 -4.71
N LYS A 14 -2.05 1.27 -4.95
CA LYS A 14 -1.25 0.12 -5.38
C LYS A 14 -1.51 -0.21 -6.85
N CYS A 15 -2.78 -0.35 -7.20
CA CYS A 15 -3.16 -0.66 -8.57
C CYS A 15 -4.03 0.44 -9.16
N ASP A 16 -4.02 1.61 -8.52
CA ASP A 16 -4.81 2.75 -8.99
C ASP A 16 -6.17 2.29 -9.49
N LYS A 17 -6.85 1.49 -8.69
CA LYS A 17 -8.17 0.98 -9.06
C LYS A 17 -9.25 1.53 -8.13
N THR A 18 -10.49 1.55 -8.61
CA THR A 18 -11.60 2.05 -7.81
C THR A 18 -11.95 1.08 -6.68
N VAL A 19 -11.45 1.38 -5.50
CA VAL A 19 -11.70 0.54 -4.33
C VAL A 19 -13.17 0.60 -3.92
N TYR A 20 -13.67 -0.51 -3.39
CA TYR A 20 -15.07 -0.59 -2.97
C TYR A 20 -15.18 -0.56 -1.45
N PHE A 21 -16.01 0.34 -0.94
CA PHE A 21 -16.21 0.48 0.51
C PHE A 21 -16.35 -0.88 1.16
N ALA A 22 -16.76 -1.88 0.37
CA ALA A 22 -16.96 -3.23 0.88
C ALA A 22 -15.63 -3.82 1.35
N GLU A 23 -14.64 -3.81 0.46
CA GLU A 23 -13.32 -4.35 0.78
C GLU A 23 -12.31 -3.22 1.00
N LYS A 24 -12.81 -2.01 1.19
CA LYS A 24 -11.96 -0.85 1.41
C LYS A 24 -11.30 -0.91 2.78
N VAL A 25 -10.00 -1.22 2.80
CA VAL A 25 -9.25 -1.31 4.05
C VAL A 25 -8.45 -0.04 4.29
N SER A 26 -8.75 0.65 5.39
CA SER A 26 -8.07 1.88 5.74
C SER A 26 -6.67 1.58 6.28
N SER A 27 -5.69 2.34 5.81
CA SER A 27 -4.30 2.16 6.25
C SER A 27 -3.48 3.41 5.97
N LEU A 28 -2.89 3.97 7.02
CA LEU A 28 -2.07 5.17 6.89
C LEU A 28 -2.85 6.29 6.21
N GLY A 29 -4.15 6.35 6.48
CA GLY A 29 -4.98 7.38 5.88
C GLY A 29 -5.23 7.14 4.40
N LYS A 30 -4.94 5.93 3.95
CA LYS A 30 -5.13 5.57 2.55
C LYS A 30 -6.05 4.36 2.41
N ASP A 31 -6.52 4.10 1.20
CA ASP A 31 -7.39 2.97 0.94
C ASP A 31 -6.75 1.97 -0.01
N TRP A 32 -6.41 0.80 0.51
CA TRP A 32 -5.79 -0.24 -0.30
C TRP A 32 -6.69 -1.45 -0.44
N HIS A 33 -6.19 -2.50 -1.07
CA HIS A 33 -6.95 -3.73 -1.27
C HIS A 33 -6.49 -4.82 -0.31
N LYS A 34 -7.33 -5.82 -0.10
CA LYS A 34 -7.01 -6.94 0.79
C LYS A 34 -5.91 -7.80 0.19
N PHE A 35 -5.70 -7.67 -1.12
CA PHE A 35 -4.68 -8.45 -1.81
C PHE A 35 -3.45 -7.60 -2.09
N CYS A 36 -3.64 -6.28 -2.12
CA CYS A 36 -2.54 -5.35 -2.38
C CYS A 36 -1.71 -5.13 -1.12
N LEU A 37 -2.37 -5.14 0.03
CA LEU A 37 -1.69 -4.94 1.31
C LEU A 37 -0.69 -6.06 1.56
N LYS A 38 0.43 -6.01 0.87
CA LYS A 38 1.48 -7.02 1.02
C LYS A 38 2.86 -6.43 0.74
N CYS A 39 3.70 -6.39 1.76
CA CYS A 39 5.05 -5.84 1.62
C CYS A 39 5.70 -6.31 0.32
N GLU A 40 6.49 -5.44 -0.28
CA GLU A 40 7.17 -5.77 -1.54
C GLU A 40 8.61 -6.20 -1.28
N ARG A 41 9.05 -6.08 -0.03
CA ARG A 41 10.40 -6.47 0.34
C ARG A 41 10.46 -7.93 0.77
N CYS A 42 9.66 -8.28 1.77
CA CYS A 42 9.62 -9.64 2.28
C CYS A 42 8.43 -10.41 1.69
N SER A 43 7.34 -9.68 1.45
CA SER A 43 6.13 -10.28 0.90
C SER A 43 5.40 -11.10 1.96
N LYS A 44 5.14 -10.48 3.11
CA LYS A 44 4.45 -11.15 4.21
C LYS A 44 3.24 -10.33 4.65
N THR A 45 2.14 -11.03 4.92
CA THR A 45 0.92 -10.38 5.36
C THR A 45 1.21 -9.27 6.35
N LEU A 46 0.61 -8.11 6.14
CA LEU A 46 0.80 -6.96 7.03
C LEU A 46 -0.47 -6.64 7.79
N THR A 47 -0.44 -5.56 8.56
CA THR A 47 -1.60 -5.12 9.33
C THR A 47 -1.99 -3.69 9.01
N PRO A 48 -3.28 -3.48 8.72
CA PRO A 48 -3.80 -2.15 8.38
C PRO A 48 -3.82 -1.22 9.60
N GLY A 49 -2.79 -0.40 9.72
CA GLY A 49 -2.72 0.53 10.84
C GLY A 49 -1.48 0.33 11.68
N GLY A 50 -0.34 0.14 11.03
CA GLY A 50 0.90 -0.08 11.74
C GLY A 50 2.01 -0.59 10.84
N HIS A 51 2.40 0.22 9.86
CA HIS A 51 3.45 -0.17 8.93
C HIS A 51 4.06 1.06 8.27
N ALA A 52 5.20 0.88 7.60
CA ALA A 52 5.89 1.97 6.93
C ALA A 52 5.51 2.02 5.45
N GLU A 53 5.60 3.21 4.86
CA GLU A 53 5.27 3.39 3.46
C GLU A 53 6.33 4.25 2.76
N HIS A 54 6.71 3.85 1.56
CA HIS A 54 7.72 4.57 0.78
C HIS A 54 7.39 4.51 -0.71
N ASP A 55 7.23 5.68 -1.32
CA ASP A 55 6.93 5.76 -2.74
C ASP A 55 5.58 5.12 -3.04
N GLY A 56 4.70 5.10 -2.05
CA GLY A 56 3.38 4.52 -2.23
C GLY A 56 3.40 3.01 -2.10
N LYS A 57 4.38 2.48 -1.36
CA LYS A 57 4.51 1.05 -1.16
C LYS A 57 4.82 0.74 0.30
N PRO A 58 4.09 -0.24 0.87
CA PRO A 58 4.27 -0.66 2.26
C PRO A 58 5.59 -1.40 2.47
N PHE A 59 6.18 -1.22 3.65
CA PHE A 59 7.44 -1.87 3.98
C PHE A 59 7.61 -2.00 5.48
N CYS A 60 7.91 -3.21 5.94
CA CYS A 60 8.11 -3.46 7.36
C CYS A 60 9.07 -2.46 7.98
N HIS A 61 8.88 -2.15 9.25
CA HIS A 61 9.73 -1.20 9.95
C HIS A 61 11.20 -1.51 9.70
N LYS A 62 11.53 -2.79 9.65
CA LYS A 62 12.90 -3.22 9.40
C LYS A 62 13.02 -4.74 9.48
N PRO A 63 14.08 -5.28 8.87
CA PRO A 63 15.08 -4.48 8.16
C PRO A 63 14.53 -3.87 6.87
N CYS A 64 13.42 -4.43 6.39
CA CYS A 64 12.80 -3.94 5.17
C CYS A 64 13.06 -2.45 4.98
N TYR A 65 12.34 -1.63 5.73
CA TYR A 65 12.49 -0.17 5.63
C TYR A 65 13.95 0.23 5.90
N ALA A 66 14.50 -0.25 7.01
CA ALA A 66 15.87 0.06 7.39
C ALA A 66 16.77 0.12 6.15
N THR A 67 16.80 -0.96 5.38
CA THR A 67 17.62 -1.03 4.18
C THR A 67 17.16 -0.01 3.15
N LEU A 68 15.88 -0.10 2.76
CA LEU A 68 15.32 0.83 1.78
C LEU A 68 15.85 2.23 1.99
N PHE A 69 15.88 2.68 3.23
CA PHE A 69 16.37 4.01 3.57
C PHE A 69 17.77 3.95 4.18
N GLY A 70 17.82 3.51 5.44
CA GLY A 70 19.10 3.40 6.13
C GLY A 70 19.87 2.15 5.73
N SER A 71 20.38 2.13 4.51
CA SER A 71 21.13 1.00 4.00
C SER A 71 22.24 0.60 4.99
N GLY A 72 22.03 -0.54 5.66
CA GLY A 72 23.01 -1.01 6.63
C GLY A 72 23.05 -2.53 6.71
N PRO A 73 23.61 -3.17 5.68
CA PRO A 73 23.72 -4.63 5.62
C PRO A 73 24.72 -5.18 6.64
N SER A 74 25.40 -4.27 7.32
CA SER A 74 26.39 -4.67 8.32
C SER A 74 25.77 -5.57 9.38
N SER A 75 24.72 -5.07 10.03
CA SER A 75 24.04 -5.83 11.07
C SER A 75 23.61 -7.20 10.55
N GLY A 76 23.19 -8.07 11.47
CA GLY A 76 22.76 -9.41 11.08
C GLY A 76 22.82 -10.38 12.24
N GLY A 1 -33.32 2.59 -22.44
CA GLY A 1 -32.54 3.66 -21.84
C GLY A 1 -32.44 3.54 -20.33
N SER A 2 -31.22 3.63 -19.81
CA SER A 2 -31.00 3.52 -18.38
C SER A 2 -29.71 4.22 -17.98
N SER A 3 -29.83 5.27 -17.17
CA SER A 3 -28.67 6.02 -16.71
C SER A 3 -28.90 6.60 -15.32
N GLY A 4 -27.82 7.00 -14.66
CA GLY A 4 -27.92 7.56 -13.33
C GLY A 4 -27.25 6.70 -12.28
N SER A 5 -25.94 6.49 -12.45
CA SER A 5 -25.17 5.67 -11.51
C SER A 5 -23.93 6.43 -11.04
N SER A 6 -23.71 6.45 -9.74
CA SER A 6 -22.57 7.14 -9.16
C SER A 6 -21.58 6.13 -8.55
N GLY A 7 -20.30 6.43 -8.66
CA GLY A 7 -19.29 5.55 -8.12
C GLY A 7 -18.39 6.24 -7.11
N MET A 8 -18.98 6.72 -6.03
CA MET A 8 -18.23 7.42 -4.98
C MET A 8 -17.33 6.44 -4.23
N ALA A 9 -16.08 6.34 -4.66
CA ALA A 9 -15.13 5.43 -4.02
C ALA A 9 -13.69 5.83 -4.35
N SER A 10 -12.81 5.76 -3.35
CA SER A 10 -11.42 6.12 -3.54
C SER A 10 -10.67 5.03 -4.31
N LYS A 11 -9.65 5.43 -5.06
CA LYS A 11 -8.86 4.50 -5.85
C LYS A 11 -7.76 3.87 -5.00
N CYS A 12 -7.11 2.84 -5.54
CA CYS A 12 -6.04 2.16 -4.84
C CYS A 12 -4.68 2.58 -5.39
N PRO A 13 -3.80 3.03 -4.48
CA PRO A 13 -2.44 3.47 -4.85
C PRO A 13 -1.55 2.31 -5.29
N LYS A 14 -2.14 1.12 -5.38
CA LYS A 14 -1.40 -0.07 -5.79
C LYS A 14 -1.79 -0.49 -7.20
N CYS A 15 -3.07 -0.76 -7.40
CA CYS A 15 -3.58 -1.17 -8.70
C CYS A 15 -4.47 -0.10 -9.31
N ASP A 16 -4.30 1.14 -8.84
CA ASP A 16 -5.10 2.26 -9.34
C ASP A 16 -6.49 1.80 -9.75
N LYS A 17 -7.19 1.14 -8.82
CA LYS A 17 -8.54 0.65 -9.08
C LYS A 17 -9.53 1.24 -8.09
N THR A 18 -10.82 1.20 -8.45
CA THR A 18 -11.87 1.72 -7.59
C THR A 18 -12.11 0.82 -6.38
N VAL A 19 -11.47 1.14 -5.27
CA VAL A 19 -11.62 0.36 -4.04
C VAL A 19 -13.06 0.39 -3.55
N TYR A 20 -13.64 -0.80 -3.39
CA TYR A 20 -15.02 -0.92 -2.92
C TYR A 20 -15.11 -0.66 -1.43
N PHE A 21 -16.02 0.22 -1.04
CA PHE A 21 -16.21 0.56 0.37
C PHE A 21 -16.25 -0.69 1.23
N ALA A 22 -16.56 -1.83 0.59
CA ALA A 22 -16.63 -3.10 1.31
C ALA A 22 -15.23 -3.64 1.61
N GLU A 23 -14.42 -3.76 0.58
CA GLU A 23 -13.05 -4.27 0.75
C GLU A 23 -12.09 -3.13 1.08
N LYS A 24 -12.65 -1.97 1.42
CA LYS A 24 -11.84 -0.80 1.77
C LYS A 24 -11.13 -1.02 3.11
N VAL A 25 -9.80 -0.93 3.08
CA VAL A 25 -9.00 -1.12 4.29
C VAL A 25 -8.18 0.13 4.60
N SER A 26 -8.44 0.73 5.75
CA SER A 26 -7.72 1.94 6.16
C SER A 26 -6.32 1.59 6.65
N SER A 27 -5.32 2.22 6.02
CA SER A 27 -3.93 1.97 6.39
C SER A 27 -3.08 3.22 6.18
N LEU A 28 -2.51 3.73 7.27
CA LEU A 28 -1.69 4.93 7.21
C LEU A 28 -2.42 6.08 6.50
N GLY A 29 -3.74 6.11 6.66
CA GLY A 29 -4.53 7.15 6.03
C GLY A 29 -4.66 6.95 4.53
N LYS A 30 -4.72 5.70 4.11
CA LYS A 30 -4.85 5.39 2.69
C LYS A 30 -5.74 4.16 2.47
N ASP A 31 -6.37 4.11 1.31
CA ASP A 31 -7.26 2.99 0.98
C ASP A 31 -6.55 1.99 0.07
N TRP A 32 -6.27 0.81 0.60
CA TRP A 32 -5.60 -0.24 -0.16
C TRP A 32 -6.49 -1.46 -0.32
N HIS A 33 -5.95 -2.51 -0.94
CA HIS A 33 -6.70 -3.74 -1.15
C HIS A 33 -6.14 -4.87 -0.28
N LYS A 34 -7.05 -5.67 0.28
CA LYS A 34 -6.65 -6.78 1.13
C LYS A 34 -5.57 -7.63 0.46
N PHE A 35 -5.44 -7.47 -0.85
CA PHE A 35 -4.44 -8.22 -1.61
C PHE A 35 -3.26 -7.34 -1.98
N CYS A 36 -3.48 -6.03 -1.96
CA CYS A 36 -2.42 -5.07 -2.30
C CYS A 36 -1.63 -4.68 -1.05
N LEU A 37 -2.19 -4.97 0.12
CA LEU A 37 -1.53 -4.65 1.38
C LEU A 37 -0.47 -5.69 1.73
N LYS A 38 0.28 -6.12 0.71
CA LYS A 38 1.33 -7.11 0.91
C LYS A 38 2.69 -6.54 0.52
N CYS A 39 3.62 -6.56 1.47
CA CYS A 39 4.97 -6.04 1.23
C CYS A 39 5.45 -6.41 -0.18
N GLU A 40 6.25 -5.53 -0.77
CA GLU A 40 6.77 -5.75 -2.11
C GLU A 40 8.20 -6.27 -2.05
N ARG A 41 8.81 -6.18 -0.87
CA ARG A 41 10.19 -6.64 -0.69
C ARG A 41 10.21 -8.04 -0.11
N CYS A 42 9.58 -8.22 1.05
CA CYS A 42 9.54 -9.52 1.71
C CYS A 42 8.32 -10.31 1.26
N SER A 43 7.28 -9.60 0.83
CA SER A 43 6.05 -10.24 0.38
C SER A 43 5.42 -11.08 1.49
N LYS A 44 5.34 -10.49 2.68
CA LYS A 44 4.76 -11.17 3.83
C LYS A 44 3.54 -10.42 4.36
N THR A 45 2.55 -11.18 4.84
CA THR A 45 1.33 -10.57 5.37
C THR A 45 1.65 -9.39 6.27
N LEU A 46 1.08 -8.23 5.94
CA LEU A 46 1.31 -7.02 6.72
C LEU A 46 0.07 -6.69 7.56
N THR A 47 0.22 -5.71 8.45
CA THR A 47 -0.88 -5.30 9.31
C THR A 47 -1.29 -3.86 9.04
N PRO A 48 -2.55 -3.66 8.63
CA PRO A 48 -3.09 -2.34 8.32
C PRO A 48 -3.26 -1.48 9.57
N GLY A 49 -2.22 -0.72 9.89
CA GLY A 49 -2.26 0.14 11.06
C GLY A 49 -0.90 0.39 11.65
N GLY A 50 0.02 -0.54 11.44
CA GLY A 50 1.37 -0.40 11.96
C GLY A 50 2.43 -0.82 10.97
N HIS A 51 2.55 -0.07 9.88
CA HIS A 51 3.54 -0.38 8.84
C HIS A 51 4.09 0.90 8.22
N ALA A 52 5.16 0.75 7.44
CA ALA A 52 5.78 1.89 6.78
C ALA A 52 5.40 1.96 5.31
N GLU A 53 5.56 3.13 4.71
CA GLU A 53 5.23 3.33 3.31
C GLU A 53 6.33 4.09 2.59
N HIS A 54 6.71 3.61 1.40
CA HIS A 54 7.75 4.25 0.61
C HIS A 54 7.39 4.25 -0.87
N ASP A 55 7.43 5.43 -1.48
CA ASP A 55 7.10 5.56 -2.90
C ASP A 55 5.72 4.98 -3.20
N GLY A 56 4.84 5.05 -2.20
CA GLY A 56 3.49 4.52 -2.38
C GLY A 56 3.39 3.04 -2.04
N LYS A 57 4.53 2.35 -2.09
CA LYS A 57 4.57 0.93 -1.78
C LYS A 57 4.87 0.70 -0.31
N PRO A 58 4.05 -0.14 0.35
CA PRO A 58 4.21 -0.47 1.76
C PRO A 58 5.45 -1.32 2.02
N PHE A 59 5.97 -1.23 3.25
CA PHE A 59 7.14 -1.99 3.63
C PHE A 59 7.26 -2.10 5.15
N CYS A 60 7.57 -3.30 5.63
CA CYS A 60 7.71 -3.53 7.06
C CYS A 60 8.63 -2.49 7.71
N HIS A 61 8.55 -2.37 9.02
CA HIS A 61 9.37 -1.42 9.75
C HIS A 61 10.85 -1.66 9.48
N LYS A 62 11.24 -2.92 9.43
CA LYS A 62 12.63 -3.29 9.17
C LYS A 62 12.81 -4.81 9.21
N PRO A 63 13.89 -5.29 8.57
CA PRO A 63 14.84 -4.44 7.87
C PRO A 63 14.25 -3.81 6.61
N CYS A 64 13.13 -4.37 6.15
CA CYS A 64 12.47 -3.88 4.95
C CYS A 64 12.69 -2.38 4.79
N TYR A 65 11.96 -1.59 5.57
CA TYR A 65 12.08 -0.14 5.52
C TYR A 65 13.48 0.31 5.89
N ALA A 66 13.93 -0.07 7.09
CA ALA A 66 15.24 0.28 7.57
C ALA A 66 16.26 0.30 6.43
N THR A 67 16.52 -0.86 5.85
CA THR A 67 17.46 -0.98 4.75
C THR A 67 17.23 0.09 3.70
N LEU A 68 16.02 0.10 3.13
CA LEU A 68 15.67 1.08 2.11
C LEU A 68 16.10 2.48 2.53
N PHE A 69 15.90 2.80 3.80
CA PHE A 69 16.27 4.11 4.33
C PHE A 69 17.48 4.01 5.25
N GLY A 70 18.67 3.99 4.66
CA GLY A 70 19.89 3.90 5.44
C GLY A 70 21.13 4.13 4.61
N SER A 71 22.29 3.80 5.18
CA SER A 71 23.56 3.98 4.48
C SER A 71 24.28 2.65 4.32
N GLY A 72 25.10 2.55 3.27
CA GLY A 72 25.84 1.33 3.01
C GLY A 72 26.51 1.34 1.65
N PRO A 73 27.59 2.14 1.52
CA PRO A 73 28.34 2.25 0.27
C PRO A 73 29.12 0.98 -0.04
N SER A 74 28.93 -0.05 0.77
CA SER A 74 29.62 -1.33 0.58
C SER A 74 29.87 -1.58 -0.91
N SER A 75 31.12 -1.87 -1.25
CA SER A 75 31.49 -2.14 -2.63
C SER A 75 32.49 -3.29 -2.71
N GLY A 76 32.98 -3.55 -3.93
CA GLY A 76 33.94 -4.63 -4.12
C GLY A 76 33.31 -6.00 -4.04
N GLY A 1 -26.81 8.21 -23.30
CA GLY A 1 -27.48 8.42 -22.02
C GLY A 1 -26.56 8.99 -20.97
N SER A 2 -25.96 8.11 -20.17
CA SER A 2 -25.04 8.54 -19.11
C SER A 2 -24.13 7.40 -18.68
N SER A 3 -23.01 7.75 -18.05
CA SER A 3 -22.05 6.75 -17.60
C SER A 3 -22.50 6.13 -16.28
N GLY A 4 -22.60 6.96 -15.25
CA GLY A 4 -23.01 6.48 -13.95
C GLY A 4 -21.84 6.24 -13.01
N SER A 5 -21.74 7.07 -11.98
CA SER A 5 -20.65 6.96 -11.01
C SER A 5 -20.97 5.88 -9.97
N SER A 6 -22.15 5.98 -9.38
CA SER A 6 -22.57 5.03 -8.36
C SER A 6 -21.60 5.03 -7.17
N GLY A 7 -21.17 6.22 -6.78
CA GLY A 7 -20.25 6.34 -5.66
C GLY A 7 -18.80 6.33 -6.12
N MET A 8 -18.09 7.41 -5.82
CA MET A 8 -16.69 7.54 -6.20
C MET A 8 -15.79 6.83 -5.18
N ALA A 9 -15.09 5.80 -5.63
CA ALA A 9 -14.19 5.05 -4.76
C ALA A 9 -12.74 5.43 -5.01
N SER A 10 -12.06 5.87 -3.96
CA SER A 10 -10.65 6.26 -4.06
C SER A 10 -9.84 5.18 -4.77
N LYS A 11 -8.80 5.60 -5.47
CA LYS A 11 -7.93 4.68 -6.20
C LYS A 11 -6.92 4.03 -5.25
N CYS A 12 -6.31 2.94 -5.69
CA CYS A 12 -5.32 2.23 -4.89
C CYS A 12 -3.91 2.64 -5.29
N PRO A 13 -3.10 3.06 -4.30
CA PRO A 13 -1.72 3.49 -4.51
C PRO A 13 -0.81 2.32 -4.89
N LYS A 14 -1.40 1.16 -5.10
CA LYS A 14 -0.64 -0.04 -5.46
C LYS A 14 -0.90 -0.41 -6.93
N CYS A 15 -2.16 -0.61 -7.26
CA CYS A 15 -2.54 -0.97 -8.63
C CYS A 15 -3.30 0.16 -9.31
N ASP A 16 -3.21 1.35 -8.72
CA ASP A 16 -3.90 2.52 -9.27
C ASP A 16 -5.29 2.14 -9.78
N LYS A 17 -6.01 1.36 -9.00
CA LYS A 17 -7.35 0.93 -9.38
C LYS A 17 -8.39 1.45 -8.39
N THR A 18 -9.65 1.50 -8.83
CA THR A 18 -10.73 1.98 -7.99
C THR A 18 -10.97 1.04 -6.80
N VAL A 19 -10.50 1.45 -5.63
CA VAL A 19 -10.67 0.65 -4.42
C VAL A 19 -12.14 0.46 -4.08
N TYR A 20 -12.66 -0.74 -4.33
CA TYR A 20 -14.04 -1.04 -4.06
C TYR A 20 -14.35 -0.91 -2.57
N PHE A 21 -15.30 -0.05 -2.24
CA PHE A 21 -15.68 0.16 -0.84
C PHE A 21 -15.81 -1.16 -0.10
N ALA A 22 -16.27 -2.19 -0.80
CA ALA A 22 -16.43 -3.51 -0.20
C ALA A 22 -15.10 -4.03 0.34
N GLU A 23 -14.05 -3.94 -0.47
CA GLU A 23 -12.73 -4.40 -0.07
C GLU A 23 -11.84 -3.23 0.34
N LYS A 24 -12.46 -2.06 0.49
CA LYS A 24 -11.73 -0.85 0.89
C LYS A 24 -11.22 -0.97 2.32
N VAL A 25 -9.90 -0.89 2.49
CA VAL A 25 -9.29 -0.98 3.81
C VAL A 25 -8.45 0.24 4.11
N SER A 26 -8.56 0.75 5.33
CA SER A 26 -7.81 1.93 5.75
C SER A 26 -6.44 1.54 6.29
N SER A 27 -5.43 2.33 5.93
CA SER A 27 -4.06 2.06 6.37
C SER A 27 -3.18 3.29 6.18
N LEU A 28 -2.56 3.74 7.27
CA LEU A 28 -1.69 4.91 7.21
C LEU A 28 -2.40 6.09 6.55
N GLY A 29 -3.71 6.19 6.78
CA GLY A 29 -4.48 7.28 6.19
C GLY A 29 -4.68 7.12 4.70
N LYS A 30 -4.70 5.87 4.24
CA LYS A 30 -4.88 5.58 2.82
C LYS A 30 -5.82 4.40 2.63
N ASP A 31 -6.22 4.16 1.39
CA ASP A 31 -7.11 3.04 1.07
C ASP A 31 -6.45 2.08 0.10
N TRP A 32 -6.16 0.87 0.58
CA TRP A 32 -5.53 -0.15 -0.24
C TRP A 32 -6.44 -1.36 -0.40
N HIS A 33 -5.95 -2.37 -1.12
CA HIS A 33 -6.72 -3.58 -1.35
C HIS A 33 -6.38 -4.65 -0.32
N LYS A 34 -7.16 -5.71 -0.29
CA LYS A 34 -6.94 -6.81 0.65
C LYS A 34 -5.77 -7.68 0.21
N PHE A 35 -5.28 -7.44 -1.01
CA PHE A 35 -4.16 -8.20 -1.54
C PHE A 35 -2.95 -7.29 -1.77
N CYS A 36 -3.19 -5.99 -1.82
CA CYS A 36 -2.13 -5.01 -2.03
C CYS A 36 -1.49 -4.61 -0.71
N LEU A 37 -2.01 -5.16 0.39
CA LEU A 37 -1.49 -4.85 1.72
C LEU A 37 -0.38 -5.83 2.11
N LYS A 38 0.41 -6.24 1.13
CA LYS A 38 1.51 -7.17 1.38
C LYS A 38 2.84 -6.56 0.99
N CYS A 39 3.86 -6.79 1.81
CA CYS A 39 5.19 -6.27 1.55
C CYS A 39 5.71 -6.73 0.20
N GLU A 40 6.57 -5.92 -0.41
CA GLU A 40 7.13 -6.25 -1.72
C GLU A 40 8.55 -6.81 -1.57
N ARG A 41 9.18 -6.51 -0.45
CA ARG A 41 10.54 -6.98 -0.19
C ARG A 41 10.52 -8.39 0.38
N CYS A 42 9.84 -8.57 1.51
CA CYS A 42 9.76 -9.87 2.16
C CYS A 42 8.46 -10.59 1.75
N SER A 43 7.40 -9.83 1.56
CA SER A 43 6.11 -10.38 1.17
C SER A 43 5.48 -11.15 2.33
N LYS A 44 5.40 -10.49 3.49
CA LYS A 44 4.82 -11.11 4.68
C LYS A 44 3.53 -10.40 5.08
N THR A 45 2.48 -11.19 5.30
CA THR A 45 1.18 -10.64 5.68
C THR A 45 1.35 -9.43 6.60
N LEU A 46 0.81 -8.30 6.17
CA LEU A 46 0.90 -7.07 6.96
C LEU A 46 -0.42 -6.76 7.64
N THR A 47 -0.46 -5.66 8.38
CA THR A 47 -1.67 -5.26 9.09
C THR A 47 -2.05 -3.82 8.75
N PRO A 48 -3.32 -3.61 8.37
CA PRO A 48 -3.84 -2.28 8.02
C PRO A 48 -3.95 -1.36 9.22
N GLY A 49 -2.87 -0.64 9.51
CA GLY A 49 -2.87 0.27 10.65
C GLY A 49 -1.65 0.12 11.51
N GLY A 50 -0.55 -0.32 10.91
CA GLY A 50 0.69 -0.50 11.65
C GLY A 50 1.84 -0.97 10.77
N HIS A 51 2.27 -0.11 9.86
CA HIS A 51 3.36 -0.43 8.96
C HIS A 51 3.91 0.81 8.27
N ALA A 52 5.08 0.69 7.67
CA ALA A 52 5.71 1.81 6.98
C ALA A 52 5.38 1.79 5.49
N GLU A 53 5.60 2.92 4.82
CA GLU A 53 5.34 3.03 3.39
C GLU A 53 6.38 3.90 2.71
N HIS A 54 6.67 3.58 1.44
CA HIS A 54 7.65 4.33 0.68
C HIS A 54 7.30 4.33 -0.81
N ASP A 55 7.15 5.52 -1.38
CA ASP A 55 6.81 5.66 -2.79
C ASP A 55 5.47 5.02 -3.09
N GLY A 56 4.61 4.93 -2.07
CA GLY A 56 3.30 4.34 -2.24
C GLY A 56 3.33 2.83 -2.13
N LYS A 57 4.33 2.30 -1.42
CA LYS A 57 4.47 0.87 -1.24
C LYS A 57 4.76 0.53 0.22
N PRO A 58 4.02 -0.44 0.76
CA PRO A 58 4.18 -0.88 2.15
C PRO A 58 5.49 -1.63 2.37
N PHE A 59 6.08 -1.45 3.56
CA PHE A 59 7.33 -2.11 3.89
C PHE A 59 7.47 -2.29 5.40
N CYS A 60 7.81 -3.51 5.82
CA CYS A 60 7.98 -3.81 7.23
C CYS A 60 8.85 -2.76 7.91
N HIS A 61 8.59 -2.52 9.20
CA HIS A 61 9.35 -1.54 9.97
C HIS A 61 10.84 -1.68 9.69
N LYS A 62 11.31 -2.93 9.64
CA LYS A 62 12.72 -3.20 9.39
C LYS A 62 13.00 -4.70 9.45
N PRO A 63 14.13 -5.12 8.86
CA PRO A 63 15.06 -4.20 8.19
C PRO A 63 14.47 -3.63 6.90
N CYS A 64 13.43 -4.28 6.39
CA CYS A 64 12.78 -3.84 5.17
C CYS A 64 12.91 -2.33 4.99
N TYR A 65 12.10 -1.58 5.73
CA TYR A 65 12.13 -0.12 5.65
C TYR A 65 13.54 0.40 5.87
N ALA A 66 14.15 0.02 6.99
CA ALA A 66 15.50 0.45 7.31
C ALA A 66 16.39 0.47 6.07
N THR A 67 16.63 -0.70 5.49
CA THR A 67 17.46 -0.82 4.30
C THR A 67 17.08 0.23 3.27
N LEU A 68 15.88 0.10 2.71
CA LEU A 68 15.40 1.04 1.70
C LEU A 68 15.84 2.46 2.03
N PHE A 69 15.87 2.79 3.32
CA PHE A 69 16.29 4.12 3.76
C PHE A 69 17.62 4.05 4.48
N GLY A 70 18.71 4.02 3.71
CA GLY A 70 20.04 3.97 4.29
C GLY A 70 21.13 4.01 3.24
N SER A 71 22.37 3.84 3.69
CA SER A 71 23.51 3.86 2.78
C SER A 71 23.71 2.50 2.12
N GLY A 72 23.86 2.50 0.80
CA GLY A 72 24.05 1.26 0.07
C GLY A 72 25.18 1.36 -0.93
N PRO A 73 25.30 0.33 -1.79
CA PRO A 73 26.35 0.27 -2.82
C PRO A 73 26.14 1.30 -3.92
N SER A 74 26.86 2.41 -3.83
CA SER A 74 26.74 3.48 -4.82
C SER A 74 28.11 3.83 -5.40
N SER A 75 28.11 4.62 -6.47
CA SER A 75 29.34 5.02 -7.13
C SER A 75 29.86 6.34 -6.56
N GLY A 76 31.09 6.69 -6.92
CA GLY A 76 31.68 7.92 -6.43
C GLY A 76 33.17 8.01 -6.72
N GLY A 1 -33.59 14.84 -18.52
CA GLY A 1 -32.75 13.86 -19.21
C GLY A 1 -31.30 14.29 -19.27
N SER A 2 -30.73 14.62 -18.12
CA SER A 2 -29.34 15.05 -18.05
C SER A 2 -28.51 14.10 -17.18
N SER A 3 -28.75 12.80 -17.35
CA SER A 3 -28.04 11.80 -16.57
C SER A 3 -26.56 11.76 -16.96
N GLY A 4 -25.70 12.08 -16.00
CA GLY A 4 -24.26 12.08 -16.27
C GLY A 4 -23.45 12.14 -14.99
N SER A 5 -23.40 11.02 -14.27
CA SER A 5 -22.65 10.95 -13.02
C SER A 5 -22.07 9.56 -12.82
N SER A 6 -21.10 9.46 -11.90
CA SER A 6 -20.46 8.19 -11.61
C SER A 6 -20.22 8.03 -10.12
N GLY A 7 -19.73 6.86 -9.72
CA GLY A 7 -19.45 6.60 -8.31
C GLY A 7 -18.14 7.23 -7.87
N MET A 8 -18.21 7.99 -6.78
CA MET A 8 -17.03 8.65 -6.24
C MET A 8 -16.64 8.05 -4.90
N ALA A 9 -15.44 7.47 -4.83
CA ALA A 9 -14.96 6.87 -3.59
C ALA A 9 -13.43 6.93 -3.51
N SER A 10 -12.88 6.35 -2.47
CA SER A 10 -11.43 6.33 -2.27
C SER A 10 -10.76 5.32 -3.20
N LYS A 11 -9.67 5.75 -3.84
CA LYS A 11 -8.95 4.87 -4.75
C LYS A 11 -7.87 4.10 -4.01
N CYS A 12 -7.15 3.24 -4.74
CA CYS A 12 -6.10 2.44 -4.15
C CYS A 12 -4.74 2.82 -4.72
N PRO A 13 -3.79 3.17 -3.83
CA PRO A 13 -2.44 3.57 -4.22
C PRO A 13 -1.63 2.40 -4.78
N LYS A 14 -2.28 1.27 -4.94
CA LYS A 14 -1.62 0.07 -5.46
C LYS A 14 -2.04 -0.19 -6.91
N CYS A 15 -3.34 -0.27 -7.14
CA CYS A 15 -3.87 -0.52 -8.47
C CYS A 15 -4.71 0.66 -8.96
N ASP A 16 -4.57 1.80 -8.27
CA ASP A 16 -5.30 3.00 -8.64
C ASP A 16 -6.74 2.67 -9.02
N LYS A 17 -7.41 1.88 -8.17
CA LYS A 17 -8.78 1.48 -8.42
C LYS A 17 -9.72 2.06 -7.36
N THR A 18 -10.95 2.33 -7.76
CA THR A 18 -11.95 2.88 -6.84
C THR A 18 -12.33 1.87 -5.77
N VAL A 19 -11.57 1.84 -4.68
CA VAL A 19 -11.85 0.93 -3.58
C VAL A 19 -13.26 1.09 -3.05
N TYR A 20 -13.90 -0.02 -2.72
CA TYR A 20 -15.26 0.00 -2.20
C TYR A 20 -15.32 -0.57 -0.79
N PHE A 21 -16.36 -0.20 -0.05
CA PHE A 21 -16.53 -0.66 1.32
C PHE A 21 -16.23 -2.15 1.43
N ALA A 22 -16.48 -2.88 0.36
CA ALA A 22 -16.23 -4.32 0.33
C ALA A 22 -14.84 -4.64 0.86
N GLU A 23 -13.82 -4.03 0.26
CA GLU A 23 -12.45 -4.25 0.67
C GLU A 23 -11.78 -2.95 1.10
N LYS A 24 -12.61 -1.95 1.40
CA LYS A 24 -12.11 -0.65 1.84
C LYS A 24 -11.41 -0.75 3.19
N VAL A 25 -10.08 -0.86 3.16
CA VAL A 25 -9.30 -0.97 4.38
C VAL A 25 -8.45 0.27 4.60
N SER A 26 -8.76 1.03 5.65
CA SER A 26 -8.02 2.25 5.97
C SER A 26 -6.64 1.91 6.52
N SER A 27 -5.63 2.05 5.67
CA SER A 27 -4.25 1.76 6.06
C SER A 27 -3.37 2.98 5.85
N LEU A 28 -2.89 3.54 6.96
CA LEU A 28 -2.02 4.72 6.90
C LEU A 28 -2.74 5.89 6.23
N GLY A 29 -4.04 5.99 6.47
CA GLY A 29 -4.82 7.07 5.89
C GLY A 29 -5.28 6.75 4.47
N LYS A 30 -4.56 5.85 3.81
CA LYS A 30 -4.89 5.46 2.45
C LYS A 30 -5.71 4.18 2.43
N ASP A 31 -6.65 4.09 1.50
CA ASP A 31 -7.50 2.91 1.38
C ASP A 31 -6.94 1.92 0.37
N TRP A 32 -6.59 0.73 0.84
CA TRP A 32 -6.03 -0.29 -0.03
C TRP A 32 -6.93 -1.52 -0.08
N HIS A 33 -6.47 -2.56 -0.75
CA HIS A 33 -7.24 -3.79 -0.88
C HIS A 33 -6.64 -4.90 -0.01
N LYS A 34 -7.50 -5.65 0.68
CA LYS A 34 -7.06 -6.73 1.54
C LYS A 34 -6.10 -7.66 0.81
N PHE A 35 -6.09 -7.56 -0.52
CA PHE A 35 -5.22 -8.38 -1.34
C PHE A 35 -4.01 -7.58 -1.82
N CYS A 36 -4.16 -6.26 -1.87
CA CYS A 36 -3.10 -5.38 -2.33
C CYS A 36 -2.07 -5.17 -1.21
N LEU A 37 -2.55 -5.04 0.01
CA LEU A 37 -1.68 -4.83 1.16
C LEU A 37 -0.62 -5.93 1.25
N LYS A 38 0.45 -5.78 0.48
CA LYS A 38 1.52 -6.76 0.47
C LYS A 38 2.87 -6.09 0.18
N CYS A 39 3.79 -6.18 1.13
CA CYS A 39 5.11 -5.58 0.97
C CYS A 39 5.59 -5.69 -0.47
N GLU A 40 6.43 -4.75 -0.88
CA GLU A 40 6.96 -4.73 -2.23
C GLU A 40 8.36 -5.33 -2.28
N ARG A 41 8.99 -5.44 -1.11
CA ARG A 41 10.33 -5.99 -1.01
C ARG A 41 10.29 -7.46 -0.58
N CYS A 42 9.69 -7.70 0.58
CA CYS A 42 9.59 -9.06 1.11
C CYS A 42 8.34 -9.76 0.58
N SER A 43 7.39 -8.97 0.08
CA SER A 43 6.15 -9.51 -0.45
C SER A 43 5.42 -10.35 0.60
N LYS A 44 5.42 -9.86 1.83
CA LYS A 44 4.76 -10.56 2.94
C LYS A 44 3.61 -9.73 3.49
N THR A 45 2.45 -10.36 3.64
CA THR A 45 1.27 -9.68 4.16
C THR A 45 1.64 -8.70 5.26
N LEU A 46 0.81 -7.67 5.44
CA LEU A 46 1.05 -6.66 6.46
C LEU A 46 -0.22 -6.35 7.23
N THR A 47 -0.08 -5.62 8.34
CA THR A 47 -1.23 -5.26 9.17
C THR A 47 -1.78 -3.90 8.75
N PRO A 48 -3.08 -3.87 8.42
CA PRO A 48 -3.76 -2.64 8.00
C PRO A 48 -3.93 -1.66 9.16
N GLY A 49 -2.90 -0.85 9.41
CA GLY A 49 -2.97 0.13 10.48
C GLY A 49 -1.76 0.04 11.40
N GLY A 50 -0.58 -0.07 10.81
CA GLY A 50 0.64 -0.16 11.60
C GLY A 50 1.82 -0.63 10.80
N HIS A 51 2.01 -0.05 9.61
CA HIS A 51 3.11 -0.43 8.73
C HIS A 51 3.78 0.81 8.15
N ALA A 52 4.88 0.61 7.43
CA ALA A 52 5.60 1.71 6.81
C ALA A 52 5.37 1.76 5.31
N GLU A 53 5.61 2.91 4.71
CA GLU A 53 5.42 3.08 3.27
C GLU A 53 6.51 3.97 2.67
N HIS A 54 6.87 3.70 1.42
CA HIS A 54 7.90 4.47 0.74
C HIS A 54 7.65 4.50 -0.76
N ASP A 55 7.23 5.66 -1.26
CA ASP A 55 6.95 5.83 -2.68
C ASP A 55 5.64 5.15 -3.06
N GLY A 56 4.74 5.01 -2.09
CA GLY A 56 3.46 4.38 -2.34
C GLY A 56 3.48 2.90 -2.02
N LYS A 57 4.67 2.30 -2.07
CA LYS A 57 4.81 0.88 -1.79
C LYS A 57 5.09 0.64 -0.31
N PRO A 58 4.30 -0.26 0.30
CA PRO A 58 4.45 -0.60 1.72
C PRO A 58 5.72 -1.37 2.01
N PHE A 59 6.31 -1.13 3.17
CA PHE A 59 7.55 -1.81 3.57
C PHE A 59 7.59 -2.01 5.07
N CYS A 60 7.78 -3.27 5.49
CA CYS A 60 7.84 -3.59 6.91
C CYS A 60 8.73 -2.61 7.66
N HIS A 61 8.55 -2.54 8.98
CA HIS A 61 9.33 -1.63 9.81
C HIS A 61 10.83 -1.87 9.60
N LYS A 62 11.22 -3.12 9.46
CA LYS A 62 12.62 -3.48 9.26
C LYS A 62 12.80 -5.00 9.22
N PRO A 63 13.90 -5.45 8.60
CA PRO A 63 14.89 -4.56 7.99
C PRO A 63 14.35 -3.87 6.74
N CYS A 64 13.26 -4.40 6.20
CA CYS A 64 12.65 -3.84 5.00
C CYS A 64 12.89 -2.34 4.91
N TYR A 65 12.14 -1.58 5.71
CA TYR A 65 12.26 -0.12 5.73
C TYR A 65 13.69 0.28 6.11
N ALA A 66 14.21 -0.32 7.16
CA ALA A 66 15.57 -0.01 7.62
C ALA A 66 16.51 0.17 6.44
N THR A 67 16.71 -0.88 5.66
CA THR A 67 17.59 -0.84 4.51
C THR A 67 17.19 0.29 3.56
N LEU A 68 15.97 0.21 3.04
CA LEU A 68 15.47 1.22 2.12
C LEU A 68 15.87 2.63 2.57
N PHE A 69 15.85 2.85 3.88
CA PHE A 69 16.21 4.14 4.44
C PHE A 69 17.44 4.02 5.34
N GLY A 70 18.62 4.05 4.71
CA GLY A 70 19.85 3.94 5.47
C GLY A 70 21.06 4.43 4.69
N SER A 71 21.93 3.50 4.30
CA SER A 71 23.13 3.85 3.54
C SER A 71 22.78 4.73 2.35
N GLY A 72 22.97 6.03 2.51
CA GLY A 72 22.67 6.96 1.43
C GLY A 72 23.62 8.15 1.43
N PRO A 73 24.01 8.58 0.22
CA PRO A 73 24.93 9.72 0.04
C PRO A 73 24.27 11.05 0.41
N SER A 74 24.49 11.50 1.64
CA SER A 74 23.92 12.75 2.11
C SER A 74 24.47 13.94 1.32
N SER A 75 23.73 14.36 0.30
CA SER A 75 24.13 15.47 -0.54
C SER A 75 24.79 16.57 0.30
N GLY A 76 25.61 17.39 -0.35
CA GLY A 76 26.28 18.47 0.36
C GLY A 76 25.64 19.82 0.09
N GLY A 1 -17.79 13.38 -29.13
CA GLY A 1 -17.22 12.16 -28.61
C GLY A 1 -18.12 11.47 -27.60
N SER A 2 -18.95 10.55 -28.08
CA SER A 2 -19.87 9.83 -27.22
C SER A 2 -19.13 9.15 -26.07
N SER A 3 -19.29 9.70 -24.86
CA SER A 3 -18.62 9.15 -23.69
C SER A 3 -19.46 9.40 -22.43
N GLY A 4 -19.05 8.77 -21.33
CA GLY A 4 -19.77 8.92 -20.09
C GLY A 4 -19.14 8.14 -18.95
N SER A 5 -17.99 8.61 -18.47
CA SER A 5 -17.29 7.94 -17.38
C SER A 5 -17.35 8.77 -16.11
N SER A 6 -18.51 9.34 -15.83
CA SER A 6 -18.71 10.16 -14.65
C SER A 6 -18.78 9.30 -13.39
N GLY A 7 -17.65 9.18 -12.70
CA GLY A 7 -17.61 8.38 -11.49
C GLY A 7 -16.28 8.52 -10.76
N MET A 8 -16.16 9.58 -9.97
CA MET A 8 -14.93 9.82 -9.20
C MET A 8 -14.94 9.02 -7.90
N ALA A 9 -13.79 8.45 -7.57
CA ALA A 9 -13.66 7.66 -6.35
C ALA A 9 -12.19 7.44 -5.99
N SER A 10 -11.90 7.38 -4.69
CA SER A 10 -10.54 7.18 -4.23
C SER A 10 -9.91 5.96 -4.89
N LYS A 11 -8.68 6.13 -5.37
CA LYS A 11 -7.96 5.04 -6.03
C LYS A 11 -7.02 4.34 -5.05
N CYS A 12 -6.34 3.31 -5.54
CA CYS A 12 -5.40 2.56 -4.71
C CYS A 12 -3.96 2.89 -5.08
N PRO A 13 -3.16 3.29 -4.08
CA PRO A 13 -1.76 3.65 -4.28
C PRO A 13 -0.90 2.44 -4.61
N LYS A 14 -1.54 1.30 -4.81
CA LYS A 14 -0.83 0.06 -5.14
C LYS A 14 -1.09 -0.34 -6.59
N CYS A 15 -2.37 -0.42 -6.96
CA CYS A 15 -2.76 -0.80 -8.31
C CYS A 15 -3.46 0.35 -9.02
N ASP A 16 -3.37 1.54 -8.43
CA ASP A 16 -3.98 2.73 -9.00
C ASP A 16 -5.37 2.41 -9.55
N LYS A 17 -6.19 1.75 -8.73
CA LYS A 17 -7.54 1.39 -9.13
C LYS A 17 -8.57 1.95 -8.15
N THR A 18 -9.81 2.06 -8.60
CA THR A 18 -10.89 2.58 -7.77
C THR A 18 -11.29 1.58 -6.69
N VAL A 19 -10.80 1.78 -5.48
CA VAL A 19 -11.12 0.90 -4.37
C VAL A 19 -12.59 0.97 -4.01
N TYR A 20 -13.21 -0.19 -3.82
CA TYR A 20 -14.62 -0.26 -3.47
C TYR A 20 -14.81 -0.84 -2.08
N PHE A 21 -15.87 -0.43 -1.41
CA PHE A 21 -16.16 -0.91 -0.06
C PHE A 21 -15.90 -2.41 0.05
N ALA A 22 -16.21 -3.14 -1.02
CA ALA A 22 -16.01 -4.58 -1.05
C ALA A 22 -14.65 -4.95 -0.44
N GLU A 23 -13.60 -4.31 -0.93
CA GLU A 23 -12.25 -4.58 -0.43
C GLU A 23 -11.63 -3.31 0.15
N LYS A 24 -12.47 -2.32 0.44
CA LYS A 24 -12.00 -1.05 1.00
C LYS A 24 -11.45 -1.26 2.41
N VAL A 25 -10.14 -1.18 2.55
CA VAL A 25 -9.49 -1.36 3.85
C VAL A 25 -8.77 -0.09 4.27
N SER A 26 -9.15 0.44 5.43
CA SER A 26 -8.53 1.66 5.95
C SER A 26 -7.12 1.39 6.45
N SER A 27 -6.21 2.31 6.20
CA SER A 27 -4.82 2.17 6.63
C SER A 27 -4.02 3.42 6.32
N LEU A 28 -3.45 4.03 7.35
CA LEU A 28 -2.65 5.24 7.19
C LEU A 28 -3.47 6.34 6.53
N GLY A 29 -4.77 6.35 6.81
CA GLY A 29 -5.64 7.36 6.23
C GLY A 29 -5.83 7.19 4.74
N LYS A 30 -5.48 6.01 4.23
CA LYS A 30 -5.61 5.72 2.81
C LYS A 30 -6.54 4.53 2.58
N ASP A 31 -6.79 4.21 1.32
CA ASP A 31 -7.66 3.10 0.96
C ASP A 31 -6.94 2.12 0.05
N TRP A 32 -6.64 0.94 0.57
CA TRP A 32 -5.95 -0.08 -0.20
C TRP A 32 -6.85 -1.30 -0.41
N HIS A 33 -6.30 -2.34 -1.05
CA HIS A 33 -7.05 -3.56 -1.31
C HIS A 33 -6.69 -4.64 -0.29
N LYS A 34 -7.32 -5.81 -0.43
CA LYS A 34 -7.07 -6.93 0.47
C LYS A 34 -5.86 -7.73 0.00
N PHE A 35 -5.49 -7.56 -1.26
CA PHE A 35 -4.35 -8.28 -1.84
C PHE A 35 -3.27 -7.29 -2.27
N CYS A 36 -3.31 -6.08 -1.72
CA CYS A 36 -2.33 -5.05 -2.06
C CYS A 36 -1.46 -4.73 -0.85
N LEU A 37 -2.02 -4.91 0.35
CA LEU A 37 -1.30 -4.62 1.58
C LEU A 37 -0.30 -5.72 1.89
N LYS A 38 0.56 -6.03 0.92
CA LYS A 38 1.57 -7.06 1.08
C LYS A 38 2.97 -6.50 0.79
N CYS A 39 3.79 -6.40 1.83
CA CYS A 39 5.15 -5.89 1.69
C CYS A 39 5.80 -6.44 0.42
N GLU A 40 6.65 -5.62 -0.20
CA GLU A 40 7.35 -6.03 -1.41
C GLU A 40 8.76 -6.50 -1.10
N ARG A 41 9.15 -6.39 0.17
CA ARG A 41 10.47 -6.81 0.60
C ARG A 41 10.47 -8.26 1.08
N CYS A 42 9.63 -8.55 2.06
CA CYS A 42 9.52 -9.89 2.61
C CYS A 42 8.31 -10.62 2.05
N SER A 43 7.27 -9.85 1.73
CA SER A 43 6.03 -10.42 1.18
C SER A 43 5.23 -11.11 2.27
N LYS A 44 4.97 -10.39 3.36
CA LYS A 44 4.21 -10.94 4.48
C LYS A 44 2.96 -10.11 4.73
N THR A 45 1.89 -10.78 5.16
CA THR A 45 0.63 -10.09 5.45
C THR A 45 0.81 -9.01 6.50
N LEU A 46 0.71 -7.76 6.08
CA LEU A 46 0.87 -6.63 6.99
C LEU A 46 -0.44 -6.32 7.70
N THR A 47 -0.40 -5.33 8.59
CA THR A 47 -1.58 -4.94 9.35
C THR A 47 -2.06 -3.55 8.93
N PRO A 48 -3.36 -3.44 8.59
CA PRO A 48 -3.96 -2.18 8.17
C PRO A 48 -4.08 -1.19 9.32
N GLY A 49 -2.98 -0.50 9.62
CA GLY A 49 -2.99 0.47 10.70
C GLY A 49 -1.70 0.45 11.50
N GLY A 50 -0.57 0.29 10.81
CA GLY A 50 0.71 0.26 11.49
C GLY A 50 1.81 -0.29 10.60
N HIS A 51 2.38 0.57 9.75
CA HIS A 51 3.45 0.17 8.85
C HIS A 51 4.06 1.37 8.16
N ALA A 52 5.21 1.17 7.53
CA ALA A 52 5.91 2.24 6.83
C ALA A 52 5.55 2.26 5.34
N GLU A 53 5.67 3.42 4.72
CA GLU A 53 5.36 3.56 3.30
C GLU A 53 6.50 4.26 2.56
N HIS A 54 6.92 3.68 1.45
CA HIS A 54 8.00 4.26 0.65
C HIS A 54 7.67 4.19 -0.84
N ASP A 55 7.52 5.35 -1.46
CA ASP A 55 7.21 5.41 -2.88
C ASP A 55 5.85 4.78 -3.17
N GLY A 56 4.97 4.80 -2.18
CA GLY A 56 3.65 4.22 -2.34
C GLY A 56 3.59 2.78 -1.87
N LYS A 57 4.72 2.07 -1.97
CA LYS A 57 4.78 0.68 -1.55
C LYS A 57 5.18 0.57 -0.09
N PRO A 58 4.41 -0.21 0.69
CA PRO A 58 4.67 -0.42 2.11
C PRO A 58 5.92 -1.25 2.37
N PHE A 59 6.51 -1.09 3.54
CA PHE A 59 7.71 -1.82 3.91
C PHE A 59 7.84 -1.94 5.42
N CYS A 60 7.96 -3.17 5.91
CA CYS A 60 8.09 -3.41 7.34
C CYS A 60 9.07 -2.42 7.97
N HIS A 61 8.88 -2.17 9.27
CA HIS A 61 9.74 -1.25 9.99
C HIS A 61 11.21 -1.54 9.73
N LYS A 62 11.56 -2.82 9.70
CA LYS A 62 12.93 -3.24 9.46
C LYS A 62 13.07 -4.75 9.56
N PRO A 63 14.14 -5.30 8.95
CA PRO A 63 15.13 -4.49 8.22
C PRO A 63 14.57 -3.90 6.94
N CYS A 64 13.46 -4.46 6.46
CA CYS A 64 12.82 -3.99 5.24
C CYS A 64 13.10 -2.51 5.02
N TYR A 65 12.38 -1.67 5.76
CA TYR A 65 12.53 -0.23 5.65
C TYR A 65 13.98 0.19 5.91
N ALA A 66 14.54 -0.30 7.01
CA ALA A 66 15.92 0.02 7.38
C ALA A 66 16.82 0.05 6.14
N THR A 67 16.96 -1.10 5.49
CA THR A 67 17.78 -1.20 4.29
C THR A 67 17.47 -0.07 3.31
N LEU A 68 16.25 -0.06 2.79
CA LEU A 68 15.84 0.97 1.84
C LEU A 68 16.30 2.34 2.29
N PHE A 69 16.29 2.57 3.60
CA PHE A 69 16.72 3.85 4.16
C PHE A 69 17.65 3.64 5.35
N GLY A 70 18.94 3.43 5.07
CA GLY A 70 19.91 3.23 6.12
C GLY A 70 21.33 3.16 5.60
N SER A 71 22.22 2.59 6.39
CA SER A 71 23.62 2.47 6.01
C SER A 71 24.05 1.01 5.94
N GLY A 72 23.73 0.25 6.98
CA GLY A 72 24.07 -1.15 7.03
C GLY A 72 25.54 -1.38 7.36
N PRO A 73 25.79 -2.08 8.46
CA PRO A 73 27.15 -2.39 8.92
C PRO A 73 27.87 -3.37 8.00
N SER A 74 29.11 -3.70 8.35
CA SER A 74 29.90 -4.63 7.55
C SER A 74 30.45 -5.76 8.42
N SER A 75 30.53 -6.96 7.84
CA SER A 75 31.03 -8.12 8.56
C SER A 75 32.56 -8.13 8.58
N GLY A 76 33.13 -8.24 9.77
CA GLY A 76 34.58 -8.27 9.90
C GLY A 76 35.16 -6.90 10.16
N GLY A 1 -29.04 -3.26 -25.19
CA GLY A 1 -28.25 -3.30 -23.97
C GLY A 1 -28.19 -1.98 -23.25
N SER A 2 -28.13 -2.02 -21.93
CA SER A 2 -28.09 -0.82 -21.12
C SER A 2 -27.60 -1.12 -19.70
N SER A 3 -26.77 -0.24 -19.16
CA SER A 3 -26.23 -0.42 -17.82
C SER A 3 -26.32 0.88 -17.02
N GLY A 4 -26.18 0.76 -15.71
CA GLY A 4 -26.24 1.94 -14.85
C GLY A 4 -25.63 1.69 -13.49
N SER A 5 -24.31 1.53 -13.46
CA SER A 5 -23.60 1.28 -12.20
C SER A 5 -22.47 2.29 -12.02
N SER A 6 -22.11 2.53 -10.76
CA SER A 6 -21.04 3.48 -10.44
C SER A 6 -20.66 3.38 -8.97
N GLY A 7 -19.43 3.81 -8.65
CA GLY A 7 -18.97 3.76 -7.28
C GLY A 7 -17.99 4.88 -6.97
N MET A 8 -18.44 5.88 -6.23
CA MET A 8 -17.59 7.01 -5.86
C MET A 8 -16.88 6.74 -4.53
N ALA A 9 -15.65 6.24 -4.61
CA ALA A 9 -14.88 5.95 -3.42
C ALA A 9 -13.39 6.19 -3.66
N SER A 10 -12.64 6.38 -2.57
CA SER A 10 -11.21 6.64 -2.67
C SER A 10 -10.53 5.57 -3.53
N LYS A 11 -9.53 5.99 -4.30
CA LYS A 11 -8.80 5.09 -5.17
C LYS A 11 -7.66 4.41 -4.41
N CYS A 12 -6.99 3.48 -5.08
CA CYS A 12 -5.87 2.76 -4.47
C CYS A 12 -4.54 3.31 -4.94
N PRO A 13 -3.68 3.67 -3.97
CA PRO A 13 -2.35 4.23 -4.27
C PRO A 13 -1.40 3.19 -4.87
N LYS A 14 -1.94 2.02 -5.17
CA LYS A 14 -1.15 0.94 -5.77
C LYS A 14 -1.55 0.70 -7.22
N CYS A 15 -2.81 0.33 -7.42
CA CYS A 15 -3.32 0.07 -8.76
C CYS A 15 -4.32 1.15 -9.18
N ASP A 16 -4.20 2.33 -8.58
CA ASP A 16 -5.08 3.45 -8.89
C ASP A 16 -6.47 2.95 -9.25
N LYS A 17 -7.05 2.13 -8.37
CA LYS A 17 -8.39 1.59 -8.59
C LYS A 17 -9.36 2.06 -7.52
N THR A 18 -10.64 2.08 -7.86
CA THR A 18 -11.67 2.52 -6.93
C THR A 18 -11.84 1.52 -5.79
N VAL A 19 -11.25 1.83 -4.64
CA VAL A 19 -11.34 0.96 -3.47
C VAL A 19 -12.74 0.98 -2.88
N TYR A 20 -13.55 0.02 -3.29
CA TYR A 20 -14.93 -0.07 -2.79
C TYR A 20 -14.96 -0.07 -1.26
N PHE A 21 -15.86 0.72 -0.70
CA PHE A 21 -16.00 0.81 0.75
C PHE A 21 -16.19 -0.58 1.37
N ALA A 22 -16.78 -1.49 0.60
CA ALA A 22 -17.01 -2.85 1.07
C ALA A 22 -15.70 -3.54 1.44
N GLU A 23 -14.76 -3.55 0.50
CA GLU A 23 -13.47 -4.18 0.73
C GLU A 23 -12.39 -3.13 0.98
N LYS A 24 -12.82 -1.93 1.32
CA LYS A 24 -11.89 -0.82 1.59
C LYS A 24 -11.21 -1.02 2.94
N VAL A 25 -9.88 -1.06 2.91
CA VAL A 25 -9.10 -1.24 4.14
C VAL A 25 -8.23 -0.01 4.42
N SER A 26 -8.52 0.67 5.52
CA SER A 26 -7.76 1.86 5.89
C SER A 26 -6.37 1.49 6.41
N SER A 27 -5.39 2.32 6.09
CA SER A 27 -4.01 2.07 6.52
C SER A 27 -3.13 3.27 6.19
N LEU A 28 -2.49 3.83 7.21
CA LEU A 28 -1.61 4.98 7.04
C LEU A 28 -2.36 6.15 6.39
N GLY A 29 -3.65 6.26 6.71
CA GLY A 29 -4.45 7.34 6.14
C GLY A 29 -4.67 7.18 4.66
N LYS A 30 -4.81 5.93 4.22
CA LYS A 30 -5.03 5.64 2.80
C LYS A 30 -5.90 4.40 2.63
N ASP A 31 -6.44 4.23 1.43
CA ASP A 31 -7.29 3.08 1.13
C ASP A 31 -6.60 2.13 0.16
N TRP A 32 -6.34 0.91 0.62
CA TRP A 32 -5.68 -0.09 -0.22
C TRP A 32 -6.59 -1.29 -0.46
N HIS A 33 -6.06 -2.31 -1.13
CA HIS A 33 -6.83 -3.51 -1.43
C HIS A 33 -6.36 -4.69 -0.58
N LYS A 34 -7.26 -5.62 -0.32
CA LYS A 34 -6.93 -6.80 0.48
C LYS A 34 -5.80 -7.60 -0.15
N PHE A 35 -5.45 -7.23 -1.38
CA PHE A 35 -4.37 -7.91 -2.10
C PHE A 35 -3.17 -7.00 -2.28
N CYS A 36 -3.42 -5.69 -2.31
CA CYS A 36 -2.36 -4.71 -2.48
C CYS A 36 -1.62 -4.48 -1.17
N LEU A 37 -2.29 -4.77 -0.06
CA LEU A 37 -1.69 -4.60 1.27
C LEU A 37 -0.71 -5.73 1.57
N LYS A 38 0.36 -5.80 0.78
CA LYS A 38 1.38 -6.82 0.97
C LYS A 38 2.76 -6.28 0.62
N CYS A 39 3.69 -6.37 1.57
CA CYS A 39 5.05 -5.90 1.36
C CYS A 39 5.55 -6.27 -0.03
N GLU A 40 6.38 -5.41 -0.60
CA GLU A 40 6.94 -5.65 -1.92
C GLU A 40 8.36 -6.19 -1.83
N ARG A 41 9.00 -5.95 -0.69
CA ARG A 41 10.37 -6.41 -0.47
C ARG A 41 10.38 -7.84 0.05
N CYS A 42 9.73 -8.06 1.18
CA CYS A 42 9.68 -9.38 1.78
C CYS A 42 8.47 -10.17 1.27
N SER A 43 7.37 -9.46 1.01
CA SER A 43 6.15 -10.08 0.51
C SER A 43 5.49 -10.93 1.61
N LYS A 44 5.35 -10.34 2.78
CA LYS A 44 4.73 -11.04 3.91
C LYS A 44 3.49 -10.29 4.39
N THR A 45 2.44 -11.05 4.71
CA THR A 45 1.19 -10.47 5.19
C THR A 45 1.46 -9.28 6.10
N LEU A 46 0.91 -8.12 5.73
CA LEU A 46 1.09 -6.91 6.52
C LEU A 46 -0.14 -6.63 7.37
N THR A 47 -0.05 -5.60 8.21
CA THR A 47 -1.16 -5.23 9.08
C THR A 47 -1.64 -3.81 8.79
N PRO A 48 -2.92 -3.68 8.44
CA PRO A 48 -3.52 -2.38 8.13
C PRO A 48 -3.67 -1.50 9.36
N GLY A 49 -2.61 -0.75 9.67
CA GLY A 49 -2.65 0.13 10.83
C GLY A 49 -1.42 -0.02 11.71
N GLY A 50 -0.26 -0.20 11.07
CA GLY A 50 0.97 -0.35 11.82
C GLY A 50 2.13 -0.81 10.94
N HIS A 51 2.35 -0.09 9.84
CA HIS A 51 3.43 -0.43 8.93
C HIS A 51 4.01 0.83 8.28
N ALA A 52 5.09 0.66 7.54
CA ALA A 52 5.75 1.77 6.87
C ALA A 52 5.39 1.82 5.38
N GLU A 53 5.59 2.98 4.76
CA GLU A 53 5.28 3.14 3.35
C GLU A 53 6.38 3.94 2.65
N HIS A 54 6.67 3.56 1.40
CA HIS A 54 7.70 4.24 0.62
C HIS A 54 7.37 4.22 -0.86
N ASP A 55 7.31 5.39 -1.47
CA ASP A 55 7.00 5.49 -2.90
C ASP A 55 5.65 4.84 -3.21
N GLY A 56 4.73 4.90 -2.24
CA GLY A 56 3.42 4.31 -2.43
C GLY A 56 3.38 2.84 -2.07
N LYS A 57 4.54 2.20 -2.12
CA LYS A 57 4.64 0.78 -1.80
C LYS A 57 4.92 0.57 -0.31
N PRO A 58 4.13 -0.29 0.34
CA PRO A 58 4.27 -0.58 1.76
C PRO A 58 5.53 -1.38 2.06
N PHE A 59 6.06 -1.22 3.27
CA PHE A 59 7.27 -1.93 3.69
C PHE A 59 7.33 -2.05 5.20
N CYS A 60 7.65 -3.26 5.67
CA CYS A 60 7.75 -3.52 7.11
C CYS A 60 8.64 -2.49 7.78
N HIS A 61 8.44 -2.32 9.09
CA HIS A 61 9.23 -1.36 9.87
C HIS A 61 10.72 -1.57 9.63
N LYS A 62 11.14 -2.84 9.62
CA LYS A 62 12.54 -3.17 9.40
C LYS A 62 12.76 -4.68 9.48
N PRO A 63 13.88 -5.16 8.90
CA PRO A 63 14.84 -4.29 8.23
C PRO A 63 14.30 -3.71 6.92
N CYS A 64 13.22 -4.30 6.43
CA CYS A 64 12.60 -3.85 5.19
C CYS A 64 12.82 -2.34 5.00
N TYR A 65 12.06 -1.54 5.73
CA TYR A 65 12.17 -0.08 5.63
C TYR A 65 13.59 0.38 5.96
N ALA A 66 14.10 -0.06 7.11
CA ALA A 66 15.44 0.31 7.53
C ALA A 66 16.40 0.36 6.35
N THR A 67 16.62 -0.79 5.73
CA THR A 67 17.51 -0.87 4.58
C THR A 67 17.16 0.17 3.53
N LEU A 68 15.97 0.05 2.96
CA LEU A 68 15.50 0.98 1.94
C LEU A 68 15.93 2.41 2.27
N PHE A 69 16.00 2.71 3.56
CA PHE A 69 16.40 4.04 4.01
C PHE A 69 17.73 3.99 4.77
N GLY A 70 18.83 4.06 4.02
CA GLY A 70 20.15 4.02 4.63
C GLY A 70 21.20 4.65 3.76
N SER A 71 22.02 5.53 4.36
CA SER A 71 23.07 6.21 3.63
C SER A 71 24.44 5.91 4.25
N GLY A 72 25.08 4.85 3.76
CA GLY A 72 26.39 4.48 4.27
C GLY A 72 27.07 3.43 3.41
N PRO A 73 27.51 2.34 4.04
CA PRO A 73 28.19 1.24 3.34
C PRO A 73 27.25 0.46 2.44
N SER A 74 27.61 0.34 1.17
CA SER A 74 26.80 -0.39 0.21
C SER A 74 26.66 -1.86 0.60
N SER A 75 25.49 -2.43 0.32
CA SER A 75 25.23 -3.83 0.66
C SER A 75 24.32 -4.47 -0.39
N GLY A 76 24.21 -5.79 -0.34
CA GLY A 76 23.38 -6.51 -1.28
C GLY A 76 23.65 -6.11 -2.72
N GLY A 1 -12.89 -2.30 -26.86
CA GLY A 1 -13.87 -2.85 -25.95
C GLY A 1 -14.78 -1.79 -25.36
N SER A 2 -15.78 -2.23 -24.59
CA SER A 2 -16.72 -1.30 -23.97
C SER A 2 -16.79 -1.52 -22.46
N SER A 3 -16.26 -0.56 -21.70
CA SER A 3 -16.26 -0.66 -20.25
C SER A 3 -17.17 0.40 -19.64
N GLY A 4 -17.33 0.35 -18.31
CA GLY A 4 -18.18 1.30 -17.63
C GLY A 4 -17.70 1.60 -16.23
N SER A 5 -16.40 1.85 -16.09
CA SER A 5 -15.82 2.16 -14.78
C SER A 5 -15.45 3.63 -14.68
N SER A 6 -14.99 4.03 -13.50
CA SER A 6 -14.60 5.42 -13.27
C SER A 6 -13.80 5.55 -11.98
N GLY A 7 -13.10 6.67 -11.83
CA GLY A 7 -12.29 6.90 -10.65
C GLY A 7 -12.93 7.91 -9.70
N MET A 8 -14.02 7.53 -9.08
CA MET A 8 -14.73 8.41 -8.15
C MET A 8 -14.38 8.06 -6.70
N ALA A 9 -14.54 6.78 -6.35
CA ALA A 9 -14.24 6.32 -4.99
C ALA A 9 -12.74 6.40 -4.71
N SER A 10 -12.36 6.03 -3.49
CA SER A 10 -10.96 6.06 -3.09
C SER A 10 -10.12 5.08 -3.92
N LYS A 11 -9.06 5.59 -4.52
CA LYS A 11 -8.18 4.76 -5.34
C LYS A 11 -7.21 3.96 -4.46
N CYS A 12 -6.43 3.10 -5.09
CA CYS A 12 -5.45 2.28 -4.37
C CYS A 12 -4.03 2.61 -4.82
N PRO A 13 -3.17 2.96 -3.84
CA PRO A 13 -1.78 3.30 -4.11
C PRO A 13 -0.95 2.09 -4.54
N LYS A 14 -1.62 0.96 -4.71
CA LYS A 14 -0.96 -0.27 -5.12
C LYS A 14 -1.28 -0.61 -6.57
N CYS A 15 -2.57 -0.60 -6.91
CA CYS A 15 -3.00 -0.90 -8.26
C CYS A 15 -3.84 0.25 -8.83
N ASP A 16 -3.70 1.43 -8.24
CA ASP A 16 -4.45 2.60 -8.68
C ASP A 16 -5.84 2.20 -9.17
N LYS A 17 -6.57 1.48 -8.33
CA LYS A 17 -7.92 1.04 -8.68
C LYS A 17 -8.95 1.67 -7.74
N THR A 18 -10.16 1.85 -8.24
CA THR A 18 -11.24 2.44 -7.47
C THR A 18 -11.72 1.48 -6.37
N VAL A 19 -11.09 1.56 -5.20
CA VAL A 19 -11.45 0.71 -4.07
C VAL A 19 -12.87 1.01 -3.59
N TYR A 20 -13.66 -0.04 -3.41
CA TYR A 20 -15.03 0.11 -2.94
C TYR A 20 -15.14 -0.17 -1.45
N PHE A 21 -16.20 0.33 -0.83
CA PHE A 21 -16.42 0.13 0.59
C PHE A 21 -16.44 -1.35 0.94
N ALA A 22 -16.68 -2.18 -0.06
CA ALA A 22 -16.71 -3.63 0.15
C ALA A 22 -15.43 -4.11 0.81
N GLU A 23 -14.29 -3.74 0.23
CA GLU A 23 -12.99 -4.15 0.77
C GLU A 23 -12.14 -2.93 1.11
N LYS A 24 -12.80 -1.77 1.24
CA LYS A 24 -12.10 -0.54 1.57
C LYS A 24 -11.49 -0.61 2.96
N VAL A 25 -10.19 -0.89 3.02
CA VAL A 25 -9.48 -0.98 4.30
C VAL A 25 -8.64 0.27 4.54
N SER A 26 -8.94 0.97 5.63
CA SER A 26 -8.21 2.18 5.97
C SER A 26 -6.83 1.84 6.54
N SER A 27 -5.80 2.16 5.77
CA SER A 27 -4.42 1.89 6.19
C SER A 27 -3.55 3.12 6.00
N LEU A 28 -3.15 3.73 7.12
CA LEU A 28 -2.31 4.92 7.10
C LEU A 28 -3.02 6.07 6.38
N GLY A 29 -4.35 6.07 6.46
CA GLY A 29 -5.12 7.12 5.82
C GLY A 29 -5.45 6.80 4.38
N LYS A 30 -4.70 5.88 3.79
CA LYS A 30 -4.92 5.48 2.40
C LYS A 30 -5.74 4.20 2.33
N ASP A 31 -6.58 4.09 1.31
CA ASP A 31 -7.41 2.91 1.12
C ASP A 31 -6.75 1.91 0.19
N TRP A 32 -6.46 0.72 0.71
CA TRP A 32 -5.82 -0.32 -0.08
C TRP A 32 -6.73 -1.54 -0.21
N HIS A 33 -6.19 -2.61 -0.79
CA HIS A 33 -6.96 -3.84 -0.97
C HIS A 33 -6.42 -4.95 -0.07
N LYS A 34 -7.31 -5.60 0.67
CA LYS A 34 -6.93 -6.68 1.56
C LYS A 34 -5.90 -7.60 0.90
N PHE A 35 -5.94 -7.66 -0.43
CA PHE A 35 -5.01 -8.49 -1.18
C PHE A 35 -3.75 -7.73 -1.53
N CYS A 36 -3.89 -6.41 -1.70
CA CYS A 36 -2.76 -5.56 -2.05
C CYS A 36 -1.84 -5.37 -0.84
N LEU A 37 -2.44 -5.12 0.32
CA LEU A 37 -1.67 -4.92 1.55
C LEU A 37 -0.62 -6.00 1.72
N LYS A 38 0.55 -5.77 1.15
CA LYS A 38 1.65 -6.72 1.24
C LYS A 38 3.00 -6.04 1.03
N CYS A 39 4.06 -6.62 1.59
CA CYS A 39 5.39 -6.06 1.46
C CYS A 39 6.01 -6.43 0.11
N GLU A 40 6.29 -5.41 -0.70
CA GLU A 40 6.88 -5.64 -2.02
C GLU A 40 8.34 -6.05 -1.89
N ARG A 41 8.81 -6.21 -0.66
CA ARG A 41 10.19 -6.60 -0.41
C ARG A 41 10.27 -8.06 -0.01
N CYS A 42 9.52 -8.44 1.03
CA CYS A 42 9.51 -9.81 1.51
C CYS A 42 8.17 -10.47 1.22
N SER A 43 7.43 -9.91 0.27
CA SER A 43 6.13 -10.45 -0.11
C SER A 43 5.42 -11.07 1.11
N LYS A 44 5.37 -10.30 2.20
CA LYS A 44 4.73 -10.77 3.42
C LYS A 44 3.60 -9.82 3.84
N THR A 45 2.39 -10.34 3.91
CA THR A 45 1.23 -9.55 4.30
C THR A 45 1.58 -8.58 5.42
N LEU A 46 0.86 -7.47 5.48
CA LEU A 46 1.09 -6.46 6.51
C LEU A 46 -0.18 -6.17 7.29
N THR A 47 -0.06 -5.35 8.33
CA THR A 47 -1.21 -5.00 9.17
C THR A 47 -1.75 -3.63 8.78
N PRO A 48 -3.05 -3.59 8.44
CA PRO A 48 -3.72 -2.34 8.04
C PRO A 48 -3.90 -1.39 9.22
N GLY A 49 -2.90 -0.53 9.45
CA GLY A 49 -2.96 0.42 10.53
C GLY A 49 -1.78 0.31 11.47
N GLY A 50 -0.63 -0.07 10.93
CA GLY A 50 0.58 -0.20 11.73
C GLY A 50 1.76 -0.71 10.93
N HIS A 51 2.20 0.07 9.96
CA HIS A 51 3.32 -0.30 9.12
C HIS A 51 3.98 0.93 8.50
N ALA A 52 4.99 0.70 7.66
CA ALA A 52 5.70 1.79 7.01
C ALA A 52 5.38 1.84 5.52
N GLU A 53 5.67 2.98 4.89
CA GLU A 53 5.41 3.14 3.47
C GLU A 53 6.52 3.96 2.81
N HIS A 54 6.77 3.68 1.53
CA HIS A 54 7.80 4.39 0.78
C HIS A 54 7.45 4.46 -0.71
N ASP A 55 7.38 5.68 -1.24
CA ASP A 55 7.05 5.88 -2.63
C ASP A 55 5.71 5.24 -2.98
N GLY A 56 4.83 5.14 -1.99
CA GLY A 56 3.53 4.55 -2.20
C GLY A 56 3.52 3.05 -1.94
N LYS A 57 4.70 2.45 -1.92
CA LYS A 57 4.83 1.02 -1.67
C LYS A 57 5.10 0.74 -0.19
N PRO A 58 4.29 -0.14 0.40
CA PRO A 58 4.43 -0.51 1.81
C PRO A 58 5.69 -1.34 2.08
N PHE A 59 6.14 -1.33 3.32
CA PHE A 59 7.34 -2.08 3.71
C PHE A 59 7.41 -2.26 5.22
N CYS A 60 7.78 -3.45 5.65
CA CYS A 60 7.89 -3.77 7.07
C CYS A 60 8.75 -2.72 7.79
N HIS A 61 8.58 -2.64 9.11
CA HIS A 61 9.33 -1.68 9.92
C HIS A 61 10.83 -1.84 9.66
N LYS A 62 11.31 -3.07 9.66
CA LYS A 62 12.73 -3.35 9.43
C LYS A 62 13.01 -4.84 9.51
N PRO A 63 14.16 -5.27 8.95
CA PRO A 63 15.10 -4.35 8.30
C PRO A 63 14.54 -3.80 6.98
N CYS A 64 13.49 -4.43 6.48
CA CYS A 64 12.87 -4.01 5.23
C CYS A 64 13.04 -2.50 5.02
N TYR A 65 12.24 -1.71 5.74
CA TYR A 65 12.31 -0.26 5.62
C TYR A 65 13.72 0.24 5.88
N ALA A 66 14.29 -0.16 7.01
CA ALA A 66 15.65 0.24 7.37
C ALA A 66 16.55 0.29 6.14
N THR A 67 16.74 -0.85 5.51
CA THR A 67 17.59 -0.95 4.33
C THR A 67 17.28 0.18 3.34
N LEU A 68 16.04 0.22 2.88
CA LEU A 68 15.61 1.25 1.94
C LEU A 68 16.09 2.63 2.38
N PHE A 69 16.00 2.90 3.68
CA PHE A 69 16.43 4.18 4.22
C PHE A 69 17.63 4.00 5.16
N GLY A 70 18.82 4.01 4.57
CA GLY A 70 20.03 3.84 5.35
C GLY A 70 20.62 5.16 5.80
N SER A 71 19.87 5.90 6.62
CA SER A 71 20.33 7.19 7.11
C SER A 71 19.74 7.48 8.49
N GLY A 72 20.61 7.56 9.49
CA GLY A 72 20.17 7.84 10.84
C GLY A 72 21.05 7.19 11.89
N PRO A 73 20.91 7.63 13.15
CA PRO A 73 21.70 7.10 14.27
C PRO A 73 21.30 5.66 14.62
N SER A 74 22.08 4.70 14.12
CA SER A 74 21.81 3.30 14.39
C SER A 74 23.05 2.59 14.94
N SER A 75 24.11 2.61 14.14
CA SER A 75 25.37 1.97 14.55
C SER A 75 25.94 2.65 15.78
N GLY A 76 26.52 1.86 16.69
CA GLY A 76 27.10 2.40 17.89
C GLY A 76 27.28 1.36 18.97
N GLY A 1 -26.43 -3.43 -28.76
CA GLY A 1 -26.80 -3.96 -27.46
C GLY A 1 -27.25 -2.87 -26.50
N SER A 2 -26.80 -2.96 -25.26
CA SER A 2 -27.16 -1.97 -24.25
C SER A 2 -26.32 -2.16 -22.98
N SER A 3 -25.62 -1.10 -22.59
CA SER A 3 -24.78 -1.15 -21.39
C SER A 3 -24.82 0.18 -20.64
N GLY A 4 -24.40 0.15 -19.38
CA GLY A 4 -24.40 1.36 -18.58
C GLY A 4 -24.01 1.09 -17.13
N SER A 5 -22.96 1.76 -16.67
CA SER A 5 -22.49 1.59 -15.29
C SER A 5 -21.77 2.83 -14.81
N SER A 6 -22.32 3.47 -13.78
CA SER A 6 -21.72 4.68 -13.23
C SER A 6 -21.21 4.44 -11.81
N GLY A 7 -19.99 3.93 -11.71
CA GLY A 7 -19.40 3.65 -10.41
C GLY A 7 -18.20 4.53 -10.11
N MET A 8 -18.17 5.10 -8.91
CA MET A 8 -17.07 5.97 -8.50
C MET A 8 -16.64 5.67 -7.07
N ALA A 9 -15.35 5.46 -6.88
CA ALA A 9 -14.82 5.18 -5.55
C ALA A 9 -13.36 5.60 -5.44
N SER A 10 -12.77 5.39 -4.26
CA SER A 10 -11.38 5.76 -4.04
C SER A 10 -10.43 4.80 -4.76
N LYS A 11 -9.37 5.35 -5.34
CA LYS A 11 -8.39 4.55 -6.06
C LYS A 11 -7.43 3.87 -5.09
N CYS A 12 -6.62 2.96 -5.62
CA CYS A 12 -5.65 2.23 -4.81
C CYS A 12 -4.22 2.66 -5.15
N PRO A 13 -3.47 3.08 -4.13
CA PRO A 13 -2.08 3.53 -4.30
C PRO A 13 -1.14 2.38 -4.65
N LYS A 14 -1.71 1.19 -4.84
CA LYS A 14 -0.93 0.01 -5.19
C LYS A 14 -1.12 -0.37 -6.65
N CYS A 15 -2.37 -0.48 -7.06
CA CYS A 15 -2.68 -0.84 -8.44
C CYS A 15 -3.55 0.23 -9.10
N ASP A 16 -3.52 1.42 -8.53
CA ASP A 16 -4.30 2.55 -9.05
C ASP A 16 -5.66 2.07 -9.56
N LYS A 17 -6.33 1.25 -8.75
CA LYS A 17 -7.64 0.73 -9.11
C LYS A 17 -8.72 1.30 -8.20
N THR A 18 -9.96 1.33 -8.69
CA THR A 18 -11.08 1.84 -7.92
C THR A 18 -11.48 0.88 -6.83
N VAL A 19 -10.92 1.07 -5.64
CA VAL A 19 -11.22 0.21 -4.49
C VAL A 19 -12.72 0.19 -4.21
N TYR A 20 -13.22 -0.96 -3.77
CA TYR A 20 -14.63 -1.11 -3.46
C TYR A 20 -14.86 -1.11 -1.95
N PHE A 21 -15.76 -0.25 -1.49
CA PHE A 21 -16.07 -0.14 -0.08
C PHE A 21 -16.26 -1.52 0.54
N ALA A 22 -16.60 -2.50 -0.30
CA ALA A 22 -16.81 -3.87 0.16
C ALA A 22 -15.54 -4.44 0.77
N GLU A 23 -14.41 -4.22 0.11
CA GLU A 23 -13.13 -4.72 0.59
C GLU A 23 -12.16 -3.57 0.86
N LYS A 24 -12.71 -2.36 0.98
CA LYS A 24 -11.90 -1.18 1.24
C LYS A 24 -11.34 -1.19 2.66
N VAL A 25 -10.02 -1.32 2.77
CA VAL A 25 -9.36 -1.34 4.07
C VAL A 25 -8.52 -0.09 4.28
N SER A 26 -8.81 0.61 5.38
CA SER A 26 -8.08 1.84 5.71
C SER A 26 -6.66 1.52 6.18
N SER A 27 -5.74 2.43 5.91
CA SER A 27 -4.35 2.25 6.30
C SER A 27 -3.54 3.53 6.07
N LEU A 28 -2.96 4.04 7.14
CA LEU A 28 -2.16 5.26 7.05
C LEU A 28 -2.94 6.38 6.39
N GLY A 29 -4.26 6.41 6.65
CA GLY A 29 -5.10 7.44 6.07
C GLY A 29 -5.28 7.27 4.58
N LYS A 30 -5.46 6.03 4.15
CA LYS A 30 -5.64 5.73 2.72
C LYS A 30 -6.56 4.52 2.54
N ASP A 31 -6.80 4.16 1.29
CA ASP A 31 -7.65 3.02 0.98
C ASP A 31 -6.91 2.02 0.08
N TRP A 32 -6.58 0.86 0.65
CA TRP A 32 -5.87 -0.17 -0.09
C TRP A 32 -6.72 -1.44 -0.19
N HIS A 33 -6.16 -2.47 -0.81
CA HIS A 33 -6.86 -3.74 -0.98
C HIS A 33 -6.42 -4.74 0.09
N LYS A 34 -6.94 -5.96 0.00
CA LYS A 34 -6.60 -7.01 0.94
C LYS A 34 -5.30 -7.71 0.54
N PHE A 35 -5.02 -7.74 -0.75
CA PHE A 35 -3.81 -8.37 -1.27
C PHE A 35 -2.72 -7.33 -1.52
N CYS A 36 -3.14 -6.08 -1.71
CA CYS A 36 -2.20 -5.00 -1.97
C CYS A 36 -1.51 -4.56 -0.68
N LEU A 37 -2.16 -4.81 0.45
CA LEU A 37 -1.61 -4.45 1.75
C LEU A 37 -0.55 -5.45 2.20
N LYS A 38 0.36 -5.78 1.29
CA LYS A 38 1.43 -6.74 1.59
C LYS A 38 2.77 -6.21 1.10
N CYS A 39 3.77 -6.25 1.97
CA CYS A 39 5.12 -5.79 1.63
C CYS A 39 5.45 -6.11 0.18
N GLU A 40 6.25 -5.26 -0.45
CA GLU A 40 6.64 -5.46 -1.84
C GLU A 40 8.03 -6.09 -1.93
N ARG A 41 8.77 -6.05 -0.81
CA ARG A 41 10.11 -6.61 -0.76
C ARG A 41 10.09 -8.01 -0.18
N CYS A 42 9.56 -8.14 1.04
CA CYS A 42 9.48 -9.41 1.72
C CYS A 42 8.22 -10.16 1.32
N SER A 43 7.21 -9.42 0.88
CA SER A 43 5.95 -10.01 0.46
C SER A 43 5.32 -10.80 1.60
N LYS A 44 5.13 -10.14 2.74
CA LYS A 44 4.55 -10.77 3.91
C LYS A 44 3.37 -9.96 4.43
N THR A 45 2.29 -10.65 4.82
CA THR A 45 1.11 -9.98 5.34
C THR A 45 1.48 -8.78 6.18
N LEU A 46 0.66 -7.74 6.12
CA LEU A 46 0.90 -6.51 6.89
C LEU A 46 -0.33 -6.11 7.69
N THR A 47 -0.23 -4.99 8.39
CA THR A 47 -1.35 -4.50 9.19
C THR A 47 -1.82 -3.13 8.70
N PRO A 48 -3.13 -3.01 8.46
CA PRO A 48 -3.73 -1.76 7.98
C PRO A 48 -3.73 -0.67 9.06
N GLY A 49 -3.02 -0.93 10.15
CA GLY A 49 -2.95 0.04 11.23
C GLY A 49 -1.61 0.01 11.94
N GLY A 50 -0.53 0.04 11.18
CA GLY A 50 0.80 0.02 11.76
C GLY A 50 1.84 -0.55 10.81
N HIS A 51 2.48 0.33 10.05
CA HIS A 51 3.50 -0.08 9.10
C HIS A 51 4.17 1.12 8.44
N ALA A 52 5.22 0.87 7.69
CA ALA A 52 5.94 1.95 7.01
C ALA A 52 5.56 2.01 5.53
N GLU A 53 5.75 3.17 4.92
CA GLU A 53 5.43 3.36 3.51
C GLU A 53 6.56 4.08 2.78
N HIS A 54 6.93 3.56 1.61
CA HIS A 54 8.00 4.15 0.82
C HIS A 54 7.63 4.16 -0.66
N ASP A 55 7.50 5.36 -1.23
CA ASP A 55 7.16 5.50 -2.64
C ASP A 55 5.78 4.92 -2.92
N GLY A 56 4.89 5.01 -1.95
CA GLY A 56 3.55 4.49 -2.11
C GLY A 56 3.44 3.03 -1.74
N LYS A 57 4.56 2.31 -1.84
CA LYS A 57 4.59 0.89 -1.51
C LYS A 57 4.92 0.68 -0.04
N PRO A 58 4.13 -0.16 0.64
CA PRO A 58 4.33 -0.47 2.05
C PRO A 58 5.58 -1.31 2.29
N PHE A 59 6.17 -1.15 3.48
CA PHE A 59 7.37 -1.89 3.83
C PHE A 59 7.53 -1.98 5.35
N CYS A 60 7.95 -3.16 5.82
CA CYS A 60 8.14 -3.37 7.25
C CYS A 60 9.11 -2.36 7.83
N HIS A 61 9.02 -2.13 9.14
CA HIS A 61 9.90 -1.18 9.81
C HIS A 61 11.36 -1.47 9.49
N LYS A 62 11.71 -2.75 9.45
CA LYS A 62 13.08 -3.15 9.15
C LYS A 62 13.23 -4.67 9.22
N PRO A 63 14.26 -5.21 8.56
CA PRO A 63 15.22 -4.39 7.79
C PRO A 63 14.58 -3.80 6.54
N CYS A 64 13.46 -4.36 6.12
CA CYS A 64 12.76 -3.88 4.93
C CYS A 64 12.99 -2.39 4.72
N TYR A 65 12.30 -1.57 5.52
CA TYR A 65 12.43 -0.13 5.42
C TYR A 65 13.85 0.31 5.74
N ALA A 66 14.31 -0.01 6.94
CA ALA A 66 15.65 0.36 7.37
C ALA A 66 16.65 0.28 6.21
N THR A 67 16.86 -0.93 5.71
CA THR A 67 17.78 -1.15 4.60
C THR A 67 17.50 -0.17 3.46
N LEU A 68 16.26 -0.11 3.03
CA LEU A 68 15.87 0.78 1.93
C LEU A 68 16.36 2.19 2.20
N PHE A 69 16.31 2.61 3.46
CA PHE A 69 16.75 3.95 3.84
C PHE A 69 18.00 3.87 4.73
N GLY A 70 18.92 3.00 4.35
CA GLY A 70 20.15 2.86 5.12
C GLY A 70 21.33 2.48 4.25
N SER A 71 21.68 3.36 3.30
CA SER A 71 22.79 3.11 2.40
C SER A 71 23.45 4.42 1.98
N GLY A 72 24.60 4.31 1.32
CA GLY A 72 25.31 5.49 0.86
C GLY A 72 25.93 6.27 2.01
N PRO A 73 27.19 5.96 2.32
CA PRO A 73 27.92 6.62 3.40
C PRO A 73 28.26 8.08 3.07
N SER A 74 28.68 8.32 1.83
CA SER A 74 29.04 9.66 1.40
C SER A 74 27.98 10.22 0.46
N SER A 75 27.72 11.52 0.57
CA SER A 75 26.73 12.18 -0.27
C SER A 75 27.39 13.03 -1.35
N GLY A 76 27.81 12.39 -2.43
CA GLY A 76 28.46 13.10 -3.52
C GLY A 76 29.30 12.18 -4.39
#